data_1KU5
# 
_entry.id   1KU5 
# 
_audit_conform.dict_name       mmcif_pdbx.dic 
_audit_conform.dict_version    5.380 
_audit_conform.dict_location   http://mmcif.pdb.org/dictionaries/ascii/mmcif_pdbx.dic 
# 
loop_
_database_2.database_id 
_database_2.database_code 
_database_2.pdbx_database_accession 
_database_2.pdbx_DOI 
PDB   1KU5         pdb_00001ku5 10.2210/pdb1ku5/pdb 
RCSB  RCSB015348   ?            ?                   
WWPDB D_1000015348 ?            ?                   
# 
_pdbx_database_status.status_code                     REL 
_pdbx_database_status.entry_id                        1KU5 
_pdbx_database_status.recvd_initial_deposition_date   2002-01-21 
_pdbx_database_status.deposit_site                    RCSB 
_pdbx_database_status.process_site                    PDBJ 
_pdbx_database_status.status_code_sf                  REL 
_pdbx_database_status.SG_entry                        . 
_pdbx_database_status.pdb_format_compatible           Y 
_pdbx_database_status.status_code_mr                  ? 
_pdbx_database_status.status_code_cs                  ? 
_pdbx_database_status.status_code_nmr_data            ? 
_pdbx_database_status.methods_development_category    ? 
# 
loop_
_audit_author.name 
_audit_author.pdbx_ordinal 
'Li, T.'   1 
'Sun, F.'  2 
'Ji, X.'   3 
'Feng, Y.' 4 
'Rao, Z.'  5 
# 
loop_
_citation.id 
_citation.title 
_citation.journal_abbrev 
_citation.journal_volume 
_citation.page_first 
_citation.page_last 
_citation.year 
_citation.journal_id_ASTM 
_citation.country 
_citation.journal_id_ISSN 
_citation.journal_id_CSD 
_citation.book_publisher 
_citation.pdbx_database_id_PubMed 
_citation.pdbx_database_id_DOI 
primary 'Structure based hyperthermostability of archaeal histone HPhA from Pyrococcus horikoshii' J.MOL.BIOL.                325 
1031 1037 2003 JMOBAK UK 0022-2836 0070 ? 12527306 '10.1016/S0022-2836(02)01285-8' 
1       
;Crystallization and preliminary X-ray analysis of recombinant histone HPhA 
from the hyperthermophilic archaeon Pyrococcus horikoshii OT3
;
'ACTA CRYSTALLOGR.,SECT.D' 58  870  871  2002 ABCRE6 DK 0907-4449 0766 ? ?        10.1107/S0907444902005036       
# 
loop_
_citation_author.citation_id 
_citation_author.name 
_citation_author.ordinal 
_citation_author.identifier_ORCID 
primary 'Li, T.'   1  ? 
primary 'Sun, F.'  2  ? 
primary 'Ji, X.'   3  ? 
primary 'Feng, Y.' 4  ? 
primary 'Rao, Z.'  5  ? 
1       'Li, T.'   6  ? 
1       'Ji, X.'   7  ? 
1       'Sun, F.'  8  ? 
1       'Gao, R.'  9  ? 
1       'Cao, S.'  10 ? 
1       'Feng, Y.' 11 ? 
1       'Rao, Z.'  12 ? 
# 
_cell.entry_id           1KU5 
_cell.length_a           34.993 
_cell.length_b           46.887 
_cell.length_c           35.023 
_cell.angle_alpha        90.00 
_cell.angle_beta         103.94 
_cell.angle_gamma        90.00 
_cell.Z_PDB              4 
_cell.pdbx_unique_axis   ? 
# 
_symmetry.entry_id                         1KU5 
_symmetry.space_group_name_H-M             'P 1 21 1' 
_symmetry.pdbx_full_space_group_name_H-M   ? 
_symmetry.cell_setting                     ? 
_symmetry.Int_Tables_number                4 
# 
loop_
_entity.id 
_entity.type 
_entity.src_method 
_entity.pdbx_description 
_entity.formula_weight 
_entity.pdbx_number_of_molecules 
_entity.pdbx_ec 
_entity.pdbx_mutation 
_entity.pdbx_fragment 
_entity.details 
1 polymer     man HPhA          7882.312 2  ? ? ? ? 
2 non-polymer syn 'ACETATE ION' 59.044   3  ? ? ? ? 
3 non-polymer syn 'SULFATE ION' 96.063   1  ? ? ? ? 
4 water       nat water         18.015   36 ? ? ? ? 
# 
_entity_name_com.entity_id   1 
_entity_name_com.name        'archaeal histone' 
# 
_entity_poly.entity_id                      1 
_entity_poly.type                           'polypeptide(L)' 
_entity_poly.nstd_linkage                   no 
_entity_poly.nstd_monomer                   no 
_entity_poly.pdbx_seq_one_letter_code       MWMMGELPIAPVDRLIRKAGAERVSEQAAKVLAEYLEEYAIEIAKKAVEFARHAGRKTVKVEDIKLAIKS 
_entity_poly.pdbx_seq_one_letter_code_can   MWMMGELPIAPVDRLIRKAGAERVSEQAAKVLAEYLEEYAIEIAKKAVEFARHAGRKTVKVEDIKLAIKS 
_entity_poly.pdbx_strand_id                 A,B 
_entity_poly.pdbx_target_identifier         ? 
# 
loop_
_entity_poly_seq.entity_id 
_entity_poly_seq.num 
_entity_poly_seq.mon_id 
_entity_poly_seq.hetero 
1 1  MET n 
1 2  TRP n 
1 3  MET n 
1 4  MET n 
1 5  GLY n 
1 6  GLU n 
1 7  LEU n 
1 8  PRO n 
1 9  ILE n 
1 10 ALA n 
1 11 PRO n 
1 12 VAL n 
1 13 ASP n 
1 14 ARG n 
1 15 LEU n 
1 16 ILE n 
1 17 ARG n 
1 18 LYS n 
1 19 ALA n 
1 20 GLY n 
1 21 ALA n 
1 22 GLU n 
1 23 ARG n 
1 24 VAL n 
1 25 SER n 
1 26 GLU n 
1 27 GLN n 
1 28 ALA n 
1 29 ALA n 
1 30 LYS n 
1 31 VAL n 
1 32 LEU n 
1 33 ALA n 
1 34 GLU n 
1 35 TYR n 
1 36 LEU n 
1 37 GLU n 
1 38 GLU n 
1 39 TYR n 
1 40 ALA n 
1 41 ILE n 
1 42 GLU n 
1 43 ILE n 
1 44 ALA n 
1 45 LYS n 
1 46 LYS n 
1 47 ALA n 
1 48 VAL n 
1 49 GLU n 
1 50 PHE n 
1 51 ALA n 
1 52 ARG n 
1 53 HIS n 
1 54 ALA n 
1 55 GLY n 
1 56 ARG n 
1 57 LYS n 
1 58 THR n 
1 59 VAL n 
1 60 LYS n 
1 61 VAL n 
1 62 GLU n 
1 63 ASP n 
1 64 ILE n 
1 65 LYS n 
1 66 LEU n 
1 67 ALA n 
1 68 ILE n 
1 69 LYS n 
1 70 SER n 
# 
_entity_src_gen.entity_id                          1 
_entity_src_gen.pdbx_src_id                        1 
_entity_src_gen.pdbx_alt_source_flag               sample 
_entity_src_gen.pdbx_seq_type                      ? 
_entity_src_gen.pdbx_beg_seq_num                   ? 
_entity_src_gen.pdbx_end_seq_num                   ? 
_entity_src_gen.gene_src_common_name               ? 
_entity_src_gen.gene_src_genus                     Pyrococcus 
_entity_src_gen.pdbx_gene_src_gene                 ? 
_entity_src_gen.gene_src_species                   ? 
_entity_src_gen.gene_src_strain                    ? 
_entity_src_gen.gene_src_tissue                    ? 
_entity_src_gen.gene_src_tissue_fraction           ? 
_entity_src_gen.gene_src_details                   ? 
_entity_src_gen.pdbx_gene_src_fragment             ? 
_entity_src_gen.pdbx_gene_src_scientific_name      'Pyrococcus horikoshii' 
_entity_src_gen.pdbx_gene_src_ncbi_taxonomy_id     53953 
_entity_src_gen.pdbx_gene_src_variant              ? 
_entity_src_gen.pdbx_gene_src_cell_line            ? 
_entity_src_gen.pdbx_gene_src_atcc                 ? 
_entity_src_gen.pdbx_gene_src_organ                ? 
_entity_src_gen.pdbx_gene_src_organelle            ? 
_entity_src_gen.pdbx_gene_src_cell                 ? 
_entity_src_gen.pdbx_gene_src_cellular_location    ? 
_entity_src_gen.host_org_common_name               ? 
_entity_src_gen.pdbx_host_org_scientific_name      'Escherichia coli BL21(DE3)' 
_entity_src_gen.pdbx_host_org_ncbi_taxonomy_id     469008 
_entity_src_gen.host_org_genus                     Escherichia 
_entity_src_gen.pdbx_host_org_gene                 ? 
_entity_src_gen.pdbx_host_org_organ                ? 
_entity_src_gen.host_org_species                   'Escherichia coli' 
_entity_src_gen.pdbx_host_org_tissue               ? 
_entity_src_gen.pdbx_host_org_tissue_fraction      ? 
_entity_src_gen.pdbx_host_org_strain               'BL21(DE3)' 
_entity_src_gen.pdbx_host_org_variant              ? 
_entity_src_gen.pdbx_host_org_cell_line            ? 
_entity_src_gen.pdbx_host_org_atcc                 ? 
_entity_src_gen.pdbx_host_org_culture_collection   ? 
_entity_src_gen.pdbx_host_org_cell                 ? 
_entity_src_gen.pdbx_host_org_organelle            ? 
_entity_src_gen.pdbx_host_org_cellular_location    ? 
_entity_src_gen.pdbx_host_org_vector_type          plasmid 
_entity_src_gen.pdbx_host_org_vector               ? 
_entity_src_gen.host_org_details                   ? 
_entity_src_gen.expression_system_id               ? 
_entity_src_gen.plasmid_name                       pET11a 
_entity_src_gen.plasmid_details                    ? 
_entity_src_gen.pdbx_description                   ? 
# 
_struct_ref.id                         1 
_struct_ref.db_name                    UNP 
_struct_ref.db_code                    HARA_PYRHO 
_struct_ref.entity_id                  1 
_struct_ref.pdbx_seq_one_letter_code   MWMMGELPIAPVDRLIRKAGAERVSEQAAKVLAEYLEEYAIEIAKKAVEFARHAGRKTVKVEDIKLAIKS 
_struct_ref.pdbx_align_begin           ? 
_struct_ref.pdbx_db_accession          O74098 
_struct_ref.pdbx_db_isoform            ? 
# 
loop_
_struct_ref_seq.align_id 
_struct_ref_seq.ref_id 
_struct_ref_seq.pdbx_PDB_id_code 
_struct_ref_seq.pdbx_strand_id 
_struct_ref_seq.seq_align_beg 
_struct_ref_seq.pdbx_seq_align_beg_ins_code 
_struct_ref_seq.seq_align_end 
_struct_ref_seq.pdbx_seq_align_end_ins_code 
_struct_ref_seq.pdbx_db_accession 
_struct_ref_seq.db_align_beg 
_struct_ref_seq.pdbx_db_align_beg_ins_code 
_struct_ref_seq.db_align_end 
_struct_ref_seq.pdbx_db_align_end_ins_code 
_struct_ref_seq.pdbx_auth_seq_align_beg 
_struct_ref_seq.pdbx_auth_seq_align_end 
1 1 1KU5 A 1 ? 70 ? O74098 1 ? 70 ? -2 67 
2 1 1KU5 B 1 ? 70 ? O74098 1 ? 70 ? -2 67 
# 
loop_
_chem_comp.id 
_chem_comp.type 
_chem_comp.mon_nstd_flag 
_chem_comp.name 
_chem_comp.pdbx_synonyms 
_chem_comp.formula 
_chem_comp.formula_weight 
ACT non-polymer         . 'ACETATE ION'   ? 'C2 H3 O2 -1'    59.044  
ALA 'L-peptide linking' y ALANINE         ? 'C3 H7 N O2'     89.093  
ARG 'L-peptide linking' y ARGININE        ? 'C6 H15 N4 O2 1' 175.209 
ASP 'L-peptide linking' y 'ASPARTIC ACID' ? 'C4 H7 N O4'     133.103 
GLN 'L-peptide linking' y GLUTAMINE       ? 'C5 H10 N2 O3'   146.144 
GLU 'L-peptide linking' y 'GLUTAMIC ACID' ? 'C5 H9 N O4'     147.129 
GLY 'peptide linking'   y GLYCINE         ? 'C2 H5 N O2'     75.067  
HIS 'L-peptide linking' y HISTIDINE       ? 'C6 H10 N3 O2 1' 156.162 
HOH non-polymer         . WATER           ? 'H2 O'           18.015  
ILE 'L-peptide linking' y ISOLEUCINE      ? 'C6 H13 N O2'    131.173 
LEU 'L-peptide linking' y LEUCINE         ? 'C6 H13 N O2'    131.173 
LYS 'L-peptide linking' y LYSINE          ? 'C6 H15 N2 O2 1' 147.195 
MET 'L-peptide linking' y METHIONINE      ? 'C5 H11 N O2 S'  149.211 
PHE 'L-peptide linking' y PHENYLALANINE   ? 'C9 H11 N O2'    165.189 
PRO 'L-peptide linking' y PROLINE         ? 'C5 H9 N O2'     115.130 
SER 'L-peptide linking' y SERINE          ? 'C3 H7 N O3'     105.093 
SO4 non-polymer         . 'SULFATE ION'   ? 'O4 S -2'        96.063  
THR 'L-peptide linking' y THREONINE       ? 'C4 H9 N O3'     119.119 
TRP 'L-peptide linking' y TRYPTOPHAN      ? 'C11 H12 N2 O2'  204.225 
TYR 'L-peptide linking' y TYROSINE        ? 'C9 H11 N O3'    181.189 
VAL 'L-peptide linking' y VALINE          ? 'C5 H11 N O2'    117.146 
# 
_exptl.entry_id          1KU5 
_exptl.method            'X-RAY DIFFRACTION' 
_exptl.crystals_number   1 
# 
_exptl_crystal.id                    1 
_exptl_crystal.density_meas          ? 
_exptl_crystal.density_percent_sol   29.6 
_exptl_crystal.density_Matthews      1.58 
_exptl_crystal.description           ? 
# 
_exptl_crystal_grow.crystal_id      1 
_exptl_crystal_grow.method          'VAPOR DIFFUSION, HANGING DROP' 
_exptl_crystal_grow.temp            291 
_exptl_crystal_grow.temp_details    ? 
_exptl_crystal_grow.pH              4.6 
_exptl_crystal_grow.pdbx_details    
'ammonium sulfate, PEG4000, sodium acetate, pH 4.6, VAPOR DIFFUSION, HANGING DROP, temperature 291K' 
_exptl_crystal_grow.pdbx_pH_range   . 
# 
_diffrn.id                     1 
_diffrn.ambient_temp           100 
_diffrn.ambient_temp_details   ? 
_diffrn.crystal_id             1 
# 
_diffrn_detector.diffrn_id              1 
_diffrn_detector.detector               'IMAGE PLATE' 
_diffrn_detector.type                   MARRESEARCH 
_diffrn_detector.pdbx_collection_date   2001-11-20 
_diffrn_detector.details                'Osmic mirrors' 
# 
_diffrn_radiation.diffrn_id                        1 
_diffrn_radiation.wavelength_id                    1 
_diffrn_radiation.pdbx_monochromatic_or_laue_m_l   M 
_diffrn_radiation.monochromator                    'Ni FILTER' 
_diffrn_radiation.pdbx_diffrn_protocol             'SINGLE WAVELENGTH' 
_diffrn_radiation.pdbx_scattering_type             x-ray 
# 
_diffrn_radiation_wavelength.id           1 
_diffrn_radiation_wavelength.wavelength   1.5418 
_diffrn_radiation_wavelength.wt           1.0 
# 
_diffrn_source.diffrn_id                   1 
_diffrn_source.source                      'ROTATING ANODE' 
_diffrn_source.type                        'RIGAKU RUH3R' 
_diffrn_source.pdbx_synchrotron_site       ? 
_diffrn_source.pdbx_synchrotron_beamline   ? 
_diffrn_source.pdbx_wavelength             ? 
_diffrn_source.pdbx_wavelength_list        1.5418 
# 
_reflns.entry_id                     1KU5 
_reflns.observed_criterion_sigma_I   0 
_reflns.observed_criterion_sigma_F   0 
_reflns.d_resolution_low             100 
_reflns.d_resolution_high            2.3 
_reflns.number_obs                   4932 
_reflns.number_all                   5028 
_reflns.percent_possible_obs         98.1 
_reflns.pdbx_Rmerge_I_obs            0.063 
_reflns.pdbx_Rsym_value              ? 
_reflns.pdbx_netI_over_sigmaI        ? 
_reflns.B_iso_Wilson_estimate        18.46 
_reflns.pdbx_redundancy              7.2 
_reflns.R_free_details               ? 
_reflns.limit_h_max                  ? 
_reflns.limit_h_min                  ? 
_reflns.limit_k_max                  ? 
_reflns.limit_k_min                  ? 
_reflns.limit_l_max                  ? 
_reflns.limit_l_min                  ? 
_reflns.observed_criterion_F_max     ? 
_reflns.observed_criterion_F_min     ? 
_reflns.pdbx_diffrn_id               1 
_reflns.pdbx_ordinal                 1 
# 
_reflns_shell.d_res_high             2.3 
_reflns_shell.d_res_low              2.38 
_reflns_shell.percent_possible_all   88.5 
_reflns_shell.Rmerge_I_obs           0.185 
_reflns_shell.pdbx_Rsym_value        ? 
_reflns_shell.meanI_over_sigI_obs    ? 
_reflns_shell.pdbx_redundancy        5.75 
_reflns_shell.percent_possible_obs   ? 
_reflns_shell.number_unique_all      437 
_reflns_shell.pdbx_diffrn_id         ? 
_reflns_shell.pdbx_ordinal           1 
# 
_refine.entry_id                                 1KU5 
_refine.ls_number_reflns_obs                     4880 
_refine.ls_number_reflns_all                     4960 
_refine.pdbx_ls_sigma_I                          0 
_refine.pdbx_ls_sigma_F                          0 
_refine.pdbx_data_cutoff_high_absF               ? 
_refine.pdbx_data_cutoff_low_absF                ? 
_refine.ls_d_res_low                             15 
_refine.ls_d_res_high                            2.3 
_refine.ls_percent_reflns_obs                    90.6 
_refine.ls_R_factor_obs                          ? 
_refine.ls_R_factor_all                          ? 
_refine.ls_R_factor_R_work                       0.216 
_refine.ls_R_factor_R_free                       0.267 
_refine.ls_R_factor_R_free_error                 ? 
_refine.ls_R_factor_R_free_error_details         ? 
_refine.ls_percent_reflns_R_free                 10 
_refine.ls_number_reflns_R_free                  386 
_refine.ls_number_parameters                     ? 
_refine.ls_number_restraints                     ? 
_refine.occupancy_min                            ? 
_refine.occupancy_max                            ? 
_refine.B_iso_mean                               22.6 
_refine.aniso_B[1][1]                            3.7 
_refine.aniso_B[2][2]                            -5.6 
_refine.aniso_B[3][3]                            1.9 
_refine.aniso_B[1][2]                            0.0 
_refine.aniso_B[1][3]                            2.5 
_refine.aniso_B[2][3]                            0.000 
_refine.solvent_model_details                    ? 
_refine.solvent_model_param_ksol                 ? 
_refine.solvent_model_param_bsol                 ? 
_refine.pdbx_ls_cross_valid_method               ? 
_refine.details                                  ? 
_refine.pdbx_starting_model                      1HTA 
_refine.pdbx_method_to_determine_struct          'MOLECULAR REPLACEMENT' 
_refine.pdbx_isotropic_thermal_model             ? 
_refine.pdbx_stereochemistry_target_values       'Engh & Huber' 
_refine.pdbx_stereochem_target_val_spec_case     ? 
_refine.pdbx_R_Free_selection_details            RANDOM 
_refine.pdbx_overall_ESU_R_Free                  ? 
_refine.overall_SU_B                             ? 
_refine.ls_redundancy_reflns_obs                 ? 
_refine.B_iso_min                                ? 
_refine.B_iso_max                                ? 
_refine.correlation_coeff_Fo_to_Fc               ? 
_refine.overall_SU_R_Cruickshank_DPI             ? 
_refine.overall_SU_R_free                        ? 
_refine.overall_SU_ML                            ? 
_refine.pdbx_overall_ESU_R                       ? 
_refine.pdbx_data_cutoff_high_rms_absF           ? 
_refine.correlation_coeff_Fo_to_Fc_free          ? 
_refine.pdbx_solvent_vdw_probe_radii             ? 
_refine.pdbx_solvent_ion_probe_radii             ? 
_refine.pdbx_solvent_shrinkage_radii             ? 
_refine.pdbx_refine_id                           'X-RAY DIFFRACTION' 
_refine.pdbx_diffrn_id                           1 
_refine.pdbx_TLS_residual_ADP_flag               ? 
_refine.pdbx_overall_phase_error                 ? 
_refine.pdbx_overall_SU_R_free_Cruickshank_DPI   ? 
_refine.pdbx_overall_SU_R_Blow_DPI               ? 
_refine.pdbx_overall_SU_R_free_Blow_DPI          ? 
# 
_refine_analyze.entry_id                        1KU5 
_refine_analyze.Luzzati_coordinate_error_obs    0.268 
_refine_analyze.Luzzati_sigma_a_obs             ? 
_refine_analyze.Luzzati_d_res_low_obs           5.0 
_refine_analyze.Luzzati_coordinate_error_free   0.356 
_refine_analyze.Luzzati_sigma_a_free            ? 
_refine_analyze.Luzzati_d_res_low_free          ? 
_refine_analyze.number_disordered_residues      ? 
_refine_analyze.occupancy_sum_hydrogen          ? 
_refine_analyze.occupancy_sum_non_hydrogen      ? 
_refine_analyze.pdbx_Luzzati_d_res_high_obs     ? 
_refine_analyze.pdbx_refine_id                  'X-RAY DIFFRACTION' 
# 
_refine_hist.pdbx_refine_id                   'X-RAY DIFFRACTION' 
_refine_hist.cycle_id                         LAST 
_refine_hist.pdbx_number_atoms_protein        1028 
_refine_hist.pdbx_number_atoms_nucleic_acid   0 
_refine_hist.pdbx_number_atoms_ligand         17 
_refine_hist.number_atoms_solvent             36 
_refine_hist.number_atoms_total               1081 
_refine_hist.d_res_high                       2.3 
_refine_hist.d_res_low                        15 
# 
loop_
_refine_ls_restr.type 
_refine_ls_restr.dev_ideal 
_refine_ls_restr.dev_ideal_target 
_refine_ls_restr.weight 
_refine_ls_restr.number 
_refine_ls_restr.pdbx_refine_id 
_refine_ls_restr.pdbx_restraint_function 
c_angle_deg        0.98    ? ? ? 'X-RAY DIFFRACTION' ? 
c_improper_angle_d 0.803   ? ? ? 'X-RAY DIFFRACTION' ? 
c_bond_d           0.00619 ? ? ? 'X-RAY DIFFRACTION' ? 
c_dihedral_angle_d 19.3    ? ? ? 'X-RAY DIFFRACTION' ? 
# 
_refine_ls_shell.pdbx_total_number_of_bins_used   ? 
_refine_ls_shell.d_res_high                       2.30 
_refine_ls_shell.d_res_low                        2.38 
_refine_ls_shell.number_reflns_R_work             ? 
_refine_ls_shell.R_factor_R_work                  0.197 
_refine_ls_shell.percent_reflns_obs               88.5 
_refine_ls_shell.R_factor_R_free                  0.225 
_refine_ls_shell.R_factor_R_free_error            ? 
_refine_ls_shell.percent_reflns_R_free            ? 
_refine_ls_shell.number_reflns_R_free             38 
_refine_ls_shell.number_reflns_obs                437 
_refine_ls_shell.redundancy_reflns_obs            ? 
_refine_ls_shell.number_reflns_all                ? 
_refine_ls_shell.pdbx_refine_id                   'X-RAY DIFFRACTION' 
_refine_ls_shell.R_factor_all                     ? 
# 
loop_
_pdbx_xplor_file.serial_no 
_pdbx_xplor_file.param_file 
_pdbx_xplor_file.topol_file 
_pdbx_xplor_file.pdbx_refine_id 
1 protein_rep.param ? 'X-RAY DIFFRACTION' 
2 ion.param         ? 'X-RAY DIFFRACTION' 
3 hac_so4.param     ? 'X-RAY DIFFRACTION' 
4 water.param       ? 'X-RAY DIFFRACTION' 
# 
_struct.entry_id                  1KU5 
_struct.title                     
'Crystal Structure of recombinant histone HPhA from hyperthermophilic archaeon Pyrococcus horikoshii OT3' 
_struct.pdbx_model_details        ? 
_struct.pdbx_CASP_flag            ? 
_struct.pdbx_model_type_details   ? 
# 
_struct_keywords.entry_id        1KU5 
_struct_keywords.pdbx_keywords   'DNA BINDING PROTEIN' 
_struct_keywords.text            'HISTONE FOLD, DNA BINDING PROTEIN' 
# 
loop_
_struct_asym.id 
_struct_asym.pdbx_blank_PDB_chainid_flag 
_struct_asym.pdbx_modified 
_struct_asym.entity_id 
_struct_asym.details 
A N N 1 ? 
B N N 1 ? 
C N N 2 ? 
D N N 2 ? 
E N N 2 ? 
F N N 3 ? 
G N N 4 ? 
H N N 4 ? 
# 
loop_
_struct_conf.conf_type_id 
_struct_conf.id 
_struct_conf.pdbx_PDB_helix_id 
_struct_conf.beg_label_comp_id 
_struct_conf.beg_label_asym_id 
_struct_conf.beg_label_seq_id 
_struct_conf.pdbx_beg_PDB_ins_code 
_struct_conf.end_label_comp_id 
_struct_conf.end_label_asym_id 
_struct_conf.end_label_seq_id 
_struct_conf.pdbx_end_PDB_ins_code 
_struct_conf.beg_auth_comp_id 
_struct_conf.beg_auth_asym_id 
_struct_conf.beg_auth_seq_id 
_struct_conf.end_auth_comp_id 
_struct_conf.end_auth_asym_id 
_struct_conf.end_auth_seq_id 
_struct_conf.pdbx_PDB_helix_class 
_struct_conf.details 
_struct_conf.pdbx_PDB_helix_length 
HELX_P HELX_P1 1 PRO A 8  ? ALA A 19 ? PRO A 5  ALA A 16 1 ? 12 
HELX_P HELX_P2 2 SER A 25 ? HIS A 53 ? SER A 22 HIS A 50 1 ? 29 
HELX_P HELX_P3 3 LYS A 60 ? LYS A 69 ? LYS A 57 LYS A 66 1 ? 10 
HELX_P HELX_P4 4 PRO B 8  ? ALA B 19 ? PRO B 5  ALA B 16 1 ? 12 
HELX_P HELX_P5 5 SER B 25 ? ALA B 54 ? SER B 22 ALA B 51 1 ? 30 
HELX_P HELX_P6 6 LYS B 60 ? LYS B 69 ? LYS B 57 LYS B 66 1 ? 10 
# 
_struct_conf_type.id          HELX_P 
_struct_conf_type.criteria    ? 
_struct_conf_type.reference   ? 
# 
loop_
_struct_sheet.id 
_struct_sheet.type 
_struct_sheet.number_strands 
_struct_sheet.details 
A ? 2 ? 
B ? 2 ? 
# 
loop_
_struct_sheet_order.sheet_id 
_struct_sheet_order.range_id_1 
_struct_sheet_order.range_id_2 
_struct_sheet_order.offset 
_struct_sheet_order.sense 
A 1 2 ? parallel 
B 1 2 ? parallel 
# 
loop_
_struct_sheet_range.sheet_id 
_struct_sheet_range.id 
_struct_sheet_range.beg_label_comp_id 
_struct_sheet_range.beg_label_asym_id 
_struct_sheet_range.beg_label_seq_id 
_struct_sheet_range.pdbx_beg_PDB_ins_code 
_struct_sheet_range.end_label_comp_id 
_struct_sheet_range.end_label_asym_id 
_struct_sheet_range.end_label_seq_id 
_struct_sheet_range.pdbx_end_PDB_ins_code 
_struct_sheet_range.beg_auth_comp_id 
_struct_sheet_range.beg_auth_asym_id 
_struct_sheet_range.beg_auth_seq_id 
_struct_sheet_range.end_auth_comp_id 
_struct_sheet_range.end_auth_asym_id 
_struct_sheet_range.end_auth_seq_id 
A 1 ARG A 23 ? VAL A 24 ? ARG A 20 VAL A 21 
A 2 THR B 58 ? VAL B 59 ? THR B 55 VAL B 56 
B 1 THR A 58 ? VAL A 59 ? THR A 55 VAL A 56 
B 2 ARG B 23 ? VAL B 24 ? ARG B 20 VAL B 21 
# 
loop_
_pdbx_struct_sheet_hbond.sheet_id 
_pdbx_struct_sheet_hbond.range_id_1 
_pdbx_struct_sheet_hbond.range_id_2 
_pdbx_struct_sheet_hbond.range_1_label_atom_id 
_pdbx_struct_sheet_hbond.range_1_label_comp_id 
_pdbx_struct_sheet_hbond.range_1_label_asym_id 
_pdbx_struct_sheet_hbond.range_1_label_seq_id 
_pdbx_struct_sheet_hbond.range_1_PDB_ins_code 
_pdbx_struct_sheet_hbond.range_1_auth_atom_id 
_pdbx_struct_sheet_hbond.range_1_auth_comp_id 
_pdbx_struct_sheet_hbond.range_1_auth_asym_id 
_pdbx_struct_sheet_hbond.range_1_auth_seq_id 
_pdbx_struct_sheet_hbond.range_2_label_atom_id 
_pdbx_struct_sheet_hbond.range_2_label_comp_id 
_pdbx_struct_sheet_hbond.range_2_label_asym_id 
_pdbx_struct_sheet_hbond.range_2_label_seq_id 
_pdbx_struct_sheet_hbond.range_2_PDB_ins_code 
_pdbx_struct_sheet_hbond.range_2_auth_atom_id 
_pdbx_struct_sheet_hbond.range_2_auth_comp_id 
_pdbx_struct_sheet_hbond.range_2_auth_asym_id 
_pdbx_struct_sheet_hbond.range_2_auth_seq_id 
A 1 2 N ARG A 23 ? N ARG A 20 O VAL B 59 ? O VAL B 56 
B 1 2 N VAL A 59 ? N VAL A 56 O ARG B 23 ? O ARG B 20 
# 
loop_
_struct_site.id 
_struct_site.pdbx_evidence_code 
_struct_site.pdbx_auth_asym_id 
_struct_site.pdbx_auth_comp_id 
_struct_site.pdbx_auth_seq_id 
_struct_site.pdbx_auth_ins_code 
_struct_site.pdbx_num_residues 
_struct_site.details 
AC1 Software B ACT 101 ? 3 'BINDING SITE FOR RESIDUE ACT B 101' 
AC2 Software A ACT 102 ? 3 'BINDING SITE FOR RESIDUE ACT A 102' 
AC3 Software A ACT 103 ? 4 'BINDING SITE FOR RESIDUE ACT A 103' 
AC4 Software B SO4 201 ? 5 'BINDING SITE FOR RESIDUE SO4 B 201' 
# 
loop_
_struct_site_gen.id 
_struct_site_gen.site_id 
_struct_site_gen.pdbx_num_res 
_struct_site_gen.label_comp_id 
_struct_site_gen.label_asym_id 
_struct_site_gen.label_seq_id 
_struct_site_gen.pdbx_auth_ins_code 
_struct_site_gen.auth_comp_id 
_struct_site_gen.auth_asym_id 
_struct_site_gen.auth_seq_id 
_struct_site_gen.label_atom_id 
_struct_site_gen.label_alt_id 
_struct_site_gen.symmetry 
_struct_site_gen.details 
1  AC1 3 ARG B 56 ? ARG B 53  . ? 1_555 ? 
2  AC1 3 LYS B 57 ? LYS B 54  . ? 1_555 ? 
3  AC1 3 THR B 58 ? THR B 55  . ? 1_555 ? 
4  AC2 3 LYS A 57 ? LYS A 54  . ? 1_555 ? 
5  AC2 3 THR A 58 ? THR A 55  . ? 1_555 ? 
6  AC2 3 ARG B 23 ? ARG B 20  . ? 1_555 ? 
7  AC3 4 LYS A 60 ? LYS A 57  . ? 1_555 ? 
8  AC3 4 VAL A 61 ? VAL A 58  . ? 1_555 ? 
9  AC3 4 HOH G .  ? HOH A 108 . ? 1_555 ? 
10 AC3 4 SER B 25 ? SER B 22  . ? 1_555 ? 
11 AC4 5 SER A 25 ? SER A 22  . ? 1_555 ? 
12 AC4 5 GLN A 27 ? GLN A 24  . ? 1_555 ? 
13 AC4 5 LYS B 60 ? LYS B 57  . ? 1_555 ? 
14 AC4 5 VAL B 61 ? VAL B 58  . ? 1_555 ? 
15 AC4 5 HOH H .  ? HOH B 215 . ? 1_555 ? 
# 
_atom_sites.entry_id                    1KU5 
_atom_sites.fract_transf_matrix[1][1]   0.02845768 
_atom_sites.fract_transf_matrix[1][2]   0.00755307 
_atom_sites.fract_transf_matrix[1][3]   0.00025958 
_atom_sites.fract_transf_matrix[2][1]   -0.00162148 
_atom_sites.fract_transf_matrix[2][2]   0.00680174 
_atom_sites.fract_transf_matrix[2][3]   -0.02014921 
_atom_sites.fract_transf_matrix[3][1]   -0.00015032 
_atom_sites.fract_transf_matrix[3][2]   0.02786966 
_atom_sites.fract_transf_matrix[3][3]   0.00942002 
_atom_sites.fract_transf_vector[1]      0.580113 
_atom_sites.fract_transf_vector[2]      0.484635 
_atom_sites.fract_transf_vector[3]      0.437033 
# 
loop_
_atom_type.symbol 
C 
N 
O 
S 
# 
loop_
_atom_site.group_PDB 
_atom_site.id 
_atom_site.type_symbol 
_atom_site.label_atom_id 
_atom_site.label_alt_id 
_atom_site.label_comp_id 
_atom_site.label_asym_id 
_atom_site.label_entity_id 
_atom_site.label_seq_id 
_atom_site.pdbx_PDB_ins_code 
_atom_site.Cartn_x 
_atom_site.Cartn_y 
_atom_site.Cartn_z 
_atom_site.occupancy 
_atom_site.B_iso_or_equiv 
_atom_site.pdbx_formal_charge 
_atom_site.auth_seq_id 
_atom_site.auth_comp_id 
_atom_site.auth_asym_id 
_atom_site.auth_atom_id 
_atom_site.pdbx_PDB_model_num 
ATOM   1    N N   . GLY A 1 5  ? 4.276   4.447   12.070  1.00 39.92 ? 2   GLY A N   1 
ATOM   2    C CA  . GLY A 1 5  ? 4.536   3.207   11.286  1.00 38.50 ? 2   GLY A CA  1 
ATOM   3    C C   . GLY A 1 5  ? 5.718   3.357   10.350  1.00 38.24 ? 2   GLY A C   1 
ATOM   4    O O   . GLY A 1 5  ? 6.837   3.630   10.783  1.00 39.65 ? 2   GLY A O   1 
ATOM   5    N N   . GLU A 1 6  ? 5.477   3.177   9.059   1.00 36.70 ? 3   GLU A N   1 
ATOM   6    C CA  . GLU A 1 6  ? 6.550   3.291   8.082   1.00 35.38 ? 3   GLU A CA  1 
ATOM   7    C C   . GLU A 1 6  ? 6.141   4.181   6.911   1.00 34.00 ? 3   GLU A C   1 
ATOM   8    O O   . GLU A 1 6  ? 6.820   5.160   6.600   1.00 32.56 ? 3   GLU A O   1 
ATOM   9    C CB  . GLU A 1 6  ? 6.944   1.900   7.575   1.00 35.20 ? 3   GLU A CB  1 
ATOM   10   C CG  . GLU A 1 6  ? 8.211   1.880   6.746   1.00 35.95 ? 3   GLU A CG  1 
ATOM   11   C CD  . GLU A 1 6  ? 9.386   2.532   7.459   1.00 36.55 ? 3   GLU A CD  1 
ATOM   12   O OE1 . GLU A 1 6  ? 9.882   3.560   6.957   1.00 38.11 ? 3   GLU A OE1 1 
ATOM   13   O OE2 . GLU A 1 6  ? 9.812   2.025   8.522   1.00 36.03 ? 3   GLU A OE2 1 
ATOM   14   N N   . LEU A 1 7  ? 5.025   3.841   6.273   1.00 32.51 ? 4   LEU A N   1 
ATOM   15   C CA  . LEU A 1 7  ? 4.537   4.609   5.133   1.00 31.57 ? 4   LEU A CA  1 
ATOM   16   C C   . LEU A 1 7  ? 3.989   5.980   5.535   1.00 30.17 ? 4   LEU A C   1 
ATOM   17   O O   . LEU A 1 7  ? 3.113   6.094   6.389   1.00 29.27 ? 4   LEU A O   1 
ATOM   18   C CB  . LEU A 1 7  ? 3.466   3.810   4.383   1.00 31.90 ? 4   LEU A CB  1 
ATOM   19   C CG  . LEU A 1 7  ? 3.923   2.746   3.364   1.00 33.20 ? 4   LEU A CG  1 
ATOM   20   C CD1 . LEU A 1 7  ? 3.713   3.277   1.960   1.00 33.89 ? 4   LEU A CD1 1 
ATOM   21   C CD2 . LEU A 1 7  ? 5.388   2.372   3.571   1.00 32.52 ? 4   LEU A CD2 1 
ATOM   22   N N   . PRO A 1 8  ? 4.520   7.047   4.929   1.00 28.78 ? 5   PRO A N   1 
ATOM   23   C CA  . PRO A 1 8  ? 4.032   8.383   5.270   1.00 28.39 ? 5   PRO A CA  1 
ATOM   24   C C   . PRO A 1 8  ? 2.522   8.496   5.066   1.00 27.70 ? 5   PRO A C   1 
ATOM   25   O O   . PRO A 1 8  ? 1.926   7.748   4.282   1.00 28.00 ? 5   PRO A O   1 
ATOM   26   C CB  . PRO A 1 8  ? 4.833   9.285   4.334   1.00 27.69 ? 5   PRO A CB  1 
ATOM   27   C CG  . PRO A 1 8  ? 6.145   8.568   4.258   1.00 28.32 ? 5   PRO A CG  1 
ATOM   28   C CD  . PRO A 1 8  ? 5.706   7.129   4.059   1.00 27.89 ? 5   PRO A CD  1 
ATOM   29   N N   . ILE A 1 9  ? 1.916   9.434   5.782   1.00 24.95 ? 6   ILE A N   1 
ATOM   30   C CA  . ILE A 1 9  ? 0.482   9.650   5.716   1.00 23.54 ? 6   ILE A CA  1 
ATOM   31   C C   . ILE A 1 9  ? 0.074   10.584  4.573   1.00 21.87 ? 6   ILE A C   1 
ATOM   32   O O   . ILE A 1 9  ? -0.908  10.333  3.882   1.00 19.98 ? 6   ILE A O   1 
ATOM   33   C CB  . ILE A 1 9  ? -0.027  10.229  7.053   1.00 23.43 ? 6   ILE A CB  1 
ATOM   34   C CG1 . ILE A 1 9  ? 0.288   9.255   8.194   1.00 25.28 ? 6   ILE A CG1 1 
ATOM   35   C CG2 . ILE A 1 9  ? -1.522  10.502  6.979   1.00 23.79 ? 6   ILE A CG2 1 
ATOM   36   C CD1 . ILE A 1 9  ? -0.347  7.876   8.036   1.00 25.50 ? 6   ILE A CD1 1 
ATOM   37   N N   . ALA A 1 10 ? 0.839   11.652  4.381   1.00 20.29 ? 7   ALA A N   1 
ATOM   38   C CA  . ALA A 1 10 ? 0.556   12.640  3.349   1.00 19.82 ? 7   ALA A CA  1 
ATOM   39   C C   . ALA A 1 10 ? 0.360   12.093  1.933   1.00 19.05 ? 7   ALA A C   1 
ATOM   40   O O   . ALA A 1 10 ? -0.586  12.480  1.249   1.00 18.18 ? 7   ALA A O   1 
ATOM   41   C CB  . ALA A 1 10 ? 1.646   13.719  3.344   1.00 18.07 ? 7   ALA A CB  1 
ATOM   42   N N   . PRO A 1 11 ? 1.250   11.194  1.472   1.00 18.38 ? 8   PRO A N   1 
ATOM   43   C CA  . PRO A 1 11 ? 1.080   10.660  0.112   1.00 17.59 ? 8   PRO A CA  1 
ATOM   44   C C   . PRO A 1 11 ? -0.231  9.891   -0.069  1.00 17.20 ? 8   PRO A C   1 
ATOM   45   O O   . PRO A 1 11 ? -0.882  9.996   -1.111  1.00 16.89 ? 8   PRO A O   1 
ATOM   46   C CB  . PRO A 1 11 ? 2.307   9.755   -0.075  1.00 17.65 ? 8   PRO A CB  1 
ATOM   47   C CG  . PRO A 1 11 ? 3.328   10.350  0.879   1.00 20.43 ? 8   PRO A CG  1 
ATOM   48   C CD  . PRO A 1 11 ? 2.490   10.692  2.092   1.00 16.85 ? 8   PRO A CD  1 
ATOM   49   N N   . VAL A 1 12 ? -0.606  9.116   0.948   1.00 14.23 ? 9   VAL A N   1 
ATOM   50   C CA  . VAL A 1 12 ? -1.835  8.329   0.908   1.00 14.26 ? 9   VAL A CA  1 
ATOM   51   C C   . VAL A 1 12 ? -3.042  9.262   0.888   1.00 15.51 ? 9   VAL A C   1 
ATOM   52   O O   . VAL A 1 12 ? -4.001  9.046   0.146   1.00 14.19 ? 9   VAL A O   1 
ATOM   53   C CB  . VAL A 1 12 ? -1.920  7.377   2.136   1.00 13.85 ? 9   VAL A CB  1 
ATOM   54   C CG1 . VAL A 1 12 ? -3.285  6.719   2.216   1.00 14.09 ? 9   VAL A CG1 1 
ATOM   55   C CG2 . VAL A 1 12 ? -0.838  6.307   2.026   1.00 11.77 ? 9   VAL A CG2 1 
ATOM   56   N N   . ASP A 1 13 ? -2.981  10.303  1.715   1.00 15.45 ? 10  ASP A N   1 
ATOM   57   C CA  . ASP A 1 13 ? -4.039  11.297  1.794   1.00 15.48 ? 10  ASP A CA  1 
ATOM   58   C C   . ASP A 1 13 ? -4.246  11.858  0.381   1.00 16.90 ? 10  ASP A C   1 
ATOM   59   O O   . ASP A 1 13 ? -5.382  11.963  -0.107  1.00 12.92 ? 10  ASP A O   1 
ATOM   60   C CB  . ASP A 1 13 ? -3.611  12.417  2.749   1.00 16.44 ? 10  ASP A CB  1 
ATOM   61   C CG  . ASP A 1 13 ? -4.678  13.471  2.933   1.00 17.62 ? 10  ASP A CG  1 
ATOM   62   O OD1 . ASP A 1 13 ? -5.159  14.023  1.916   1.00 18.93 ? 10  ASP A OD1 1 
ATOM   63   O OD2 . ASP A 1 13 ? -5.031  13.753  4.099   1.00 16.97 ? 10  ASP A OD2 1 
ATOM   64   N N   . ARG A 1 14 ? -3.138  12.200  -0.278  1.00 16.48 ? 11  ARG A N   1 
ATOM   65   C CA  . ARG A 1 14 ? -3.203  12.739  -1.634  1.00 19.52 ? 11  ARG A CA  1 
ATOM   66   C C   . ARG A 1 14 ? -3.817  11.732  -2.605  1.00 19.28 ? 11  ARG A C   1 
ATOM   67   O O   . ARG A 1 14 ? -4.543  12.110  -3.523  1.00 19.62 ? 11  ARG A O   1 
ATOM   68   C CB  . ARG A 1 14 ? -1.807  13.148  -2.124  1.00 21.91 ? 11  ARG A CB  1 
ATOM   69   C CG  . ARG A 1 14 ? -1.319  14.506  -1.600  1.00 26.28 ? 11  ARG A CG  1 
ATOM   70   C CD  . ARG A 1 14 ? -0.008  14.938  -2.275  1.00 26.82 ? 11  ARG A CD  1 
ATOM   71   N NE  . ARG A 1 14 ? 1.166   14.288  -1.689  1.00 29.76 ? 11  ARG A NE  1 
ATOM   72   C CZ  . ARG A 1 14 ? 1.650   14.576  -0.481  1.00 28.85 ? 11  ARG A CZ  1 
ATOM   73   N NH1 . ARG A 1 14 ? 1.066   15.504  0.266   1.00 27.17 ? 11  ARG A NH1 1 
ATOM   74   N NH2 . ARG A 1 14 ? 2.712   13.933  -0.015  1.00 27.53 ? 11  ARG A NH2 1 
ATOM   75   N N   . LEU A 1 15 ? -3.528  10.449  -2.400  1.00 18.82 ? 12  LEU A N   1 
ATOM   76   C CA  . LEU A 1 15 ? -4.072  9.403   -3.257  1.00 19.09 ? 12  LEU A CA  1 
ATOM   77   C C   . LEU A 1 15 ? -5.591  9.341   -3.169  1.00 17.64 ? 12  LEU A C   1 
ATOM   78   O O   . LEU A 1 15 ? -6.264  9.031   -4.150  1.00 17.75 ? 12  LEU A O   1 
ATOM   79   C CB  . LEU A 1 15 ? -3.474  8.044   -2.886  1.00 20.08 ? 12  LEU A CB  1 
ATOM   80   C CG  . LEU A 1 15 ? -1.999  7.908   -3.245  1.00 20.80 ? 12  LEU A CG  1 
ATOM   81   C CD1 . LEU A 1 15 ? -1.512  6.494   -2.950  1.00 21.15 ? 12  LEU A CD1 1 
ATOM   82   C CD2 . LEU A 1 15 ? -1.830  8.228   -4.728  1.00 21.06 ? 12  LEU A CD2 1 
ATOM   83   N N   . ILE A 1 16 ? -6.121  9.639   -1.990  1.00 17.29 ? 13  ILE A N   1 
ATOM   84   C CA  . ILE A 1 16 ? -7.558  9.634   -1.775  1.00 18.35 ? 13  ILE A CA  1 
ATOM   85   C C   . ILE A 1 16 ? -8.150  10.822  -2.521  1.00 20.55 ? 13  ILE A C   1 
ATOM   86   O O   . ILE A 1 16 ? -9.206  10.724  -3.138  1.00 19.41 ? 13  ILE A O   1 
ATOM   87   C CB  . ILE A 1 16 ? -7.898  9.782   -0.280  1.00 18.55 ? 13  ILE A CB  1 
ATOM   88   C CG1 . ILE A 1 16 ? -7.324  8.607   0.511   1.00 18.90 ? 13  ILE A CG1 1 
ATOM   89   C CG2 . ILE A 1 16 ? -9.398  9.872   -0.096  1.00 15.12 ? 13  ILE A CG2 1 
ATOM   90   C CD1 . ILE A 1 16 ? -7.920  7.289   0.122   1.00 20.93 ? 13  ILE A CD1 1 
ATOM   91   N N   . ARG A 1 17 ? -7.458  11.954  -2.436  1.00 21.86 ? 14  ARG A N   1 
ATOM   92   C CA  . ARG A 1 17 ? -7.894  13.167  -3.102  1.00 23.33 ? 14  ARG A CA  1 
ATOM   93   C C   . ARG A 1 17 ? -7.883  12.943  -4.617  1.00 22.51 ? 14  ARG A C   1 
ATOM   94   O O   . ARG A 1 17 ? -8.731  13.473  -5.340  1.00 20.28 ? 14  ARG A O   1 
ATOM   95   C CB  . ARG A 1 17 ? -6.972  14.332  -2.723  1.00 25.91 ? 14  ARG A CB  1 
ATOM   96   C CG  . ARG A 1 17 ? -7.319  15.653  -3.416  1.00 30.64 ? 14  ARG A CG  1 
ATOM   97   C CD  . ARG A 1 17 ? -6.509  16.811  -2.838  1.00 34.25 ? 14  ARG A CD  1 
ATOM   98   N NE  . ARG A 1 17 ? -7.313  17.721  -2.030  1.00 36.49 ? 14  ARG A NE  1 
ATOM   99   C CZ  . ARG A 1 17 ? -8.193  17.335  -1.112  1.00 39.75 ? 14  ARG A CZ  1 
ATOM   100  N NH1 . ARG A 1 17 ? -8.409  16.051  -0.869  1.00 40.70 ? 14  ARG A NH1 1 
ATOM   101  N NH2 . ARG A 1 17 ? -8.851  18.240  -0.418  1.00 43.04 ? 14  ARG A NH2 1 
ATOM   102  N N   . LYS A 1 18 ? -6.924  12.152  -5.090  1.00 22.28 ? 15  LYS A N   1 
ATOM   103  C CA  . LYS A 1 18 ? -6.821  11.849  -6.514  1.00 22.69 ? 15  LYS A CA  1 
ATOM   104  C C   . LYS A 1 18 ? -7.921  10.885  -6.932  1.00 22.86 ? 15  LYS A C   1 
ATOM   105  O O   . LYS A 1 18 ? -8.292  10.830  -8.097  1.00 23.35 ? 15  LYS A O   1 
ATOM   106  C CB  . LYS A 1 18 ? -5.469  11.225  -6.844  1.00 22.83 ? 15  LYS A CB  1 
ATOM   107  C CG  . LYS A 1 18 ? -4.461  12.184  -7.444  1.00 25.69 ? 15  LYS A CG  1 
ATOM   108  C CD  . LYS A 1 18 ? -3.251  11.421  -7.973  1.00 29.19 ? 15  LYS A CD  1 
ATOM   109  C CE  . LYS A 1 18 ? -2.298  12.341  -8.724  1.00 32.16 ? 15  LYS A CE  1 
ATOM   110  N NZ  . LYS A 1 18 ? -1.163  11.580  -9.322  1.00 34.99 ? 15  LYS A NZ  1 
ATOM   111  N N   . ALA A 1 19 ? -8.436  10.117  -5.977  1.00 21.67 ? 16  ALA A N   1 
ATOM   112  C CA  . ALA A 1 19 ? -9.499  9.159   -6.263  1.00 20.45 ? 16  ALA A CA  1 
ATOM   113  C C   . ALA A 1 19 ? -10.845 9.879   -6.325  1.00 19.88 ? 16  ALA A C   1 
ATOM   114  O O   . ALA A 1 19 ? -11.875 9.262   -6.591  1.00 20.93 ? 16  ALA A O   1 
ATOM   115  C CB  . ALA A 1 19 ? -9.529  8.063   -5.194  1.00 18.24 ? 16  ALA A CB  1 
ATOM   116  N N   . GLY A 1 20 ? -10.828 11.182  -6.059  1.00 20.77 ? 17  GLY A N   1 
ATOM   117  C CA  . GLY A 1 20 ? -12.050 11.967  -6.115  1.00 19.88 ? 17  GLY A CA  1 
ATOM   118  C C   . GLY A 1 20 ? -12.478 12.703  -4.858  1.00 21.09 ? 17  GLY A C   1 
ATOM   119  O O   . GLY A 1 20 ? -13.370 13.550  -4.907  1.00 22.01 ? 17  GLY A O   1 
ATOM   120  N N   . ALA A 1 21 ? -11.856 12.397  -3.726  1.00 21.33 ? 18  ALA A N   1 
ATOM   121  C CA  . ALA A 1 21 ? -12.226 13.057  -2.480  1.00 21.15 ? 18  ALA A CA  1 
ATOM   122  C C   . ALA A 1 21 ? -11.925 14.555  -2.500  1.00 21.90 ? 18  ALA A C   1 
ATOM   123  O O   . ALA A 1 21 ? -10.875 14.986  -2.990  1.00 21.21 ? 18  ALA A O   1 
ATOM   124  C CB  . ALA A 1 21 ? -11.509 12.394  -1.311  1.00 19.76 ? 18  ALA A CB  1 
ATOM   125  N N   . GLU A 1 22 ? -12.857 15.345  -1.971  1.00 23.47 ? 19  GLU A N   1 
ATOM   126  C CA  . GLU A 1 22 ? -12.681 16.796  -1.903  1.00 24.18 ? 19  GLU A CA  1 
ATOM   127  C C   . GLU A 1 22 ? -11.913 17.068  -0.615  1.00 23.25 ? 19  GLU A C   1 
ATOM   128  O O   . GLU A 1 22 ? -11.027 17.919  -0.575  1.00 21.48 ? 19  GLU A O   1 
ATOM   129  C CB  . GLU A 1 22 ? -14.034 17.512  -1.870  1.00 26.33 ? 19  GLU A CB  1 
ATOM   130  C CG  . GLU A 1 22 ? -14.000 18.902  -2.487  1.00 31.78 ? 19  GLU A CG  1 
ATOM   131  C CD  . GLU A 1 22 ? -15.376 19.542  -2.585  1.00 35.44 ? 19  GLU A CD  1 
ATOM   132  O OE1 . GLU A 1 22 ? -15.836 20.160  -1.596  1.00 35.69 ? 19  GLU A OE1 1 
ATOM   133  O OE2 . GLU A 1 22 ? -16.006 19.412  -3.658  1.00 36.79 ? 19  GLU A OE2 1 
ATOM   134  N N   . ARG A 1 23 ? -12.269 16.335  0.437   1.00 23.22 ? 20  ARG A N   1 
ATOM   135  C CA  . ARG A 1 23 ? -11.585 16.439  1.730   1.00 23.93 ? 20  ARG A CA  1 
ATOM   136  C C   . ARG A 1 23 ? -11.348 15.039  2.299   1.00 22.90 ? 20  ARG A C   1 
ATOM   137  O O   . ARG A 1 23 ? -12.134 14.118  2.047   1.00 21.96 ? 20  ARG A O   1 
ATOM   138  C CB  . ARG A 1 23 ? -12.398 17.276  2.730   1.00 24.81 ? 20  ARG A CB  1 
ATOM   139  C CG  . ARG A 1 23 ? -12.364 18.769  2.447   1.00 27.19 ? 20  ARG A CG  1 
ATOM   140  C CD  . ARG A 1 23 ? -12.870 19.578  3.630   1.00 31.20 ? 20  ARG A CD  1 
ATOM   141  N NE  . ARG A 1 23 ? -14.177 20.189  3.395   1.00 35.48 ? 20  ARG A NE  1 
ATOM   142  C CZ  . ARG A 1 23 ? -14.430 21.109  2.464   1.00 36.95 ? 20  ARG A CZ  1 
ATOM   143  N NH1 . ARG A 1 23 ? -13.468 21.545  1.656   1.00 37.72 ? 20  ARG A NH1 1 
ATOM   144  N NH2 . ARG A 1 23 ? -15.652 21.606  2.345   1.00 38.46 ? 20  ARG A NH2 1 
ATOM   145  N N   . VAL A 1 24 ? -10.257 14.877  3.048   1.00 21.57 ? 21  VAL A N   1 
ATOM   146  C CA  . VAL A 1 24 ? -9.924  13.592  3.653   1.00 18.44 ? 21  VAL A CA  1 
ATOM   147  C C   . VAL A 1 24 ? -9.600  13.800  5.127   1.00 19.35 ? 21  VAL A C   1 
ATOM   148  O O   . VAL A 1 24 ? -8.770  14.644  5.474   1.00 18.88 ? 21  VAL A O   1 
ATOM   149  C CB  . VAL A 1 24 ? -8.690  12.952  2.986   1.00 18.73 ? 21  VAL A CB  1 
ATOM   150  C CG1 . VAL A 1 24 ? -8.489  11.539  3.524   1.00 15.43 ? 21  VAL A CG1 1 
ATOM   151  C CG2 . VAL A 1 24 ? -8.846  12.954  1.463   1.00 15.90 ? 21  VAL A CG2 1 
ATOM   152  N N   . SER A 1 25 ? -10.245 13.031  5.998   1.00 18.23 ? 22  SER A N   1 
ATOM   153  C CA  . SER A 1 25 ? -9.980  13.170  7.422   1.00 18.61 ? 22  SER A CA  1 
ATOM   154  C C   . SER A 1 25 ? -8.577  12.651  7.709   1.00 19.37 ? 22  SER A C   1 
ATOM   155  O O   . SER A 1 25 ? -8.065  11.761  7.006   1.00 18.51 ? 22  SER A O   1 
ATOM   156  C CB  . SER A 1 25 ? -10.991 12.384  8.259   1.00 16.93 ? 22  SER A CB  1 
ATOM   157  O OG  . SER A 1 25 ? -10.534 11.061  8.482   1.00 17.45 ? 22  SER A OG  1 
ATOM   158  N N   . GLU A 1 26 ? -7.955  13.233  8.725   1.00 20.37 ? 23  GLU A N   1 
ATOM   159  C CA  . GLU A 1 26 ? -6.621  12.840  9.138   1.00 23.21 ? 23  GLU A CA  1 
ATOM   160  C C   . GLU A 1 26 ? -6.554  11.347  9.437   1.00 22.37 ? 23  GLU A C   1 
ATOM   161  O O   . GLU A 1 26 ? -5.630  10.652  9.002   1.00 20.10 ? 23  GLU A O   1 
ATOM   162  C CB  . GLU A 1 26 ? -6.229  13.617  10.391  1.00 26.71 ? 23  GLU A CB  1 
ATOM   163  C CG  . GLU A 1 26 ? -5.114  12.957  11.219  1.00 32.72 ? 23  GLU A CG  1 
ATOM   164  C CD  . GLU A 1 26 ? -3.838  12.783  10.433  1.00 37.07 ? 23  GLU A CD  1 
ATOM   165  O OE1 . GLU A 1 26 ? -3.554  13.623  9.538   1.00 38.57 ? 23  GLU A OE1 1 
ATOM   166  O OE2 . GLU A 1 26 ? -3.108  11.816  10.737  1.00 37.28 ? 23  GLU A OE2 1 
ATOM   167  N N   . GLN A 1 27 ? -7.540  10.862  10.181  1.00 22.21 ? 24  GLN A N   1 
ATOM   168  C CA  . GLN A 1 27 ? -7.567  9.463   10.561  1.00 23.55 ? 24  GLN A CA  1 
ATOM   169  C C   . GLN A 1 27 ? -7.834  8.513   9.394   1.00 22.49 ? 24  GLN A C   1 
ATOM   170  O O   . GLN A 1 27 ? -7.336  7.384   9.381   1.00 22.95 ? 24  GLN A O   1 
ATOM   171  C CB  . GLN A 1 27 ? -8.584  9.249   11.687  1.00 26.39 ? 24  GLN A CB  1 
ATOM   172  C CG  . GLN A 1 27 ? -8.377  10.162  12.898  1.00 29.12 ? 24  GLN A CG  1 
ATOM   173  C CD  . GLN A 1 27 ? -6.923  10.197  13.380  1.00 33.91 ? 24  GLN A CD  1 
ATOM   174  O OE1 . GLN A 1 27 ? -6.380  9.193   13.846  1.00 33.85 ? 24  GLN A OE1 1 
ATOM   175  N NE2 . GLN A 1 27 ? -6.287  11.363  13.257  1.00 35.33 ? 24  GLN A NE2 1 
ATOM   176  N N   . ALA A 1 28 ? -8.605  8.964   8.411   1.00 20.77 ? 25  ALA A N   1 
ATOM   177  C CA  . ALA A 1 28 ? -8.887  8.132   7.243   1.00 18.31 ? 25  ALA A CA  1 
ATOM   178  C C   . ALA A 1 28 ? -7.580  7.825   6.490   1.00 17.14 ? 25  ALA A C   1 
ATOM   179  O O   . ALA A 1 28 ? -7.327  6.677   6.122   1.00 17.77 ? 25  ALA A O   1 
ATOM   180  C CB  . ALA A 1 28 ? -9.873  8.843   6.325   1.00 16.66 ? 25  ALA A CB  1 
ATOM   181  N N   . ALA A 1 29 ? -6.765  8.854   6.263   1.00 13.62 ? 26  ALA A N   1 
ATOM   182  C CA  . ALA A 1 29 ? -5.484  8.691   5.576   1.00 14.04 ? 26  ALA A CA  1 
ATOM   183  C C   . ALA A 1 29 ? -4.541  7.789   6.382   1.00 13.05 ? 26  ALA A C   1 
ATOM   184  O O   . ALA A 1 29 ? -3.829  6.944   5.828   1.00 11.52 ? 26  ALA A O   1 
ATOM   185  C CB  . ALA A 1 29 ? -4.827  10.055  5.355   1.00 11.70 ? 26  ALA A CB  1 
ATOM   186  N N   . LYS A 1 30 ? -4.536  7.980   7.694   1.00 12.47 ? 27  LYS A N   1 
ATOM   187  C CA  . LYS A 1 30 ? -3.689  7.182   8.557   1.00 12.79 ? 27  LYS A CA  1 
ATOM   188  C C   . LYS A 1 30 ? -4.100  5.716   8.478   1.00 12.11 ? 27  LYS A C   1 
ATOM   189  O O   . LYS A 1 30 ? -3.256  4.836   8.287   1.00 12.18 ? 27  LYS A O   1 
ATOM   190  C CB  . LYS A 1 30 ? -3.789  7.696   9.994   1.00 13.27 ? 27  LYS A CB  1 
ATOM   191  C CG  . LYS A 1 30 ? -2.976  6.921   11.030  1.00 16.49 ? 27  LYS A CG  1 
ATOM   192  C CD  . LYS A 1 30 ? -2.706  7.801   12.255  1.00 21.65 ? 27  LYS A CD  1 
ATOM   193  C CE  . LYS A 1 30 ? -1.976  7.064   13.391  1.00 25.08 ? 27  LYS A CE  1 
ATOM   194  N NZ  . LYS A 1 30 ? -2.855  6.093   14.118  1.00 26.71 ? 27  LYS A NZ  1 
ATOM   195  N N   . VAL A 1 31 ? -5.398  5.457   8.596   1.00 12.65 ? 28  VAL A N   1 
ATOM   196  C CA  . VAL A 1 31 ? -5.888  4.089   8.556   1.00 14.04 ? 28  VAL A CA  1 
ATOM   197  C C   . VAL A 1 31 ? -5.538  3.386   7.250   1.00 14.47 ? 28  VAL A C   1 
ATOM   198  O O   . VAL A 1 31 ? -5.036  2.259   7.272   1.00 16.26 ? 28  VAL A O   1 
ATOM   199  C CB  . VAL A 1 31 ? -7.411  4.035   8.799   1.00 16.59 ? 28  VAL A CB  1 
ATOM   200  C CG1 . VAL A 1 31 ? -7.926  2.625   8.602   1.00 17.37 ? 28  VAL A CG1 1 
ATOM   201  C CG2 . VAL A 1 31 ? -7.718  4.491   10.228  1.00 17.77 ? 28  VAL A CG2 1 
ATOM   202  N N   . LEU A 1 32 ? -5.776  4.048   6.117   1.00 12.72 ? 29  LEU A N   1 
ATOM   203  C CA  . LEU A 1 32 ? -5.461  3.448   4.829   1.00 12.56 ? 29  LEU A CA  1 
ATOM   204  C C   . LEU A 1 32 ? -3.973  3.124   4.744   1.00 14.94 ? 29  LEU A C   1 
ATOM   205  O O   . LEU A 1 32 ? -3.587  2.029   4.313   1.00 13.53 ? 29  LEU A O   1 
ATOM   206  C CB  . LEU A 1 32 ? -5.856  4.377   3.677   1.00 11.37 ? 29  LEU A CB  1 
ATOM   207  C CG  . LEU A 1 32 ? -5.701  3.771   2.274   1.00 11.64 ? 29  LEU A CG  1 
ATOM   208  C CD1 . LEU A 1 32 ? -6.520  2.492   2.166   1.00 10.50 ? 29  LEU A CD1 1 
ATOM   209  C CD2 . LEU A 1 32 ? -6.153  4.761   1.236   1.00 7.85  ? 29  LEU A CD2 1 
ATOM   210  N N   . ALA A 1 33 ? -3.148  4.078   5.173   1.00 14.35 ? 30  ALA A N   1 
ATOM   211  C CA  . ALA A 1 33 ? -1.700  3.924   5.168   1.00 13.76 ? 30  ALA A CA  1 
ATOM   212  C C   . ALA A 1 33 ? -1.274  2.742   6.025   1.00 14.44 ? 30  ALA A C   1 
ATOM   213  O O   . ALA A 1 33 ? -0.364  1.995   5.647   1.00 11.97 ? 30  ALA A O   1 
ATOM   214  C CB  . ALA A 1 33 ? -1.038  5.197   5.673   1.00 13.91 ? 30  ALA A CB  1 
ATOM   215  N N   . GLU A 1 34 ? -1.930  2.584   7.177   1.00 15.32 ? 31  GLU A N   1 
ATOM   216  C CA  . GLU A 1 34 ? -1.634  1.477   8.083   1.00 17.93 ? 31  GLU A CA  1 
ATOM   217  C C   . GLU A 1 34 ? -2.002  0.164   7.397   1.00 17.00 ? 31  GLU A C   1 
ATOM   218  O O   . GLU A 1 34 ? -1.251  -0.815  7.445   1.00 15.46 ? 31  GLU A O   1 
ATOM   219  C CB  . GLU A 1 34 ? -2.440  1.592   9.379   1.00 21.67 ? 31  GLU A CB  1 
ATOM   220  C CG  . GLU A 1 34 ? -1.599  1.512   10.653  1.00 29.41 ? 31  GLU A CG  1 
ATOM   221  C CD  . GLU A 1 34 ? -0.630  0.334   10.684  1.00 32.10 ? 31  GLU A CD  1 
ATOM   222  O OE1 . GLU A 1 34 ? -1.076  -0.837  10.698  1.00 35.40 ? 31  GLU A OE1 1 
ATOM   223  O OE2 . GLU A 1 34 ? 0.592   0.587   10.697  1.00 34.72 ? 31  GLU A OE2 1 
ATOM   224  N N   . TYR A 1 35 ? -3.167  0.144   6.761   1.00 16.09 ? 32  TYR A N   1 
ATOM   225  C CA  . TYR A 1 35 ? -3.591  -1.064  6.071   1.00 17.79 ? 32  TYR A CA  1 
ATOM   226  C C   . TYR A 1 35 ? -2.635  -1.395  4.921   1.00 16.73 ? 32  TYR A C   1 
ATOM   227  O O   . TYR A 1 35 ? -2.297  -2.553  4.712   1.00 16.28 ? 32  TYR A O   1 
ATOM   228  C CB  . TYR A 1 35 ? -5.024  -0.935  5.535   1.00 18.87 ? 32  TYR A CB  1 
ATOM   229  C CG  . TYR A 1 35 ? -5.372  -2.061  4.587   1.00 23.03 ? 32  TYR A CG  1 
ATOM   230  C CD1 . TYR A 1 35 ? -5.538  -3.366  5.055   1.00 23.41 ? 32  TYR A CD1 1 
ATOM   231  C CD2 . TYR A 1 35 ? -5.403  -1.849  3.207   1.00 22.41 ? 32  TYR A CD2 1 
ATOM   232  C CE1 . TYR A 1 35 ? -5.711  -4.430  4.176   1.00 25.37 ? 32  TYR A CE1 1 
ATOM   233  C CE2 . TYR A 1 35 ? -5.574  -2.908  2.321   1.00 24.21 ? 32  TYR A CE2 1 
ATOM   234  C CZ  . TYR A 1 35 ? -5.720  -4.193  2.808   1.00 25.42 ? 32  TYR A CZ  1 
ATOM   235  O OH  . TYR A 1 35 ? -5.826  -5.239  1.928   1.00 25.76 ? 32  TYR A OH  1 
ATOM   236  N N   . LEU A 1 36 ? -2.199  -0.380  4.184   1.00 17.41 ? 33  LEU A N   1 
ATOM   237  C CA  . LEU A 1 36 ? -1.281  -0.605  3.068   1.00 19.19 ? 33  LEU A CA  1 
ATOM   238  C C   . LEU A 1 36 ? 0.018   -1.185  3.588   1.00 18.41 ? 33  LEU A C   1 
ATOM   239  O O   . LEU A 1 36 ? 0.669   -1.983  2.916   1.00 18.52 ? 33  LEU A O   1 
ATOM   240  C CB  . LEU A 1 36 ? -1.005  0.702   2.322   1.00 19.61 ? 33  LEU A CB  1 
ATOM   241  C CG  . LEU A 1 36 ? -2.211  1.250   1.549   1.00 23.46 ? 33  LEU A CG  1 
ATOM   242  C CD1 . LEU A 1 36 ? -1.844  2.576   0.879   1.00 22.13 ? 33  LEU A CD1 1 
ATOM   243  C CD2 . LEU A 1 36 ? -2.660  0.215   0.519   1.00 20.39 ? 33  LEU A CD2 1 
ATOM   244  N N   . GLU A 1 37 ? 0.376   -0.790  4.805   1.00 17.58 ? 34  GLU A N   1 
ATOM   245  C CA  . GLU A 1 37 ? 1.593   -1.263  5.429   1.00 17.83 ? 34  GLU A CA  1 
ATOM   246  C C   . GLU A 1 37 ? 1.526   -2.759  5.710   1.00 17.79 ? 34  GLU A C   1 
ATOM   247  O O   . GLU A 1 37 ? 2.473   -3.486  5.422   1.00 16.59 ? 34  GLU A O   1 
ATOM   248  C CB  . GLU A 1 37 ? 1.847   -0.500  6.724   1.00 17.46 ? 34  GLU A CB  1 
ATOM   249  C CG  . GLU A 1 37 ? 3.214   -0.765  7.299   1.00 23.40 ? 34  GLU A CG  1 
ATOM   250  C CD  . GLU A 1 37 ? 3.659   0.302   8.271   1.00 24.85 ? 34  GLU A CD  1 
ATOM   251  O OE1 . GLU A 1 37 ? 3.320   1.491   8.049   1.00 27.31 ? 34  GLU A OE1 1 
ATOM   252  O OE2 . GLU A 1 37 ? 4.366   -0.050  9.238   1.00 23.94 ? 34  GLU A OE2 1 
ATOM   253  N N   . GLU A 1 38 ? 0.415   -3.224  6.275   1.00 18.12 ? 35  GLU A N   1 
ATOM   254  C CA  . GLU A 1 38 ? 0.281   -4.647  6.549   1.00 18.82 ? 35  GLU A CA  1 
ATOM   255  C C   . GLU A 1 38 ? 0.123   -5.416  5.236   1.00 17.72 ? 35  GLU A C   1 
ATOM   256  O O   . GLU A 1 38 ? 0.612   -6.540  5.094   1.00 17.29 ? 35  GLU A O   1 
ATOM   257  C CB  . GLU A 1 38 ? -0.907  -4.919  7.484   1.00 20.39 ? 35  GLU A CB  1 
ATOM   258  C CG  . GLU A 1 38 ? -1.344  -6.389  7.542   1.00 26.87 ? 35  GLU A CG  1 
ATOM   259  C CD  . GLU A 1 38 ? -0.179  -7.384  7.664   1.00 29.68 ? 35  GLU A CD  1 
ATOM   260  O OE1 . GLU A 1 38 ? -0.435  -8.607  7.660   1.00 32.15 ? 35  GLU A OE1 1 
ATOM   261  O OE2 . GLU A 1 38 ? 0.989   -6.958  7.762   1.00 35.08 ? 35  GLU A OE2 1 
ATOM   262  N N   . TYR A 1 39 ? -0.543  -4.816  4.262   1.00 17.11 ? 36  TYR A N   1 
ATOM   263  C CA  . TYR A 1 39 ? -0.689  -5.505  2.991   1.00 19.19 ? 36  TYR A CA  1 
ATOM   264  C C   . TYR A 1 39 ? 0.698   -5.675  2.372   1.00 18.46 ? 36  TYR A C   1 
ATOM   265  O O   . TYR A 1 39 ? 1.033   -6.742  1.860   1.00 17.90 ? 36  TYR A O   1 
ATOM   266  C CB  . TYR A 1 39 ? -1.603  -4.726  2.043   1.00 19.75 ? 36  TYR A CB  1 
ATOM   267  C CG  . TYR A 1 39 ? -1.891  -5.460  0.748   1.00 23.31 ? 36  TYR A CG  1 
ATOM   268  C CD1 . TYR A 1 39 ? -2.216  -6.816  0.749   1.00 23.01 ? 36  TYR A CD1 1 
ATOM   269  C CD2 . TYR A 1 39 ? -1.865  -4.793  -0.478  1.00 24.89 ? 36  TYR A CD2 1 
ATOM   270  C CE1 . TYR A 1 39 ? -2.506  -7.485  -0.433  1.00 25.52 ? 36  TYR A CE1 1 
ATOM   271  C CE2 . TYR A 1 39 ? -2.158  -5.451  -1.665  1.00 25.13 ? 36  TYR A CE2 1 
ATOM   272  C CZ  . TYR A 1 39 ? -2.475  -6.797  -1.637  1.00 25.16 ? 36  TYR A CZ  1 
ATOM   273  O OH  . TYR A 1 39 ? -2.761  -7.456  -2.808  1.00 26.65 ? 36  TYR A OH  1 
ATOM   274  N N   . ALA A 1 40 ? 1.506   -4.619  2.434   1.00 16.92 ? 37  ALA A N   1 
ATOM   275  C CA  . ALA A 1 40 ? 2.857   -4.674  1.895   1.00 15.68 ? 37  ALA A CA  1 
ATOM   276  C C   . ALA A 1 40 ? 3.631   -5.787  2.602   1.00 15.98 ? 37  ALA A C   1 
ATOM   277  O O   . ALA A 1 40 ? 4.335   -6.565  1.963   1.00 16.80 ? 37  ALA A O   1 
ATOM   278  C CB  . ALA A 1 40 ? 3.558   -3.332  2.094   1.00 13.95 ? 37  ALA A CB  1 
ATOM   279  N N   . ILE A 1 41 ? 3.500   -5.857  3.925   1.00 14.76 ? 38  ILE A N   1 
ATOM   280  C CA  . ILE A 1 41 ? 4.181   -6.887  4.708   1.00 16.12 ? 38  ILE A CA  1 
ATOM   281  C C   . ILE A 1 41 ? 3.762   -8.290  4.262   1.00 14.99 ? 38  ILE A C   1 
ATOM   282  O O   . ILE A 1 41 ? 4.605   -9.173  4.067   1.00 15.95 ? 38  ILE A O   1 
ATOM   283  C CB  . ILE A 1 41 ? 3.891   -6.728  6.225   1.00 15.86 ? 38  ILE A CB  1 
ATOM   284  C CG1 . ILE A 1 41 ? 4.510   -5.423  6.735   1.00 17.61 ? 38  ILE A CG1 1 
ATOM   285  C CG2 . ILE A 1 41 ? 4.461   -7.914  6.987   1.00 15.17 ? 38  ILE A CG2 1 
ATOM   286  C CD1 . ILE A 1 41 ? 4.183   -5.100  8.188   1.00 20.40 ? 38  ILE A CD1 1 
ATOM   287  N N   . GLU A 1 42 ? 2.456   -8.476  4.103   1.00 14.65 ? 39  GLU A N   1 
ATOM   288  C CA  . GLU A 1 42 ? 1.879   -9.744  3.674   1.00 15.44 ? 39  GLU A CA  1 
ATOM   289  C C   . GLU A 1 42 ? 2.504   -10.192 2.357   1.00 14.55 ? 39  GLU A C   1 
ATOM   290  O O   . GLU A 1 42 ? 3.020   -11.306 2.245   1.00 14.00 ? 39  GLU A O   1 
ATOM   291  C CB  . GLU A 1 42 ? 0.360   -9.579  3.512   1.00 16.03 ? 39  GLU A CB  1 
ATOM   292  C CG  . GLU A 1 42 ? -0.392  -10.822 3.054   1.00 20.02 ? 39  GLU A CG  1 
ATOM   293  C CD  . GLU A 1 42 ? -1.906  -10.679 3.212   1.00 23.07 ? 39  GLU A CD  1 
ATOM   294  O OE1 . GLU A 1 42 ? -2.522  -9.881  2.478   1.00 23.82 ? 39  GLU A OE1 1 
ATOM   295  O OE2 . GLU A 1 42 ? -2.477  -11.361 4.088   1.00 25.39 ? 39  GLU A OE2 1 
ATOM   296  N N   . ILE A 1 43 ? 2.451   -9.312  1.361   1.00 15.11 ? 40  ILE A N   1 
ATOM   297  C CA  . ILE A 1 43 ? 3.023   -9.604  0.053   1.00 14.88 ? 40  ILE A CA  1 
ATOM   298  C C   . ILE A 1 43 ? 4.528   -9.827  0.178   1.00 14.71 ? 40  ILE A C   1 
ATOM   299  O O   . ILE A 1 43 ? 5.069   -10.769 -0.402  1.00 16.11 ? 40  ILE A O   1 
ATOM   300  C CB  . ILE A 1 43 ? 2.751   -8.442  -0.953  1.00 16.42 ? 40  ILE A CB  1 
ATOM   301  C CG1 . ILE A 1 43 ? 1.257   -8.365  -1.255  1.00 13.76 ? 40  ILE A CG1 1 
ATOM   302  C CG2 . ILE A 1 43 ? 3.521   -8.660  -2.263  1.00 12.46 ? 40  ILE A CG2 1 
ATOM   303  C CD1 . ILE A 1 43 ? 0.896   -7.206  -2.133  1.00 17.27 ? 40  ILE A CD1 1 
ATOM   304  N N   . ALA A 1 44 ? 5.202   -8.980  0.949   1.00 15.66 ? 41  ALA A N   1 
ATOM   305  C CA  . ALA A 1 44 ? 6.651   -9.104  1.126   1.00 16.65 ? 41  ALA A CA  1 
ATOM   306  C C   . ALA A 1 44 ? 7.081   -10.476 1.638   1.00 16.94 ? 41  ALA A C   1 
ATOM   307  O O   . ALA A 1 44 ? 8.112   -11.012 1.218   1.00 17.31 ? 41  ALA A O   1 
ATOM   308  C CB  . ALA A 1 44 ? 7.163   -8.022  2.069   1.00 16.76 ? 41  ALA A CB  1 
ATOM   309  N N   . LYS A 1 45 ? 6.293   -11.032 2.553   1.00 16.80 ? 42  LYS A N   1 
ATOM   310  C CA  . LYS A 1 45 ? 6.589   -12.339 3.139   1.00 15.57 ? 42  LYS A CA  1 
ATOM   311  C C   . LYS A 1 45 ? 6.671   -13.439 2.097   1.00 15.91 ? 42  LYS A C   1 
ATOM   312  O O   . LYS A 1 45 ? 7.547   -14.299 2.158   1.00 14.18 ? 42  LYS A O   1 
ATOM   313  C CB  . LYS A 1 45 ? 5.523   -12.712 4.164   1.00 15.87 ? 42  LYS A CB  1 
ATOM   314  C CG  . LYS A 1 45 ? 5.664   -12.016 5.497   1.00 15.37 ? 42  LYS A CG  1 
ATOM   315  C CD  . LYS A 1 45 ? 4.517   -12.393 6.423   1.00 14.24 ? 42  LYS A CD  1 
ATOM   316  C CE  . LYS A 1 45 ? 4.741   -11.870 7.838   1.00 14.23 ? 42  LYS A CE  1 
ATOM   317  N NZ  . LYS A 1 45 ? 3.495   -12.016 8.643   1.00 16.83 ? 42  LYS A NZ  1 
ATOM   318  N N   . LYS A 1 46 ? 5.740   -13.421 1.151   1.00 16.61 ? 43  LYS A N   1 
ATOM   319  C CA  . LYS A 1 46 ? 5.735   -14.420 0.102   1.00 15.67 ? 43  LYS A CA  1 
ATOM   320  C C   . LYS A 1 46 ? 6.954   -14.162 -0.775  1.00 15.10 ? 43  LYS A C   1 
ATOM   321  O O   . LYS A 1 46 ? 7.620   -15.090 -1.224  1.00 15.14 ? 43  LYS A O   1 
ATOM   322  C CB  . LYS A 1 46 ? 4.454   -14.304 -0.710  1.00 18.15 ? 43  LYS A CB  1 
ATOM   323  C CG  . LYS A 1 46 ? 3.199   -14.360 0.144   1.00 21.52 ? 43  LYS A CG  1 
ATOM   324  C CD  . LYS A 1 46 ? 1.968   -14.118 -0.710  1.00 22.81 ? 43  LYS A CD  1 
ATOM   325  C CE  . LYS A 1 46 ? 0.707   -14.097 0.132   1.00 22.85 ? 43  LYS A CE  1 
ATOM   326  N NZ  . LYS A 1 46 ? -0.479  -13.807 -0.702  1.00 20.99 ? 43  LYS A NZ  1 
ATOM   327  N N   . ALA A 1 47 ? 7.260   -12.886 -0.981  1.00 13.79 ? 44  ALA A N   1 
ATOM   328  C CA  . ALA A 1 47 ? 8.394   -12.495 -1.797  1.00 12.64 ? 44  ALA A CA  1 
ATOM   329  C C   . ALA A 1 47 ? 9.683   -13.051 -1.213  1.00 13.02 ? 44  ALA A C   1 
ATOM   330  O O   . ALA A 1 47 ? 10.507  -13.602 -1.930  1.00 12.44 ? 44  ALA A O   1 
ATOM   331  C CB  . ALA A 1 47 ? 8.469   -10.971 -1.895  1.00 13.95 ? 44  ALA A CB  1 
ATOM   332  N N   . VAL A 1 48 ? 9.855   -12.896 0.094   1.00 14.98 ? 45  VAL A N   1 
ATOM   333  C CA  . VAL A 1 48 ? 11.050  -13.389 0.771   1.00 16.57 ? 45  VAL A CA  1 
ATOM   334  C C   . VAL A 1 48 ? 11.132  -14.906 0.628   1.00 17.11 ? 45  VAL A C   1 
ATOM   335  O O   . VAL A 1 48 ? 12.220  -15.469 0.466   1.00 14.72 ? 45  VAL A O   1 
ATOM   336  C CB  . VAL A 1 48 ? 11.044  -12.980 2.263   1.00 18.12 ? 45  VAL A CB  1 
ATOM   337  C CG1 . VAL A 1 48 ? 12.130  -13.727 3.029   1.00 15.42 ? 45  VAL A CG1 1 
ATOM   338  C CG2 . VAL A 1 48 ? 11.261  -11.467 2.375   1.00 17.98 ? 45  VAL A CG2 1 
ATOM   339  N N   . GLU A 1 49 ? 9.973   -15.560 0.669   1.00 18.92 ? 46  GLU A N   1 
ATOM   340  C CA  . GLU A 1 49 ? 9.926   -17.007 0.514   1.00 21.96 ? 46  GLU A CA  1 
ATOM   341  C C   . GLU A 1 49 ? 10.461  -17.412 -0.852  1.00 20.88 ? 46  GLU A C   1 
ATOM   342  O O   . GLU A 1 49 ? 11.252  -18.338 -0.955  1.00 21.00 ? 46  GLU A O   1 
ATOM   343  C CB  . GLU A 1 49 ? 8.496   -17.535 0.672   1.00 24.83 ? 46  GLU A CB  1 
ATOM   344  C CG  . GLU A 1 49 ? 8.045   -17.696 2.118   1.00 32.65 ? 46  GLU A CG  1 
ATOM   345  C CD  . GLU A 1 49 ? 6.724   -18.434 2.242   1.00 37.93 ? 46  GLU A CD  1 
ATOM   346  O OE1 . GLU A 1 49 ? 6.279   -18.684 3.386   1.00 41.39 ? 46  GLU A OE1 1 
ATOM   347  O OE2 . GLU A 1 49 ? 6.127   -18.766 1.195   1.00 41.01 ? 46  GLU A OE2 1 
ATOM   348  N N   . PHE A 1 50 ? 10.019  -16.723 -1.900  1.00 20.68 ? 47  PHE A N   1 
ATOM   349  C CA  . PHE A 1 50 ? 10.468  -17.030 -3.254  1.00 20.80 ? 47  PHE A CA  1 
ATOM   350  C C   . PHE A 1 50 ? 11.984  -16.873 -3.383  1.00 20.02 ? 47  PHE A C   1 
ATOM   351  O O   . PHE A 1 50 ? 12.633  -17.623 -4.117  1.00 18.19 ? 47  PHE A O   1 
ATOM   352  C CB  . PHE A 1 50 ? 9.758   -16.132 -4.285  1.00 20.51 ? 47  PHE A CB  1 
ATOM   353  C CG  . PHE A 1 50 ? 8.299   -16.457 -4.478  1.00 18.60 ? 47  PHE A CG  1 
ATOM   354  C CD1 . PHE A 1 50 ? 7.318   -15.524 -4.169  1.00 20.71 ? 47  PHE A CD1 1 
ATOM   355  C CD2 . PHE A 1 50 ? 7.907   -17.709 -4.936  1.00 19.57 ? 47  PHE A CD2 1 
ATOM   356  C CE1 . PHE A 1 50 ? 5.957   -15.834 -4.311  1.00 21.47 ? 47  PHE A CE1 1 
ATOM   357  C CE2 . PHE A 1 50 ? 6.555   -18.033 -5.083  1.00 21.52 ? 47  PHE A CE2 1 
ATOM   358  C CZ  . PHE A 1 50 ? 5.575   -17.093 -4.766  1.00 20.03 ? 47  PHE A CZ  1 
ATOM   359  N N   . ALA A 1 51 ? 12.549  -15.909 -2.659  1.00 20.03 ? 48  ALA A N   1 
ATOM   360  C CA  . ALA A 1 51 ? 13.989  -15.672 -2.724  1.00 21.11 ? 48  ALA A CA  1 
ATOM   361  C C   . ALA A 1 51 ? 14.746  -16.756 -1.975  1.00 20.93 ? 48  ALA A C   1 
ATOM   362  O O   . ALA A 1 51 ? 15.710  -17.315 -2.488  1.00 20.83 ? 48  ALA A O   1 
ATOM   363  C CB  . ALA A 1 51 ? 14.329  -14.291 -2.152  1.00 20.75 ? 48  ALA A CB  1 
ATOM   364  N N   . ARG A 1 52 ? 14.301  -17.059 -0.762  1.00 23.06 ? 49  ARG A N   1 
ATOM   365  C CA  . ARG A 1 52 ? 14.951  -18.084 0.043   1.00 25.24 ? 49  ARG A CA  1 
ATOM   366  C C   . ARG A 1 52 ? 14.975  -19.425 -0.698  1.00 25.18 ? 49  ARG A C   1 
ATOM   367  O O   . ARG A 1 52 ? 15.992  -20.117 -0.704  1.00 24.12 ? 49  ARG A O   1 
ATOM   368  C CB  . ARG A 1 52 ? 14.238  -18.220 1.399   1.00 26.54 ? 49  ARG A CB  1 
ATOM   369  C CG  . ARG A 1 52 ? 14.396  -16.978 2.281   1.00 30.99 ? 49  ARG A CG  1 
ATOM   370  C CD  . ARG A 1 52 ? 13.623  -17.054 3.600   1.00 31.80 ? 49  ARG A CD  1 
ATOM   371  N NE  . ARG A 1 52 ? 12.173  -17.081 3.405   1.00 34.79 ? 49  ARG A NE  1 
ATOM   372  C CZ  . ARG A 1 52 ? 11.283  -16.947 4.387   1.00 35.42 ? 49  ARG A CZ  1 
ATOM   373  N NH1 . ARG A 1 52 ? 11.690  -16.770 5.637   1.00 35.70 ? 49  ARG A NH1 1 
ATOM   374  N NH2 . ARG A 1 52 ? 9.986   -17.004 4.125   1.00 37.21 ? 49  ARG A NH2 1 
ATOM   375  N N   . HIS A 1 53 ? 13.860  -19.776 -1.336  1.00 26.14 ? 50  HIS A N   1 
ATOM   376  C CA  . HIS A 1 53 ? 13.756  -21.027 -2.085  1.00 25.84 ? 50  HIS A CA  1 
ATOM   377  C C   . HIS A 1 53 ? 14.578  -21.007 -3.367  1.00 26.29 ? 50  HIS A C   1 
ATOM   378  O O   . HIS A 1 53 ? 14.706  -22.018 -4.052  1.00 26.65 ? 50  HIS A O   1 
ATOM   379  C CB  . HIS A 1 53 ? 12.287  -21.327 -2.398  1.00 27.23 ? 50  HIS A CB  1 
ATOM   380  C CG  . HIS A 1 53 ? 11.495  -21.738 -1.194  1.00 30.29 ? 50  HIS A CG  1 
ATOM   381  N ND1 . HIS A 1 53 ? 11.670  -22.955 -0.571  1.00 28.82 ? 50  HIS A ND1 1 
ATOM   382  C CD2 . HIS A 1 53 ? 10.572  -21.070 -0.460  1.00 30.58 ? 50  HIS A CD2 1 
ATOM   383  C CE1 . HIS A 1 53 ? 10.892  -23.018 0.496   1.00 29.62 ? 50  HIS A CE1 1 
ATOM   384  N NE2 . HIS A 1 53 ? 10.218  -21.885 0.586   1.00 30.28 ? 50  HIS A NE2 1 
ATOM   385  N N   . ALA A 1 54 ? 15.137  -19.854 -3.698  1.00 25.83 ? 51  ALA A N   1 
ATOM   386  C CA  . ALA A 1 54 ? 15.961  -19.755 -4.892  1.00 26.39 ? 51  ALA A CA  1 
ATOM   387  C C   . ALA A 1 54 ? 17.402  -19.699 -4.421  1.00 26.01 ? 51  ALA A C   1 
ATOM   388  O O   . ALA A 1 54 ? 18.326  -19.543 -5.216  1.00 27.28 ? 51  ALA A O   1 
ATOM   389  C CB  . ALA A 1 54 ? 15.611  -18.489 -5.682  1.00 25.83 ? 51  ALA A CB  1 
ATOM   390  N N   . GLY A 1 55 ? 17.586  -19.839 -3.114  1.00 26.02 ? 52  GLY A N   1 
ATOM   391  C CA  . GLY A 1 55 ? 18.916  -19.767 -2.550  1.00 26.37 ? 52  GLY A CA  1 
ATOM   392  C C   . GLY A 1 55 ? 19.404  -18.335 -2.635  1.00 27.34 ? 52  GLY A C   1 
ATOM   393  O O   . GLY A 1 55 ? 20.600  -18.078 -2.772  1.00 27.83 ? 52  GLY A O   1 
ATOM   394  N N   . ARG A 1 56 ? 18.470  -17.390 -2.568  1.00 27.49 ? 53  ARG A N   1 
ATOM   395  C CA  . ARG A 1 56 ? 18.826  -15.974 -2.633  1.00 27.50 ? 53  ARG A CA  1 
ATOM   396  C C   . ARG A 1 56 ? 18.496  -15.192 -1.366  1.00 27.08 ? 53  ARG A C   1 
ATOM   397  O O   . ARG A 1 56 ? 17.504  -15.469 -0.684  1.00 27.75 ? 53  ARG A O   1 
ATOM   398  C CB  . ARG A 1 56 ? 18.155  -15.315 -3.840  1.00 25.98 ? 53  ARG A CB  1 
ATOM   399  C CG  . ARG A 1 56 ? 18.779  -15.714 -5.165  1.00 26.05 ? 53  ARG A CG  1 
ATOM   400  C CD  . ARG A 1 56 ? 18.363  -14.791 -6.305  1.00 26.23 ? 53  ARG A CD  1 
ATOM   401  N NE  . ARG A 1 56 ? 17.024  -15.052 -6.835  1.00 25.07 ? 53  ARG A NE  1 
ATOM   402  C CZ  . ARG A 1 56 ? 15.886  -14.739 -6.220  1.00 24.27 ? 53  ARG A CZ  1 
ATOM   403  N NH1 . ARG A 1 56 ? 15.903  -14.150 -5.036  1.00 20.86 ? 53  ARG A NH1 1 
ATOM   404  N NH2 . ARG A 1 56 ? 14.724  -14.989 -6.806  1.00 22.66 ? 53  ARG A NH2 1 
ATOM   405  N N   . LYS A 1 57 ? 19.356  -14.221 -1.053  1.00 26.93 ? 54  LYS A N   1 
ATOM   406  C CA  . LYS A 1 57 ? 19.190  -13.358 0.120   1.00 25.93 ? 54  LYS A CA  1 
ATOM   407  C C   . LYS A 1 57 ? 18.552  -12.052 -0.333  1.00 24.22 ? 54  LYS A C   1 
ATOM   408  O O   . LYS A 1 57 ? 17.936  -11.332 0.459   1.00 23.31 ? 54  LYS A O   1 
ATOM   409  C CB  . LYS A 1 57 ? 20.549  -13.040 0.749   1.00 27.25 ? 54  LYS A CB  1 
ATOM   410  C CG  . LYS A 1 57 ? 21.337  -14.252 1.218   1.00 28.58 ? 54  LYS A CG  1 
ATOM   411  C CD  . LYS A 1 57 ? 22.712  -13.834 1.724   1.00 28.18 ? 54  LYS A CD  1 
ATOM   412  C CE  . LYS A 1 57 ? 23.391  -14.980 2.439   1.00 28.99 ? 54  LYS A CE  1 
ATOM   413  N NZ  . LYS A 1 57 ? 22.567  -15.444 3.591   1.00 28.78 ? 54  LYS A NZ  1 
ATOM   414  N N   . THR A 1 58 ? 18.721  -11.751 -1.617  1.00 21.81 ? 55  THR A N   1 
ATOM   415  C CA  . THR A 1 58 ? 18.178  -10.533 -2.197  1.00 21.19 ? 55  THR A CA  1 
ATOM   416  C C   . THR A 1 58 ? 16.838  -10.793 -2.875  1.00 21.54 ? 55  THR A C   1 
ATOM   417  O O   . THR A 1 58 ? 16.687  -11.752 -3.639  1.00 19.44 ? 55  THR A O   1 
ATOM   418  C CB  . THR A 1 58 ? 19.153  -9.942  -3.228  1.00 22.16 ? 55  THR A CB  1 
ATOM   419  O OG1 . THR A 1 58 ? 20.331  -9.485  -2.553  1.00 23.17 ? 55  THR A OG1 1 
ATOM   420  C CG2 . THR A 1 58 ? 18.513  -8.772  -3.979  1.00 21.65 ? 55  THR A CG2 1 
ATOM   421  N N   . VAL A 1 59 ? 15.864  -9.937  -2.583  1.00 20.84 ? 56  VAL A N   1 
ATOM   422  C CA  . VAL A 1 59 ? 14.543  -10.059 -3.176  1.00 22.68 ? 56  VAL A CA  1 
ATOM   423  C C   . VAL A 1 59 ? 14.541  -9.219  -4.459  1.00 22.99 ? 56  VAL A C   1 
ATOM   424  O O   . VAL A 1 59 ? 14.883  -8.039  -4.435  1.00 23.53 ? 56  VAL A O   1 
ATOM   425  C CB  . VAL A 1 59 ? 13.452  -9.563  -2.194  1.00 23.54 ? 56  VAL A CB  1 
ATOM   426  C CG1 . VAL A 1 59 ? 12.062  -9.625  -2.846  1.00 24.40 ? 56  VAL A CG1 1 
ATOM   427  C CG2 . VAL A 1 59 ? 13.477  -10.410 -0.938  1.00 22.09 ? 56  VAL A CG2 1 
ATOM   428  N N   . LYS A 1 60 ? 14.169  -9.841  -5.575  1.00 22.59 ? 57  LYS A N   1 
ATOM   429  C CA  . LYS A 1 60 ? 14.144  -9.169  -6.877  1.00 21.36 ? 57  LYS A CA  1 
ATOM   430  C C   . LYS A 1 60 ? 12.725  -8.867  -7.384  1.00 19.96 ? 57  LYS A C   1 
ATOM   431  O O   . LYS A 1 60 ? 11.735  -9.264  -6.763  1.00 17.23 ? 57  LYS A O   1 
ATOM   432  C CB  . LYS A 1 60 ? 14.891  -10.028 -7.907  1.00 21.31 ? 57  LYS A CB  1 
ATOM   433  C CG  . LYS A 1 60 ? 16.314  -10.400 -7.487  1.00 20.95 ? 57  LYS A CG  1 
ATOM   434  C CD  . LYS A 1 60 ? 17.063  -11.109 -8.610  1.00 20.86 ? 57  LYS A CD  1 
ATOM   435  C CE  . LYS A 1 60 ? 18.553  -11.217 -8.304  1.00 22.71 ? 57  LYS A CE  1 
ATOM   436  N NZ  . LYS A 1 60 ? 19.347  -11.864 -9.402  1.00 19.74 ? 57  LYS A NZ  1 
ATOM   437  N N   . VAL A 1 61 ? 12.641  -8.159  -8.512  1.00 20.06 ? 58  VAL A N   1 
ATOM   438  C CA  . VAL A 1 61 ? 11.355  -7.795  -9.107  1.00 20.02 ? 58  VAL A CA  1 
ATOM   439  C C   . VAL A 1 61 ? 10.475  -9.023  -9.348  1.00 18.70 ? 58  VAL A C   1 
ATOM   440  O O   . VAL A 1 61 ? 9.263   -8.974  -9.158  1.00 18.04 ? 58  VAL A O   1 
ATOM   441  C CB  . VAL A 1 61 ? 11.543  -7.037  -10.453 1.00 22.22 ? 58  VAL A CB  1 
ATOM   442  C CG1 . VAL A 1 61 ? 10.180  -6.758  -11.093 1.00 22.14 ? 58  VAL A CG1 1 
ATOM   443  C CG2 . VAL A 1 61 ? 12.279  -5.718  -10.214 1.00 23.79 ? 58  VAL A CG2 1 
ATOM   444  N N   . GLU A 1 62 ? 11.092  -10.125 -9.757  1.00 20.51 ? 59  GLU A N   1 
ATOM   445  C CA  . GLU A 1 62 ? 10.362  -11.361 -10.009 1.00 21.75 ? 59  GLU A CA  1 
ATOM   446  C C   . GLU A 1 62 ? 9.671   -11.885 -8.747  1.00 20.66 ? 59  GLU A C   1 
ATOM   447  O O   . GLU A 1 62 ? 8.546   -12.379 -8.821  1.00 23.18 ? 59  GLU A O   1 
ATOM   448  C CB  . GLU A 1 62 ? 11.314  -12.420 -10.573 1.00 23.11 ? 59  GLU A CB  1 
ATOM   449  C CG  . GLU A 1 62 ? 12.628  -12.523 -9.813  1.00 28.64 ? 59  GLU A CG  1 
ATOM   450  C CD  . GLU A 1 62 ? 13.692  -13.310 -10.561 1.00 30.78 ? 59  GLU A CD  1 
ATOM   451  O OE1 . GLU A 1 62 ? 13.795  -13.145 -11.798 1.00 32.99 ? 59  GLU A OE1 1 
ATOM   452  O OE2 . GLU A 1 62 ? 14.435  -14.079 -9.914  1.00 31.94 ? 59  GLU A OE2 1 
ATOM   453  N N   . ASP A 1 63 ? 10.338  -11.772 -7.595  1.00 18.45 ? 60  ASP A N   1 
ATOM   454  C CA  . ASP A 1 63 ? 9.760   -12.232 -6.330  1.00 16.93 ? 60  ASP A CA  1 
ATOM   455  C C   . ASP A 1 63 ? 8.527   -11.386 -5.984  1.00 17.28 ? 60  ASP A C   1 
ATOM   456  O O   . ASP A 1 63 ? 7.474   -11.923 -5.638  1.00 16.16 ? 60  ASP A O   1 
ATOM   457  C CB  . ASP A 1 63 ? 10.767  -12.123 -5.169  1.00 15.39 ? 60  ASP A CB  1 
ATOM   458  C CG  . ASP A 1 63 ? 12.096  -12.815 -5.452  1.00 15.57 ? 60  ASP A CG  1 
ATOM   459  O OD1 . ASP A 1 63 ? 12.116  -14.016 -5.787  1.00 14.94 ? 60  ASP A OD1 1 
ATOM   460  O OD2 . ASP A 1 63 ? 13.144  -12.147 -5.312  1.00 17.71 ? 60  ASP A OD2 1 
ATOM   461  N N   . ILE A 1 64 ? 8.668   -10.064 -6.079  1.00 16.02 ? 61  ILE A N   1 
ATOM   462  C CA  . ILE A 1 64 ? 7.577   -9.142  -5.776  1.00 15.33 ? 61  ILE A CA  1 
ATOM   463  C C   . ILE A 1 64 ? 6.351   -9.379  -6.668  1.00 16.38 ? 61  ILE A C   1 
ATOM   464  O O   . ILE A 1 64 ? 5.222   -9.452  -6.178  1.00 15.95 ? 61  ILE A O   1 
ATOM   465  C CB  . ILE A 1 64 ? 8.045   -7.656  -5.925  1.00 14.33 ? 61  ILE A CB  1 
ATOM   466  C CG1 . ILE A 1 64 ? 9.067   -7.306  -4.835  1.00 13.62 ? 61  ILE A CG1 1 
ATOM   467  C CG2 . ILE A 1 64 ? 6.855   -6.714  -5.856  1.00 12.04 ? 61  ILE A CG2 1 
ATOM   468  C CD1 . ILE A 1 64 ? 8.535   -7.388  -3.401  1.00 11.46 ? 61  ILE A CD1 1 
ATOM   469  N N   . LYS A 1 65 ? 6.575   -9.500  -7.973  1.00 18.12 ? 62  LYS A N   1 
ATOM   470  C CA  . LYS A 1 65 ? 5.482   -9.723  -8.918  1.00 20.25 ? 62  LYS A CA  1 
ATOM   471  C C   . LYS A 1 65 ? 4.662   -10.946 -8.542  1.00 19.12 ? 62  LYS A C   1 
ATOM   472  O O   . LYS A 1 65 ? 3.434   -10.885 -8.461  1.00 18.87 ? 62  LYS A O   1 
ATOM   473  C CB  . LYS A 1 65 ? 6.030   -9.889  -10.333 1.00 21.90 ? 62  LYS A CB  1 
ATOM   474  C CG  . LYS A 1 65 ? 6.577   -8.613  -10.923 1.00 23.15 ? 62  LYS A CG  1 
ATOM   475  C CD  . LYS A 1 65 ? 7.269   -8.905  -12.233 1.00 28.25 ? 62  LYS A CD  1 
ATOM   476  C CE  . LYS A 1 65 ? 7.689   -7.639  -12.949 1.00 31.49 ? 62  LYS A CE  1 
ATOM   477  N NZ  . LYS A 1 65 ? 8.420   -7.978  -14.207 1.00 34.00 ? 62  LYS A NZ  1 
ATOM   478  N N   . LEU A 1 66 ? 5.350   -12.055 -8.303  1.00 19.98 ? 63  LEU A N   1 
ATOM   479  C CA  . LEU A 1 66 ? 4.684   -13.289 -7.920  1.00 19.10 ? 63  LEU A CA  1 
ATOM   480  C C   . LEU A 1 66 ? 3.934   -13.105 -6.614  1.00 19.21 ? 63  LEU A C   1 
ATOM   481  O O   . LEU A 1 66 ? 2.818   -13.595 -6.462  1.00 19.48 ? 63  LEU A O   1 
ATOM   482  C CB  . LEU A 1 66 ? 5.707   -14.413 -7.767  1.00 19.50 ? 63  LEU A CB  1 
ATOM   483  C CG  . LEU A 1 66 ? 6.354   -14.886 -9.066  1.00 18.95 ? 63  LEU A CG  1 
ATOM   484  C CD1 . LEU A 1 66 ? 7.418   -15.918 -8.748  1.00 17.88 ? 63  LEU A CD1 1 
ATOM   485  C CD2 . LEU A 1 66 ? 5.282   -15.480 -9.979  1.00 18.41 ? 63  LEU A CD2 1 
ATOM   486  N N   . ALA A 1 67 ? 4.544   -12.385 -5.677  1.00 19.19 ? 64  ALA A N   1 
ATOM   487  C CA  . ALA A 1 67 ? 3.924   -12.145 -4.378  1.00 19.05 ? 64  ALA A CA  1 
ATOM   488  C C   . ALA A 1 67 ? 2.622   -11.353 -4.494  1.00 18.29 ? 64  ALA A C   1 
ATOM   489  O O   . ALA A 1 67 ? 1.634   -11.656 -3.826  1.00 17.77 ? 64  ALA A O   1 
ATOM   490  C CB  . ALA A 1 67 ? 4.904   -11.421 -3.463  1.00 19.51 ? 64  ALA A CB  1 
ATOM   491  N N   . ILE A 1 68 ? 2.624   -10.331 -5.340  1.00 18.70 ? 65  ILE A N   1 
ATOM   492  C CA  . ILE A 1 68 ? 1.439   -9.504  -5.551  1.00 19.48 ? 65  ILE A CA  1 
ATOM   493  C C   . ILE A 1 68 ? 0.344   -10.334 -6.232  1.00 20.54 ? 65  ILE A C   1 
ATOM   494  O O   . ILE A 1 68 ? -0.842  -10.185 -5.934  1.00 20.43 ? 65  ILE A O   1 
ATOM   495  C CB  . ILE A 1 68 ? 1.784   -8.289  -6.444  1.00 20.51 ? 65  ILE A CB  1 
ATOM   496  C CG1 . ILE A 1 68 ? 2.702   -7.330  -5.681  1.00 18.89 ? 65  ILE A CG1 1 
ATOM   497  C CG2 . ILE A 1 68 ? 0.509   -7.595  -6.913  1.00 19.62 ? 65  ILE A CG2 1 
ATOM   498  C CD1 . ILE A 1 68 ? 3.393   -6.328  -6.572  1.00 18.03 ? 65  ILE A CD1 1 
ATOM   499  N N   . LYS A 1 69 ? 0.747   -11.205 -7.152  1.00 21.39 ? 66  LYS A N   1 
ATOM   500  C CA  . LYS A 1 69 ? -0.206  -12.052 -7.867  1.00 24.71 ? 66  LYS A CA  1 
ATOM   501  C C   . LYS A 1 69 ? -0.493  -13.367 -7.136  1.00 24.92 ? 66  LYS A C   1 
ATOM   502  O O   . LYS A 1 69 ? -0.385  -14.439 -7.718  1.00 25.86 ? 66  LYS A O   1 
ATOM   503  C CB  . LYS A 1 69 ? 0.310   -12.353 -9.279  1.00 25.23 ? 66  LYS A CB  1 
ATOM   504  C CG  . LYS A 1 69 ? -0.224  -11.418 -10.366 1.00 27.33 ? 66  LYS A CG  1 
ATOM   505  C CD  . LYS A 1 69 ? 0.156   -9.980  -10.128 1.00 29.46 ? 66  LYS A CD  1 
ATOM   506  C CE  . LYS A 1 69 ? -0.477  -9.052  -11.167 1.00 32.35 ? 66  LYS A CE  1 
ATOM   507  N NZ  . LYS A 1 69 ? -0.132  -9.422  -12.576 1.00 30.31 ? 66  LYS A NZ  1 
ATOM   508  N N   . SER A 1 70 ? -0.870  -13.286 -5.864  1.00 25.80 ? 67  SER A N   1 
ATOM   509  C CA  . SER A 1 70 ? -1.151  -14.496 -5.095  1.00 26.09 ? 67  SER A CA  1 
ATOM   510  C C   . SER A 1 70 ? -2.527  -14.464 -4.441  1.00 25.65 ? 67  SER A C   1 
ATOM   511  O O   . SER A 1 70 ? -2.704  -15.158 -3.413  1.00 25.78 ? 67  SER A O   1 
ATOM   512  C CB  . SER A 1 70 ? -0.089  -14.688 -4.017  1.00 24.94 ? 67  SER A CB  1 
ATOM   513  O OG  . SER A 1 70 ? -0.063  -13.573 -3.151  1.00 21.79 ? 67  SER A OG  1 
ATOM   514  O OXT . SER A 1 70 ? -3.407  -13.760 -4.975  1.00 25.96 ? 67  SER A OXT 1 
ATOM   515  N N   . GLY B 1 5  ? 6.053   8.092   -8.076  1.00 38.88 ? 2   GLY B N   1 
ATOM   516  C CA  . GLY B 1 5  ? 4.575   8.304   -8.116  1.00 39.44 ? 2   GLY B CA  1 
ATOM   517  C C   . GLY B 1 5  ? 4.072   9.172   -6.976  1.00 39.59 ? 2   GLY B C   1 
ATOM   518  O O   . GLY B 1 5  ? 3.824   10.364  -7.158  1.00 40.97 ? 2   GLY B O   1 
ATOM   519  N N   . GLU B 1 6  ? 3.911   8.570   -5.803  1.00 39.15 ? 3   GLU B N   1 
ATOM   520  C CA  . GLU B 1 6  ? 3.438   9.277   -4.613  1.00 39.02 ? 3   GLU B CA  1 
ATOM   521  C C   . GLU B 1 6  ? 4.117   8.684   -3.392  1.00 37.28 ? 3   GLU B C   1 
ATOM   522  O O   . GLU B 1 6  ? 4.879   9.358   -2.699  1.00 37.61 ? 3   GLU B O   1 
ATOM   523  C CB  . GLU B 1 6  ? 1.919   9.132   -4.460  1.00 40.13 ? 3   GLU B CB  1 
ATOM   524  C CG  . GLU B 1 6  ? 1.097   10.198  -5.166  1.00 41.29 ? 3   GLU B CG  1 
ATOM   525  C CD  . GLU B 1 6  ? 1.388   11.595  -4.653  1.00 41.64 ? 3   GLU B CD  1 
ATOM   526  O OE1 . GLU B 1 6  ? 1.671   11.737  -3.445  1.00 40.69 ? 3   GLU B OE1 1 
ATOM   527  O OE2 . GLU B 1 6  ? 1.319   12.550  -5.459  1.00 39.88 ? 3   GLU B OE2 1 
ATOM   528  N N   . LEU B 1 7  ? 3.822   7.414   -3.142  1.00 36.01 ? 4   LEU B N   1 
ATOM   529  C CA  . LEU B 1 7  ? 4.393   6.686   -2.021  1.00 34.51 ? 4   LEU B CA  1 
ATOM   530  C C   . LEU B 1 7  ? 5.890   6.496   -2.252  1.00 33.83 ? 4   LEU B C   1 
ATOM   531  O O   . LEU B 1 7  ? 6.320   6.126   -3.341  1.00 32.90 ? 4   LEU B O   1 
ATOM   532  C CB  . LEU B 1 7  ? 3.708   5.324   -1.890  1.00 33.84 ? 4   LEU B CB  1 
ATOM   533  C CG  . LEU B 1 7  ? 2.173   5.356   -1.843  1.00 33.64 ? 4   LEU B CG  1 
ATOM   534  C CD1 . LEU B 1 7  ? 1.622   3.961   -2.032  1.00 32.38 ? 4   LEU B CD1 1 
ATOM   535  C CD2 . LEU B 1 7  ? 1.701   5.944   -0.530  1.00 32.65 ? 4   LEU B CD2 1 
ATOM   536  N N   . PRO B 1 8  ? 6.708   6.762   -1.225  1.00 34.41 ? 5   PRO B N   1 
ATOM   537  C CA  . PRO B 1 8  ? 8.165   6.614   -1.330  1.00 32.60 ? 5   PRO B CA  1 
ATOM   538  C C   . PRO B 1 8  ? 8.645   5.161   -1.376  1.00 30.25 ? 5   PRO B C   1 
ATOM   539  O O   . PRO B 1 8  ? 8.010   4.259   -0.823  1.00 29.93 ? 5   PRO B O   1 
ATOM   540  C CB  . PRO B 1 8  ? 8.680   7.364   -0.099  1.00 34.46 ? 5   PRO B CB  1 
ATOM   541  C CG  . PRO B 1 8  ? 7.562   7.202   0.884   1.00 35.03 ? 5   PRO B CG  1 
ATOM   542  C CD  . PRO B 1 8  ? 6.340   7.436   0.033   1.00 34.54 ? 5   PRO B CD  1 
ATOM   543  N N   . ILE B 1 9  ? 9.775   4.954   -2.043  1.00 27.00 ? 6   ILE B N   1 
ATOM   544  C CA  . ILE B 1 9  ? 10.368  3.635   -2.192  1.00 23.99 ? 6   ILE B CA  1 
ATOM   545  C C   . ILE B 1 9  ? 11.002  3.151   -0.888  1.00 22.05 ? 6   ILE B C   1 
ATOM   546  O O   . ILE B 1 9  ? 10.789  2.017   -0.466  1.00 20.61 ? 6   ILE B O   1 
ATOM   547  C CB  . ILE B 1 9  ? 11.479  3.639   -3.260  1.00 25.05 ? 6   ILE B CB  1 
ATOM   548  C CG1 . ILE B 1 9  ? 11.079  4.516   -4.453  1.00 25.17 ? 6   ILE B CG1 1 
ATOM   549  C CG2 . ILE B 1 9  ? 11.780  2.212   -3.684  1.00 24.73 ? 6   ILE B CG2 1 
ATOM   550  C CD1 . ILE B 1 9  ? 9.828   4.087   -5.169  1.00 28.06 ? 6   ILE B CD1 1 
ATOM   551  N N   . ALA B 1 10 ? 11.789  4.023   -0.263  1.00 20.99 ? 7   ALA B N   1 
ATOM   552  C CA  . ALA B 1 10 ? 12.490  3.694   0.972   1.00 19.85 ? 7   ALA B CA  1 
ATOM   553  C C   . ALA B 1 10 ? 11.629  3.009   2.036   1.00 18.56 ? 7   ALA B C   1 
ATOM   554  O O   . ALA B 1 10 ? 11.997  1.956   2.553   1.00 17.80 ? 7   ALA B O   1 
ATOM   555  C CB  . ALA B 1 10 ? 13.141  4.946   1.541   1.00 17.96 ? 7   ALA B CB  1 
ATOM   556  N N   . PRO B 1 11 ? 10.472  3.599   2.383   1.00 18.55 ? 8   PRO B N   1 
ATOM   557  C CA  . PRO B 1 11 ? 9.623   2.971   3.400   1.00 18.49 ? 8   PRO B CA  1 
ATOM   558  C C   . PRO B 1 11 ? 9.231   1.542   3.006   1.00 18.37 ? 8   PRO B C   1 
ATOM   559  O O   . PRO B 1 11 ? 9.232   0.640   3.840   1.00 17.83 ? 8   PRO B O   1 
ATOM   560  C CB  . PRO B 1 11 ? 8.405   3.894   3.457   1.00 18.12 ? 8   PRO B CB  1 
ATOM   561  C CG  . PRO B 1 11 ? 8.952   5.214   3.063   1.00 19.38 ? 8   PRO B CG  1 
ATOM   562  C CD  . PRO B 1 11 ? 9.869   4.854   1.907   1.00 17.14 ? 8   PRO B CD  1 
ATOM   563  N N   . VAL B 1 12 ? 8.891   1.360   1.732   1.00 18.56 ? 9   VAL B N   1 
ATOM   564  C CA  . VAL B 1 12 ? 8.480   0.061   1.203   1.00 19.60 ? 9   VAL B CA  1 
ATOM   565  C C   . VAL B 1 12 ? 9.610   -0.945  1.305   1.00 18.74 ? 9   VAL B C   1 
ATOM   566  O O   . VAL B 1 12 ? 9.414   -2.084  1.738   1.00 18.09 ? 9   VAL B O   1 
ATOM   567  C CB  . VAL B 1 12 ? 8.045   0.178   -0.273  1.00 19.76 ? 9   VAL B CB  1 
ATOM   568  C CG1 . VAL B 1 12 ? 7.770   -1.205  -0.853  1.00 19.62 ? 9   VAL B CG1 1 
ATOM   569  C CG2 . VAL B 1 12 ? 6.808   1.045   -0.368  1.00 20.44 ? 9   VAL B CG2 1 
ATOM   570  N N   . ASP B 1 13 ? 10.790  -0.509  0.882   1.00 18.09 ? 10  ASP B N   1 
ATOM   571  C CA  . ASP B 1 13 ? 11.986  -1.319  0.933   1.00 17.72 ? 10  ASP B CA  1 
ATOM   572  C C   . ASP B 1 13 ? 12.156  -1.814  2.381   1.00 18.66 ? 10  ASP B C   1 
ATOM   573  O O   . ASP B 1 13 ? 12.399  -3.001  2.631   1.00 17.54 ? 10  ASP B O   1 
ATOM   574  C CB  . ASP B 1 13 ? 13.170  -0.453  0.502   1.00 16.86 ? 10  ASP B CB  1 
ATOM   575  C CG  . ASP B 1 13 ? 14.462  -1.222  0.423   1.00 18.21 ? 10  ASP B CG  1 
ATOM   576  O OD1 . ASP B 1 13 ? 15.301  -0.859  -0.423  1.00 19.96 ? 10  ASP B OD1 1 
ATOM   577  O OD2 . ASP B 1 13 ? 14.648  -2.175  1.206   1.00 17.68 ? 10  ASP B OD2 1 
ATOM   578  N N   . ARG B 1 14 ? 12.018  -0.894  3.330   1.00 18.39 ? 11  ARG B N   1 
ATOM   579  C CA  . ARG B 1 14 ? 12.149  -1.230  4.738   1.00 20.72 ? 11  ARG B CA  1 
ATOM   580  C C   . ARG B 1 14 ? 11.105  -2.250  5.192   1.00 18.94 ? 11  ARG B C   1 
ATOM   581  O O   . ARG B 1 14 ? 11.398  -3.119  6.012   1.00 20.44 ? 11  ARG B O   1 
ATOM   582  C CB  . ARG B 1 14 ? 12.089  0.044   5.607   1.00 23.42 ? 11  ARG B CB  1 
ATOM   583  C CG  . ARG B 1 14 ? 13.382  0.886   5.542   1.00 27.20 ? 11  ARG B CG  1 
ATOM   584  C CD  . ARG B 1 14 ? 13.548  1.821   6.744   1.00 28.09 ? 11  ARG B CD  1 
ATOM   585  N NE  . ARG B 1 14 ? 12.787  3.069   6.636   1.00 31.17 ? 11  ARG B NE  1 
ATOM   586  C CZ  . ARG B 1 14 ? 13.063  4.045   5.771   1.00 32.76 ? 11  ARG B CZ  1 
ATOM   587  N NH1 . ARG B 1 14 ? 14.088  3.926   4.930   1.00 32.54 ? 11  ARG B NH1 1 
ATOM   588  N NH2 . ARG B 1 14 ? 12.316  5.144   5.741   1.00 30.42 ? 11  ARG B NH2 1 
ATOM   589  N N   . LEU B 1 15 ? 9.891   -2.166  4.661   1.00 16.28 ? 12  LEU B N   1 
ATOM   590  C CA  . LEU B 1 15 ? 8.875   -3.132  5.046   1.00 15.08 ? 12  LEU B CA  1 
ATOM   591  C C   . LEU B 1 15 ? 9.269   -4.521  4.538   1.00 15.64 ? 12  LEU B C   1 
ATOM   592  O O   . LEU B 1 15 ? 9.086   -5.524  5.229   1.00 17.67 ? 12  LEU B O   1 
ATOM   593  C CB  . LEU B 1 15 ? 7.504   -2.711  4.505   1.00 11.97 ? 12  LEU B CB  1 
ATOM   594  C CG  . LEU B 1 15 ? 6.955   -1.439  5.166   1.00 12.70 ? 12  LEU B CG  1 
ATOM   595  C CD1 . LEU B 1 15 ? 5.759   -0.926  4.385   1.00 13.09 ? 12  LEU B CD1 1 
ATOM   596  C CD2 . LEU B 1 15 ? 6.572   -1.719  6.608   1.00 9.20  ? 12  LEU B CD2 1 
ATOM   597  N N   . ILE B 1 16 ? 9.822   -4.585  3.335   1.00 17.10 ? 13  ILE B N   1 
ATOM   598  C CA  . ILE B 1 16 ? 10.242  -5.865  2.792   1.00 18.91 ? 13  ILE B CA  1 
ATOM   599  C C   . ILE B 1 16 ? 11.288  -6.475  3.732   1.00 20.84 ? 13  ILE B C   1 
ATOM   600  O O   . ILE B 1 16 ? 11.255  -7.665  4.037   1.00 22.01 ? 13  ILE B O   1 
ATOM   601  C CB  . ILE B 1 16 ? 10.826  -5.699  1.371   1.00 18.04 ? 13  ILE B CB  1 
ATOM   602  C CG1 . ILE B 1 16 ? 9.768   -5.084  0.451   1.00 17.87 ? 13  ILE B CG1 1 
ATOM   603  C CG2 . ILE B 1 16 ? 11.293  -7.044  0.838   1.00 18.06 ? 13  ILE B CG2 1 
ATOM   604  C CD1 . ILE B 1 16 ? 10.249  -4.782  -0.951  1.00 17.54 ? 13  ILE B CD1 1 
ATOM   605  N N   . ARG B 1 17 ? 12.209  -5.646  4.202   1.00 22.43 ? 14  ARG B N   1 
ATOM   606  C CA  . ARG B 1 17 ? 13.246  -6.111  5.113   1.00 23.19 ? 14  ARG B CA  1 
ATOM   607  C C   . ARG B 1 17 ? 12.642  -6.600  6.432   1.00 23.90 ? 14  ARG B C   1 
ATOM   608  O O   . ARG B 1 17 ? 13.030  -7.643  6.960   1.00 23.06 ? 14  ARG B O   1 
ATOM   609  C CB  . ARG B 1 17 ? 14.240  -4.984  5.391   1.00 23.14 ? 14  ARG B CB  1 
ATOM   610  C CG  . ARG B 1 17 ? 14.997  -4.521  4.165   1.00 23.88 ? 14  ARG B CG  1 
ATOM   611  C CD  . ARG B 1 17 ? 15.974  -3.409  4.531   1.00 27.07 ? 14  ARG B CD  1 
ATOM   612  N NE  . ARG B 1 17 ? 16.967  -3.857  5.506   1.00 28.60 ? 14  ARG B NE  1 
ATOM   613  C CZ  . ARG B 1 17 ? 17.872  -4.796  5.267   1.00 27.53 ? 14  ARG B CZ  1 
ATOM   614  N NH1 . ARG B 1 17 ? 17.908  -5.384  4.084   1.00 28.56 ? 14  ARG B NH1 1 
ATOM   615  N NH2 . ARG B 1 17 ? 18.742  -5.141  6.207   1.00 28.08 ? 14  ARG B NH2 1 
ATOM   616  N N   . LYS B 1 18 ? 11.693  -5.844  6.970   1.00 24.47 ? 15  LYS B N   1 
ATOM   617  C CA  . LYS B 1 18 ? 11.065  -6.234  8.222   1.00 25.85 ? 15  LYS B CA  1 
ATOM   618  C C   . LYS B 1 18 ? 10.282  -7.524  8.051   1.00 24.39 ? 15  LYS B C   1 
ATOM   619  O O   . LYS B 1 18 ? 9.885   -8.149  9.029   1.00 24.28 ? 15  LYS B O   1 
ATOM   620  C CB  . LYS B 1 18 ? 10.176  -5.097  8.748   1.00 26.94 ? 15  LYS B CB  1 
ATOM   621  C CG  . LYS B 1 18 ? 11.021  -3.880  9.141   1.00 30.54 ? 15  LYS B CG  1 
ATOM   622  C CD  . LYS B 1 18 ? 10.288  -2.833  9.965   1.00 32.35 ? 15  LYS B CD  1 
ATOM   623  C CE  . LYS B 1 18 ? 11.266  -1.722  10.341  1.00 34.15 ? 15  LYS B CE  1 
ATOM   624  N NZ  . LYS B 1 18 ? 10.677  -0.627  11.161  1.00 32.86 ? 15  LYS B NZ  1 
ATOM   625  N N   . ALA B 1 19 ? 10.087  -7.926  6.797   1.00 23.63 ? 16  ALA B N   1 
ATOM   626  C CA  . ALA B 1 19 ? 9.377   -9.154  6.477   1.00 21.68 ? 16  ALA B CA  1 
ATOM   627  C C   . ALA B 1 19 ? 10.363  -10.327 6.423   1.00 21.93 ? 16  ALA B C   1 
ATOM   628  O O   . ALA B 1 19 ? 9.959   -11.489 6.318   1.00 22.13 ? 16  ALA B O   1 
ATOM   629  C CB  . ALA B 1 19 ? 8.656   -9.006  5.131   1.00 21.81 ? 16  ALA B CB  1 
ATOM   630  N N   . GLY B 1 20 ? 11.653  -10.013 6.479   1.00 21.71 ? 17  GLY B N   1 
ATOM   631  C CA  . GLY B 1 20 ? 12.678  -11.046 6.455   1.00 21.60 ? 17  GLY B CA  1 
ATOM   632  C C   . GLY B 1 20 ? 13.736  -10.868 5.379   1.00 21.68 ? 17  GLY B C   1 
ATOM   633  O O   . GLY B 1 20 ? 14.666  -11.667 5.261   1.00 23.14 ? 17  GLY B O   1 
ATOM   634  N N   . ALA B 1 21 ? 13.622  -9.810  4.592   1.00 21.19 ? 18  ALA B N   1 
ATOM   635  C CA  . ALA B 1 21 ? 14.583  -9.591  3.520   1.00 22.56 ? 18  ALA B CA  1 
ATOM   636  C C   . ALA B 1 21 ? 15.942  -9.089  4.010   1.00 21.83 ? 18  ALA B C   1 
ATOM   637  O O   . ALA B 1 21 ? 16.029  -8.104  4.747   1.00 21.84 ? 18  ALA B O   1 
ATOM   638  C CB  . ALA B 1 21 ? 13.994  -8.626  2.488   1.00 21.68 ? 18  ALA B CB  1 
ATOM   639  N N   . GLU B 1 22 ? 17.003  -9.778  3.607   1.00 22.42 ? 19  GLU B N   1 
ATOM   640  C CA  . GLU B 1 22 ? 18.352  -9.373  3.991   1.00 26.27 ? 19  GLU B CA  1 
ATOM   641  C C   . GLU B 1 22 ? 18.788  -8.258  3.057   1.00 26.29 ? 19  GLU B C   1 
ATOM   642  O O   . GLU B 1 22 ? 19.457  -7.311  3.468   1.00 28.09 ? 19  GLU B O   1 
ATOM   643  C CB  . GLU B 1 22 ? 19.334  -10.539 3.867   1.00 28.32 ? 19  GLU B CB  1 
ATOM   644  C CG  . GLU B 1 22 ? 19.068  -11.692 4.815   1.00 33.07 ? 19  GLU B CG  1 
ATOM   645  C CD  . GLU B 1 22 ? 20.172  -12.729 4.776   1.00 36.12 ? 19  GLU B CD  1 
ATOM   646  O OE1 . GLU B 1 22 ? 21.325  -12.374 5.112   1.00 36.95 ? 19  GLU B OE1 1 
ATOM   647  O OE2 . GLU B 1 22 ? 19.892  -13.892 4.408   1.00 34.32 ? 19  GLU B OE2 1 
ATOM   648  N N   . ARG B 1 23 ? 18.406  -8.393  1.791   1.00 26.25 ? 20  ARG B N   1 
ATOM   649  C CA  . ARG B 1 23 ? 18.724  -7.416  0.764   1.00 25.58 ? 20  ARG B CA  1 
ATOM   650  C C   . ARG B 1 23 ? 17.512  -7.263  -0.142  1.00 24.65 ? 20  ARG B C   1 
ATOM   651  O O   . ARG B 1 23 ? 16.754  -8.217  -0.335  1.00 22.58 ? 20  ARG B O   1 
ATOM   652  C CB  . ARG B 1 23 ? 19.943  -7.873  -0.040  1.00 28.20 ? 20  ARG B CB  1 
ATOM   653  C CG  . ARG B 1 23 ? 21.244  -7.799  0.754   1.00 32.88 ? 20  ARG B CG  1 
ATOM   654  C CD  . ARG B 1 23 ? 22.443  -8.313  -0.029  1.00 36.89 ? 20  ARG B CD  1 
ATOM   655  N NE  . ARG B 1 23 ? 22.419  -9.767  -0.157  1.00 40.93 ? 20  ARG B NE  1 
ATOM   656  C CZ  . ARG B 1 23 ? 23.438  -10.495 -0.606  1.00 43.48 ? 20  ARG B CZ  1 
ATOM   657  N NH1 . ARG B 1 23 ? 24.569  -9.911  -0.973  1.00 43.14 ? 20  ARG B NH1 1 
ATOM   658  N NH2 . ARG B 1 23 ? 23.330  -11.816 -0.687  1.00 44.98 ? 20  ARG B NH2 1 
ATOM   659  N N   . VAL B 1 24 ? 17.328  -6.059  -0.675  1.00 23.63 ? 21  VAL B N   1 
ATOM   660  C CA  . VAL B 1 24 ? 16.202  -5.759  -1.549  1.00 22.43 ? 21  VAL B CA  1 
ATOM   661  C C   . VAL B 1 24 ? 16.691  -4.913  -2.721  1.00 22.17 ? 21  VAL B C   1 
ATOM   662  O O   . VAL B 1 24 ? 17.338  -3.885  -2.521  1.00 22.46 ? 21  VAL B O   1 
ATOM   663  C CB  . VAL B 1 24 ? 15.102  -4.965  -0.792  1.00 22.12 ? 21  VAL B CB  1 
ATOM   664  C CG1 . VAL B 1 24 ? 13.918  -4.700  -1.721  1.00 21.32 ? 21  VAL B CG1 1 
ATOM   665  C CG2 . VAL B 1 24 ? 14.641  -5.741  0.446   1.00 19.91 ? 21  VAL B CG2 1 
ATOM   666  N N   . SER B 1 25 ? 16.391  -5.342  -3.946  1.00 21.17 ? 22  SER B N   1 
ATOM   667  C CA  . SER B 1 25 ? 16.825  -4.589  -5.124  1.00 20.66 ? 22  SER B CA  1 
ATOM   668  C C   . SER B 1 25 ? 15.977  -3.329  -5.221  1.00 20.34 ? 22  SER B C   1 
ATOM   669  O O   . SER B 1 25 ? 14.760  -3.378  -5.022  1.00 19.35 ? 22  SER B O   1 
ATOM   670  C CB  . SER B 1 25 ? 16.663  -5.426  -6.399  1.00 20.57 ? 22  SER B CB  1 
ATOM   671  O OG  . SER B 1 25 ? 15.310  -5.461  -6.821  1.00 22.05 ? 22  SER B OG  1 
ATOM   672  N N   . GLU B 1 26 ? 16.617  -2.200  -5.511  1.00 20.63 ? 23  GLU B N   1 
ATOM   673  C CA  . GLU B 1 26 ? 15.892  -0.941  -5.616  1.00 19.66 ? 23  GLU B CA  1 
ATOM   674  C C   . GLU B 1 26 ? 14.611  -1.114  -6.455  1.00 18.75 ? 23  GLU B C   1 
ATOM   675  O O   . GLU B 1 26 ? 13.543  -0.645  -6.061  1.00 13.19 ? 23  GLU B O   1 
ATOM   676  C CB  . GLU B 1 26 ? 16.814  0.136   -6.205  1.00 22.92 ? 23  GLU B CB  1 
ATOM   677  C CG  . GLU B 1 26 ? 16.536  0.543   -7.647  1.00 26.74 ? 23  GLU B CG  1 
ATOM   678  C CD  . GLU B 1 26 ? 15.296  1.408   -7.780  1.00 29.13 ? 23  GLU B CD  1 
ATOM   679  O OE1 . GLU B 1 26 ? 14.388  1.030   -8.550  1.00 32.14 ? 23  GLU B OE1 1 
ATOM   680  O OE2 . GLU B 1 26 ? 15.227  2.463   -7.115  1.00 30.94 ? 23  GLU B OE2 1 
ATOM   681  N N   . GLN B 1 27 ? 14.727  -1.800  -7.593  1.00 19.07 ? 24  GLN B N   1 
ATOM   682  C CA  . GLN B 1 27 ? 13.589  -2.047  -8.484  1.00 21.26 ? 24  GLN B CA  1 
ATOM   683  C C   . GLN B 1 27 ? 12.478  -2.828  -7.786  1.00 21.02 ? 24  GLN B C   1 
ATOM   684  O O   . GLN B 1 27 ? 11.292  -2.515  -7.935  1.00 20.67 ? 24  GLN B O   1 
ATOM   685  C CB  . GLN B 1 27 ? 14.047  -2.816  -9.726  1.00 23.11 ? 24  GLN B CB  1 
ATOM   686  C CG  . GLN B 1 27 ? 14.537  -1.940  -10.874 1.00 29.24 ? 24  GLN B CG  1 
ATOM   687  C CD  . GLN B 1 27 ? 13.403  -1.197  -11.568 1.00 31.36 ? 24  GLN B CD  1 
ATOM   688  O OE1 . GLN B 1 27 ? 12.445  -1.810  -12.044 1.00 32.67 ? 24  GLN B OE1 1 
ATOM   689  N NE2 . GLN B 1 27 ? 13.509  0.126   -11.633 1.00 33.08 ? 24  GLN B NE2 1 
ATOM   690  N N   . ALA B 1 28 ? 12.869  -3.848  -7.026  1.00 21.16 ? 25  ALA B N   1 
ATOM   691  C CA  . ALA B 1 28 ? 11.916  -4.664  -6.287  1.00 19.34 ? 25  ALA B CA  1 
ATOM   692  C C   . ALA B 1 28 ? 11.071  -3.756  -5.400  1.00 19.20 ? 25  ALA B C   1 
ATOM   693  O O   . ALA B 1 28 ? 9.845   -3.810  -5.443  1.00 20.78 ? 25  ALA B O   1 
ATOM   694  C CB  . ALA B 1 28 ? 12.656  -5.699  -5.440  1.00 18.11 ? 25  ALA B CB  1 
ATOM   695  N N   . ALA B 1 29 ? 11.724  -2.910  -4.610  1.00 17.80 ? 26  ALA B N   1 
ATOM   696  C CA  . ALA B 1 29 ? 11.004  -2.000  -3.724  1.00 17.38 ? 26  ALA B CA  1 
ATOM   697  C C   . ALA B 1 29 ? 10.131  -1.029  -4.510  1.00 17.70 ? 26  ALA B C   1 
ATOM   698  O O   . ALA B 1 29 ? 8.990   -0.746  -4.115  1.00 15.81 ? 26  ALA B O   1 
ATOM   699  C CB  . ALA B 1 29 ? 11.985  -1.225  -2.845  1.00 16.45 ? 26  ALA B CB  1 
ATOM   700  N N   . LYS B 1 30 ? 10.662  -0.520  -5.621  1.00 16.89 ? 27  LYS B N   1 
ATOM   701  C CA  . LYS B 1 30 ? 9.912   0.423   -6.449  1.00 17.09 ? 27  LYS B CA  1 
ATOM   702  C C   . LYS B 1 30 ? 8.610   -0.188  -6.984  1.00 16.84 ? 27  LYS B C   1 
ATOM   703  O O   . LYS B 1 30 ? 7.550   0.419   -6.877  1.00 16.82 ? 27  LYS B O   1 
ATOM   704  C CB  . LYS B 1 30 ? 10.776  0.900   -7.629  1.00 18.67 ? 27  LYS B CB  1 
ATOM   705  C CG  . LYS B 1 30 ? 10.097  1.904   -8.581  1.00 19.69 ? 27  LYS B CG  1 
ATOM   706  C CD  . LYS B 1 30 ? 11.027  2.279   -9.751  1.00 23.08 ? 27  LYS B CD  1 
ATOM   707  C CE  . LYS B 1 30 ? 10.354  3.203   -10.770 1.00 24.68 ? 27  LYS B CE  1 
ATOM   708  N NZ  . LYS B 1 30 ? 11.158  3.377   -12.035 1.00 24.35 ? 27  LYS B NZ  1 
ATOM   709  N N   . VAL B 1 31 ? 8.698   -1.385  -7.564  1.00 17.06 ? 28  VAL B N   1 
ATOM   710  C CA  . VAL B 1 31 ? 7.528   -2.049  -8.130  1.00 16.62 ? 28  VAL B CA  1 
ATOM   711  C C   . VAL B 1 31 ? 6.462   -2.339  -7.078  1.00 17.08 ? 28  VAL B C   1 
ATOM   712  O O   . VAL B 1 31 ? 5.267   -2.221  -7.351  1.00 17.59 ? 28  VAL B O   1 
ATOM   713  C CB  . VAL B 1 31 ? 7.924   -3.358  -8.843  1.00 18.91 ? 28  VAL B CB  1 
ATOM   714  C CG1 . VAL B 1 31 ? 6.681   -4.165  -9.200  1.00 18.56 ? 28  VAL B CG1 1 
ATOM   715  C CG2 . VAL B 1 31 ? 8.725   -3.037  -10.105 1.00 19.76 ? 28  VAL B CG2 1 
ATOM   716  N N   . LEU B 1 32 ? 6.887   -2.713  -5.875  1.00 15.30 ? 29  LEU B N   1 
ATOM   717  C CA  . LEU B 1 32 ? 5.927   -2.978  -4.818  1.00 14.77 ? 29  LEU B CA  1 
ATOM   718  C C   . LEU B 1 32 ? 5.255   -1.663  -4.421  1.00 14.42 ? 29  LEU B C   1 
ATOM   719  O O   . LEU B 1 32 ? 4.057   -1.629  -4.133  1.00 14.40 ? 29  LEU B O   1 
ATOM   720  C CB  . LEU B 1 32 ? 6.614   -3.604  -3.600  1.00 13.83 ? 29  LEU B CB  1 
ATOM   721  C CG  . LEU B 1 32 ? 5.666   -3.964  -2.447  1.00 14.28 ? 29  LEU B CG  1 
ATOM   722  C CD1 . LEU B 1 32 ? 4.491   -4.783  -2.969  1.00 9.47  ? 29  LEU B CD1 1 
ATOM   723  C CD2 . LEU B 1 32 ? 6.427   -4.735  -1.380  1.00 11.91 ? 29  LEU B CD2 1 
ATOM   724  N N   . ALA B 1 33 ? 6.032   -0.583  -4.420  1.00 13.42 ? 30  ALA B N   1 
ATOM   725  C CA  . ALA B 1 33 ? 5.505   0.733   -4.065  1.00 12.18 ? 30  ALA B CA  1 
ATOM   726  C C   . ALA B 1 33 ? 4.464   1.195   -5.084  1.00 11.73 ? 30  ALA B C   1 
ATOM   727  O O   . ALA B 1 33 ? 3.447   1.789   -4.726  1.00 11.05 ? 30  ALA B O   1 
ATOM   728  C CB  . ALA B 1 33 ? 6.651   1.753   -3.967  1.00 9.79  ? 30  ALA B CB  1 
ATOM   729  N N   . GLU B 1 34 ? 4.717   0.910   -6.357  1.00 12.57 ? 31  GLU B N   1 
ATOM   730  C CA  . GLU B 1 34 ? 3.797   1.295   -7.413  1.00 13.92 ? 31  GLU B CA  1 
ATOM   731  C C   . GLU B 1 34 ? 2.520   0.457   -7.328  1.00 14.47 ? 31  GLU B C   1 
ATOM   732  O O   . GLU B 1 34 ? 1.421   0.964   -7.548  1.00 14.01 ? 31  GLU B O   1 
ATOM   733  C CB  . GLU B 1 34 ? 4.475   1.126   -8.776  1.00 16.50 ? 31  GLU B CB  1 
ATOM   734  C CG  . GLU B 1 34 ? 5.804   1.875   -8.854  1.00 24.17 ? 31  GLU B CG  1 
ATOM   735  C CD  . GLU B 1 34 ? 6.537   1.695   -10.167 1.00 25.58 ? 31  GLU B CD  1 
ATOM   736  O OE1 . GLU B 1 34 ? 6.494   0.576   -10.729 1.00 26.94 ? 31  GLU B OE1 1 
ATOM   737  O OE2 . GLU B 1 34 ? 7.168   2.675   -10.624 1.00 26.44 ? 31  GLU B OE2 1 
ATOM   738  N N   . TYR B 1 35 ? 2.657   -0.824  -7.010  1.00 13.16 ? 32  TYR B N   1 
ATOM   739  C CA  . TYR B 1 35 ? 1.471   -1.646  -6.885  1.00 16.13 ? 32  TYR B CA  1 
ATOM   740  C C   . TYR B 1 35 ? 0.624   -1.167  -5.700  1.00 16.27 ? 32  TYR B C   1 
ATOM   741  O O   . TYR B 1 35 ? -0.608  -1.096  -5.794  1.00 14.88 ? 32  TYR B O   1 
ATOM   742  C CB  . TYR B 1 35 ? 1.829   -3.122  -6.702  1.00 16.88 ? 32  TYR B CB  1 
ATOM   743  C CG  . TYR B 1 35 ? 0.624   -3.942  -6.302  1.00 21.09 ? 32  TYR B CG  1 
ATOM   744  C CD1 . TYR B 1 35 ? 0.505   -4.454  -5.007  1.00 21.44 ? 32  TYR B CD1 1 
ATOM   745  C CD2 . TYR B 1 35 ? -0.441  -4.125  -7.187  1.00 18.43 ? 32  TYR B CD2 1 
ATOM   746  C CE1 . TYR B 1 35 ? -0.651  -5.121  -4.600  1.00 22.00 ? 32  TYR B CE1 1 
ATOM   747  C CE2 . TYR B 1 35 ? -1.597  -4.777  -6.797  1.00 18.18 ? 32  TYR B CE2 1 
ATOM   748  C CZ  . TYR B 1 35 ? -1.704  -5.274  -5.499  1.00 21.80 ? 32  TYR B CZ  1 
ATOM   749  O OH  . TYR B 1 35 ? -2.869  -5.881  -5.089  1.00 20.80 ? 32  TYR B OH  1 
ATOM   750  N N   . LEU B 1 36 ? 1.279   -0.837  -4.588  1.00 16.45 ? 33  LEU B N   1 
ATOM   751  C CA  . LEU B 1 36 ? 0.555   -0.361  -3.409  1.00 18.31 ? 33  LEU B CA  1 
ATOM   752  C C   . LEU B 1 36 ? -0.154  0.936   -3.745  1.00 18.43 ? 33  LEU B C   1 
ATOM   753  O O   . LEU B 1 36 ? -1.222  1.231   -3.213  1.00 18.88 ? 33  LEU B O   1 
ATOM   754  C CB  . LEU B 1 36 ? 1.510   -0.121  -2.234  1.00 19.16 ? 33  LEU B CB  1 
ATOM   755  C CG  . LEU B 1 36 ? 2.224   -1.334  -1.641  1.00 21.41 ? 33  LEU B CG  1 
ATOM   756  C CD1 . LEU B 1 36 ? 3.222   -0.849  -0.593  1.00 21.17 ? 33  LEU B CD1 1 
ATOM   757  C CD2 . LEU B 1 36 ? 1.215   -2.308  -1.025  1.00 21.27 ? 33  LEU B CD2 1 
ATOM   758  N N   . GLU B 1 37 ? 0.461   1.711   -4.631  1.00 19.05 ? 34  GLU B N   1 
ATOM   759  C CA  . GLU B 1 37 ? -0.102  2.984   -5.056  1.00 20.65 ? 34  GLU B CA  1 
ATOM   760  C C   . GLU B 1 37 ? -1.374  2.733   -5.861  1.00 19.92 ? 34  GLU B C   1 
ATOM   761  O O   . GLU B 1 37 ? -2.390  3.393   -5.672  1.00 19.09 ? 34  GLU B O   1 
ATOM   762  C CB  . GLU B 1 37 ? 0.910   3.742   -5.918  1.00 21.87 ? 34  GLU B CB  1 
ATOM   763  C CG  . GLU B 1 37 ? 0.502   5.172   -6.248  1.00 27.03 ? 34  GLU B CG  1 
ATOM   764  C CD  . GLU B 1 37 ? 1.421   5.833   -7.264  1.00 30.51 ? 34  GLU B CD  1 
ATOM   765  O OE1 . GLU B 1 37 ? 1.418   7.080   -7.348  1.00 29.38 ? 34  GLU B OE1 1 
ATOM   766  O OE2 . GLU B 1 37 ? 2.138   5.105   -7.988  1.00 33.16 ? 34  GLU B OE2 1 
ATOM   767  N N   . GLU B 1 38 ? -1.296  1.774   -6.770  1.00 20.76 ? 35  GLU B N   1 
ATOM   768  C CA  . GLU B 1 38 ? -2.422  1.401   -7.615  1.00 22.19 ? 35  GLU B CA  1 
ATOM   769  C C   . GLU B 1 38 ? -3.570  0.848   -6.769  1.00 21.33 ? 35  GLU B C   1 
ATOM   770  O O   . GLU B 1 38 ? -4.741  1.131   -7.017  1.00 20.30 ? 35  GLU B O   1 
ATOM   771  C CB  . GLU B 1 38 ? -1.963  0.340   -8.623  1.00 24.07 ? 35  GLU B CB  1 
ATOM   772  C CG  . GLU B 1 38 ? -3.083  -0.523  -9.189  1.00 29.59 ? 35  GLU B CG  1 
ATOM   773  C CD  . GLU B 1 38 ? -2.561  -1.663  -10.053 1.00 32.11 ? 35  GLU B CD  1 
ATOM   774  O OE1 . GLU B 1 38 ? -1.866  -1.378  -11.055 1.00 33.10 ? 35  GLU B OE1 1 
ATOM   775  O OE2 . GLU B 1 38 ? -2.842  -2.842  -9.730  1.00 33.62 ? 35  GLU B OE2 1 
ATOM   776  N N   . TYR B 1 39 ? -3.216  0.065   -5.761  1.00 21.34 ? 36  TYR B N   1 
ATOM   777  C CA  . TYR B 1 39 ? -4.199  -0.566  -4.887  1.00 21.19 ? 36  TYR B CA  1 
ATOM   778  C C   . TYR B 1 39 ? -4.918  0.435   -3.987  1.00 20.01 ? 36  TYR B C   1 
ATOM   779  O O   . TYR B 1 39 ? -6.133  0.342   -3.779  1.00 18.81 ? 36  TYR B O   1 
ATOM   780  C CB  . TYR B 1 39 ? -3.500  -1.634  -4.037  1.00 22.05 ? 36  TYR B CB  1 
ATOM   781  C CG  . TYR B 1 39 ? -4.412  -2.441  -3.148  1.00 22.68 ? 36  TYR B CG  1 
ATOM   782  C CD1 . TYR B 1 39 ? -4.099  -2.632  -1.813  1.00 23.22 ? 36  TYR B CD1 1 
ATOM   783  C CD2 . TYR B 1 39 ? -5.565  -3.043  -3.651  1.00 25.10 ? 36  TYR B CD2 1 
ATOM   784  C CE1 . TYR B 1 39 ? -4.900  -3.401  -0.992  1.00 25.65 ? 36  TYR B CE1 1 
ATOM   785  C CE2 . TYR B 1 39 ? -6.382  -3.822  -2.837  1.00 27.59 ? 36  TYR B CE2 1 
ATOM   786  C CZ  . TYR B 1 39 ? -6.041  -3.996  -1.504  1.00 26.67 ? 36  TYR B CZ  1 
ATOM   787  O OH  . TYR B 1 39 ? -6.830  -4.765  -0.678  1.00 28.34 ? 36  TYR B OH  1 
ATOM   788  N N   . ALA B 1 40 ? -4.166  1.390   -3.456  1.00 18.95 ? 37  ALA B N   1 
ATOM   789  C CA  . ALA B 1 40 ? -4.724  2.397   -2.564  1.00 17.63 ? 37  ALA B CA  1 
ATOM   790  C C   . ALA B 1 40 ? -5.768  3.225   -3.298  1.00 16.94 ? 37  ALA B C   1 
ATOM   791  O O   . ALA B 1 40 ? -6.810  3.560   -2.746  1.00 14.94 ? 37  ALA B O   1 
ATOM   792  C CB  . ALA B 1 40 ? -3.601  3.294   -2.031  1.00 18.80 ? 37  ALA B CB  1 
ATOM   793  N N   . ILE B 1 41 ? -5.468  3.564   -4.546  1.00 16.24 ? 38  ILE B N   1 
ATOM   794  C CA  . ILE B 1 41 ? -6.380  4.337   -5.370  1.00 17.94 ? 38  ILE B CA  1 
ATOM   795  C C   . ILE B 1 41 ? -7.681  3.562   -5.586  1.00 17.78 ? 38  ILE B C   1 
ATOM   796  O O   . ILE B 1 41 ? -8.773  4.121   -5.464  1.00 17.54 ? 38  ILE B O   1 
ATOM   797  C CB  . ILE B 1 41 ? -5.753  4.652   -6.744  1.00 17.97 ? 38  ILE B CB  1 
ATOM   798  C CG1 . ILE B 1 41 ? -4.502  5.499   -6.551  1.00 19.48 ? 38  ILE B CG1 1 
ATOM   799  C CG2 . ILE B 1 41 ? -6.757  5.395   -7.624  1.00 18.92 ? 38  ILE B CG2 1 
ATOM   800  C CD1 . ILE B 1 41 ? -3.828  5.878   -7.846  1.00 22.18 ? 38  ILE B CD1 1 
ATOM   801  N N   . GLU B 1 42 ? -7.558  2.275   -5.901  1.00 17.86 ? 39  GLU B N   1 
ATOM   802  C CA  . GLU B 1 42 ? -8.734  1.439   -6.127  1.00 19.91 ? 39  GLU B CA  1 
ATOM   803  C C   . GLU B 1 42 ? -9.585  1.484   -4.863  1.00 18.04 ? 39  GLU B C   1 
ATOM   804  O O   . GLU B 1 42 ? -10.792 1.706   -4.922  1.00 16.27 ? 39  GLU B O   1 
ATOM   805  C CB  . GLU B 1 42 ? -8.334  -0.019  -6.412  1.00 21.37 ? 39  GLU B CB  1 
ATOM   806  C CG  . GLU B 1 42 ? -7.227  -0.206  -7.442  1.00 29.46 ? 39  GLU B CG  1 
ATOM   807  C CD  . GLU B 1 42 ? -6.777  -1.672  -7.582  1.00 33.89 ? 39  GLU B CD  1 
ATOM   808  O OE1 . GLU B 1 42 ? -6.613  -2.365  -6.551  1.00 37.03 ? 39  GLU B OE1 1 
ATOM   809  O OE2 . GLU B 1 42 ? -6.573  -2.131  -8.725  1.00 36.14 ? 39  GLU B OE2 1 
ATOM   810  N N   . ILE B 1 43 ? -8.940  1.271   -3.719  1.00 16.86 ? 40  ILE B N   1 
ATOM   811  C CA  . ILE B 1 43 ? -9.637  1.284   -2.444  1.00 17.18 ? 40  ILE B CA  1 
ATOM   812  C C   . ILE B 1 43 ? -10.247 2.659   -2.201  1.00 16.52 ? 40  ILE B C   1 
ATOM   813  O O   . ILE B 1 43 ? -11.386 2.768   -1.742  1.00 15.01 ? 40  ILE B O   1 
ATOM   814  C CB  . ILE B 1 43 ? -8.678  0.948   -1.266  1.00 18.11 ? 40  ILE B CB  1 
ATOM   815  C CG1 . ILE B 1 43 ? -8.038  -0.423  -1.489  1.00 18.27 ? 40  ILE B CG1 1 
ATOM   816  C CG2 . ILE B 1 43 ? -9.446  0.945   0.060   1.00 18.33 ? 40  ILE B CG2 1 
ATOM   817  C CD1 . ILE B 1 43 ? -7.069  -0.819  -0.405  1.00 22.15 ? 40  ILE B CD1 1 
ATOM   818  N N   . ALA B 1 44 ? -9.487  3.698   -2.532  1.00 16.07 ? 41  ALA B N   1 
ATOM   819  C CA  . ALA B 1 44 ? -9.918  5.075   -2.335  1.00 17.39 ? 41  ALA B CA  1 
ATOM   820  C C   . ALA B 1 44 ? -11.159 5.442   -3.142  1.00 18.66 ? 41  ALA B C   1 
ATOM   821  O O   . ALA B 1 44 ? -12.053 6.126   -2.642  1.00 16.81 ? 41  ALA B O   1 
ATOM   822  C CB  . ALA B 1 44 ? -8.778  6.023   -2.675  1.00 18.25 ? 41  ALA B CB  1 
ATOM   823  N N   . LYS B 1 45 ? -11.205 4.999   -4.394  1.00 19.88 ? 42  LYS B N   1 
ATOM   824  C CA  . LYS B 1 45 ? -12.346 5.292   -5.253  1.00 20.57 ? 42  LYS B CA  1 
ATOM   825  C C   . LYS B 1 45 ? -13.632 4.762   -4.631  1.00 19.94 ? 42  LYS B C   1 
ATOM   826  O O   . LYS B 1 45 ? -14.689 5.389   -4.733  1.00 20.29 ? 42  LYS B O   1 
ATOM   827  C CB  . LYS B 1 45 ? -12.130 4.675   -6.634  1.00 21.44 ? 42  LYS B CB  1 
ATOM   828  C CG  . LYS B 1 45 ? -11.106 5.416   -7.479  1.00 22.49 ? 42  LYS B CG  1 
ATOM   829  C CD  . LYS B 1 45 ? -10.884 4.719   -8.806  1.00 24.34 ? 42  LYS B CD  1 
ATOM   830  C CE  . LYS B 1 45 ? -9.928  5.503   -9.677  1.00 22.13 ? 42  LYS B CE  1 
ATOM   831  N NZ  . LYS B 1 45 ? -9.587  4.735   -10.900 1.00 26.09 ? 42  LYS B NZ  1 
ATOM   832  N N   . LYS B 1 46 ? -13.530 3.609   -3.978  1.00 19.66 ? 43  LYS B N   1 
ATOM   833  C CA  . LYS B 1 46 ? -14.679 3.000   -3.319  1.00 18.58 ? 43  LYS B CA  1 
ATOM   834  C C   . LYS B 1 46 ? -15.032 3.844   -2.108  1.00 17.49 ? 43  LYS B C   1 
ATOM   835  O O   . LYS B 1 46 ? -16.205 4.032   -1.786  1.00 18.12 ? 43  LYS B O   1 
ATOM   836  C CB  . LYS B 1 46 ? -14.350 1.566   -2.883  1.00 18.94 ? 43  LYS B CB  1 
ATOM   837  C CG  . LYS B 1 46 ? -13.954 0.637   -4.031  1.00 20.98 ? 43  LYS B CG  1 
ATOM   838  C CD  . LYS B 1 46 ? -13.466 -0.723  -3.532  1.00 20.85 ? 43  LYS B CD  1 
ATOM   839  C CE  . LYS B 1 46 ? -13.132 -1.659  -4.695  1.00 19.51 ? 43  LYS B CE  1 
ATOM   840  N NZ  . LYS B 1 46 ? -12.763 -3.026  -4.223  1.00 17.00 ? 43  LYS B NZ  1 
ATOM   841  N N   . ALA B 1 47 ? -14.002 4.362   -1.445  1.00 16.90 ? 44  ALA B N   1 
ATOM   842  C CA  . ALA B 1 47 ? -14.189 5.193   -0.266  1.00 16.48 ? 44  ALA B CA  1 
ATOM   843  C C   . ALA B 1 47 ? -14.913 6.498   -0.616  1.00 16.64 ? 44  ALA B C   1 
ATOM   844  O O   . ALA B 1 47 ? -15.740 6.976   0.153   1.00 15.57 ? 44  ALA B O   1 
ATOM   845  C CB  . ALA B 1 47 ? -12.834 5.488   0.381   1.00 16.09 ? 44  ALA B CB  1 
ATOM   846  N N   . VAL B 1 48 ? -14.590 7.075   -1.769  1.00 17.39 ? 45  VAL B N   1 
ATOM   847  C CA  . VAL B 1 48 ? -15.229 8.316   -2.211  1.00 17.74 ? 45  VAL B CA  1 
ATOM   848  C C   . VAL B 1 48 ? -16.711 8.069   -2.497  1.00 19.13 ? 45  VAL B C   1 
ATOM   849  O O   . VAL B 1 48 ? -17.551 8.941   -2.269  1.00 18.42 ? 45  VAL B O   1 
ATOM   850  C CB  . VAL B 1 48 ? -14.552 8.881   -3.497  1.00 18.31 ? 45  VAL B CB  1 
ATOM   851  C CG1 . VAL B 1 48 ? -15.443 9.935   -4.144  1.00 14.30 ? 45  VAL B CG1 1 
ATOM   852  C CG2 . VAL B 1 48 ? -13.185 9.491   -3.149  1.00 16.08 ? 45  VAL B CG2 1 
ATOM   853  N N   . GLU B 1 49 ? -17.023 6.874   -2.997  1.00 20.94 ? 46  GLU B N   1 
ATOM   854  C CA  . GLU B 1 49 ? -18.406 6.517   -3.302  1.00 22.47 ? 46  GLU B CA  1 
ATOM   855  C C   . GLU B 1 49 ? -19.261 6.465   -2.043  1.00 22.07 ? 46  GLU B C   1 
ATOM   856  O O   . GLU B 1 49 ? -20.326 7.079   -1.989  1.00 22.42 ? 46  GLU B O   1 
ATOM   857  C CB  . GLU B 1 49 ? -18.465 5.182   -4.057  1.00 24.73 ? 46  GLU B CB  1 
ATOM   858  C CG  . GLU B 1 49 ? -18.430 5.371   -5.576  1.00 32.08 ? 46  GLU B CG  1 
ATOM   859  C CD  . GLU B 1 49 ? -17.957 4.144   -6.327  1.00 36.47 ? 46  GLU B CD  1 
ATOM   860  O OE1 . GLU B 1 49 ? -18.641 3.095   -6.265  1.00 39.40 ? 46  GLU B OE1 1 
ATOM   861  O OE2 . GLU B 1 49 ? -16.895 4.230   -6.986  1.00 39.45 ? 46  GLU B OE2 1 
ATOM   862  N N   . PHE B 1 50 ? -18.805 5.738   -1.029  1.00 21.15 ? 47  PHE B N   1 
ATOM   863  C CA  . PHE B 1 50 ? -19.561 5.677   0.212   1.00 21.48 ? 47  PHE B CA  1 
ATOM   864  C C   . PHE B 1 50 ? -19.775 7.105   0.716   1.00 21.18 ? 47  PHE B C   1 
ATOM   865  O O   . PHE B 1 50 ? -20.883 7.477   1.096   1.00 21.27 ? 47  PHE B O   1 
ATOM   866  C CB  . PHE B 1 50 ? -18.815 4.860   1.277   1.00 21.10 ? 47  PHE B CB  1 
ATOM   867  C CG  . PHE B 1 50 ? -18.702 3.398   0.956   1.00 22.20 ? 47  PHE B CG  1 
ATOM   868  C CD1 . PHE B 1 50 ? -17.475 2.840   0.600   1.00 24.13 ? 47  PHE B CD1 1 
ATOM   869  C CD2 . PHE B 1 50 ? -19.824 2.575   0.997   1.00 23.72 ? 47  PHE B CD2 1 
ATOM   870  C CE1 . PHE B 1 50 ? -17.363 1.482   0.286   1.00 23.24 ? 47  PHE B CE1 1 
ATOM   871  C CE2 . PHE B 1 50 ? -19.725 1.219   0.686   1.00 24.03 ? 47  PHE B CE2 1 
ATOM   872  C CZ  . PHE B 1 50 ? -18.489 0.671   0.329   1.00 23.85 ? 47  PHE B CZ  1 
ATOM   873  N N   . ALA B 1 51 ? -18.713 7.905   0.701   1.00 20.96 ? 48  ALA B N   1 
ATOM   874  C CA  . ALA B 1 51 ? -18.786 9.287   1.171   1.00 23.24 ? 48  ALA B CA  1 
ATOM   875  C C   . ALA B 1 51 ? -19.805 10.113  0.397   1.00 23.84 ? 48  ALA B C   1 
ATOM   876  O O   . ALA B 1 51 ? -20.603 10.835  0.985   1.00 24.70 ? 48  ALA B O   1 
ATOM   877  C CB  . ALA B 1 51 ? -17.409 9.947   1.086   1.00 20.41 ? 48  ALA B CB  1 
ATOM   878  N N   . ARG B 1 52 ? -19.773 10.003  -0.924  1.00 26.23 ? 49  ARG B N   1 
ATOM   879  C CA  . ARG B 1 52 ? -20.689 10.745  -1.781  1.00 28.04 ? 49  ARG B CA  1 
ATOM   880  C C   . ARG B 1 52 ? -22.153 10.411  -1.488  1.00 27.94 ? 49  ARG B C   1 
ATOM   881  O O   . ARG B 1 52 ? -22.996 11.304  -1.323  1.00 26.33 ? 49  ARG B O   1 
ATOM   882  C CB  . ARG B 1 52 ? -20.371 10.447  -3.252  1.00 31.65 ? 49  ARG B CB  1 
ATOM   883  C CG  . ARG B 1 52 ? -21.303 11.117  -4.255  1.00 36.41 ? 49  ARG B CG  1 
ATOM   884  C CD  . ARG B 1 52 ? -22.364 10.161  -4.780  1.00 39.41 ? 49  ARG B CD  1 
ATOM   885  N NE  . ARG B 1 52 ? -22.114 9.762   -6.168  1.00 41.94 ? 49  ARG B NE  1 
ATOM   886  C CZ  . ARG B 1 52 ? -21.015 9.142   -6.591  1.00 43.55 ? 49  ARG B CZ  1 
ATOM   887  N NH1 . ARG B 1 52 ? -20.041 8.844   -5.742  1.00 45.32 ? 49  ARG B NH1 1 
ATOM   888  N NH2 . ARG B 1 52 ? -20.888 8.814   -7.869  1.00 44.01 ? 49  ARG B NH2 1 
ATOM   889  N N   . HIS B 1 53 ? -22.455 9.121   -1.417  1.00 26.54 ? 50  HIS B N   1 
ATOM   890  C CA  . HIS B 1 53 ? -23.823 8.695   -1.162  1.00 25.84 ? 50  HIS B CA  1 
ATOM   891  C C   . HIS B 1 53 ? -24.263 9.050   0.241   1.00 24.81 ? 50  HIS B C   1 
ATOM   892  O O   . HIS B 1 53 ? -25.455 9.095   0.535   1.00 24.71 ? 50  HIS B O   1 
ATOM   893  C CB  . HIS B 1 53 ? -23.954 7.196   -1.439  1.00 24.65 ? 50  HIS B CB  1 
ATOM   894  C CG  . HIS B 1 53 ? -23.783 6.855   -2.885  1.00 22.95 ? 50  HIS B CG  1 
ATOM   895  N ND1 . HIS B 1 53 ? -24.835 6.852   -3.778  1.00 22.90 ? 50  HIS B ND1 1 
ATOM   896  C CD2 . HIS B 1 53 ? -22.673 6.606   -3.617  1.00 22.65 ? 50  HIS B CD2 1 
ATOM   897  C CE1 . HIS B 1 53 ? -24.377 6.619   -4.993  1.00 23.73 ? 50  HIS B CE1 1 
ATOM   898  N NE2 . HIS B 1 53 ? -23.065 6.468   -4.923  1.00 22.67 ? 50  HIS B NE2 1 
ATOM   899  N N   . ALA B 1 54 ? -23.294 9.316   1.105   1.00 24.93 ? 51  ALA B N   1 
ATOM   900  C CA  . ALA B 1 54 ? -23.601 9.701   2.471   1.00 24.06 ? 51  ALA B CA  1 
ATOM   901  C C   . ALA B 1 54 ? -23.786 11.210  2.451   1.00 25.93 ? 51  ALA B C   1 
ATOM   902  O O   . ALA B 1 54 ? -24.061 11.829  3.477   1.00 27.68 ? 51  ALA B O   1 
ATOM   903  C CB  . ALA B 1 54 ? -22.461 9.319   3.402   1.00 25.29 ? 51  ALA B CB  1 
ATOM   904  N N   . GLY B 1 55 ? -23.629 11.794  1.268   1.00 25.02 ? 52  GLY B N   1 
ATOM   905  C CA  . GLY B 1 55 ? -23.785 13.229  1.125   1.00 28.71 ? 52  GLY B CA  1 
ATOM   906  C C   . GLY B 1 55 ? -22.590 14.030  1.622   1.00 29.56 ? 52  GLY B C   1 
ATOM   907  O O   . GLY B 1 55 ? -22.661 15.255  1.704   1.00 30.45 ? 52  GLY B O   1 
ATOM   908  N N   . ARG B 1 56 ? -21.494 13.343  1.950   1.00 30.17 ? 53  ARG B N   1 
ATOM   909  C CA  . ARG B 1 56 ? -20.281 13.998  2.451   1.00 29.31 ? 53  ARG B CA  1 
ATOM   910  C C   . ARG B 1 56 ? -19.193 14.225  1.393   1.00 28.36 ? 53  ARG B C   1 
ATOM   911  O O   . ARG B 1 56 ? -19.048 13.443  0.452   1.00 26.63 ? 53  ARG B O   1 
ATOM   912  C CB  . ARG B 1 56 ? -19.685 13.186  3.607   1.00 29.84 ? 53  ARG B CB  1 
ATOM   913  C CG  . ARG B 1 56 ? -20.551 13.143  4.848   1.00 30.59 ? 53  ARG B CG  1 
ATOM   914  C CD  . ARG B 1 56 ? -19.819 12.525  6.045   1.00 31.46 ? 53  ARG B CD  1 
ATOM   915  N NE  . ARG B 1 56 ? -19.849 11.065  6.053   1.00 30.39 ? 53  ARG B NE  1 
ATOM   916  C CZ  . ARG B 1 56 ? -19.061 10.276  5.327   1.00 30.36 ? 53  ARG B CZ  1 
ATOM   917  N NH1 . ARG B 1 56 ? -18.154 10.792  4.512   1.00 29.04 ? 53  ARG B NH1 1 
ATOM   918  N NH2 . ARG B 1 56 ? -19.183 8.959   5.420   1.00 28.54 ? 53  ARG B NH2 1 
ATOM   919  N N   . LYS B 1 57 ? -18.424 15.297  1.561   1.00 29.36 ? 54  LYS B N   1 
ATOM   920  C CA  . LYS B 1 57 ? -17.339 15.617  0.632   1.00 29.43 ? 54  LYS B CA  1 
ATOM   921  C C   . LYS B 1 57 ? -16.006 15.218  1.275   1.00 28.00 ? 54  LYS B C   1 
ATOM   922  O O   . LYS B 1 57 ? -14.962 15.187  0.624   1.00 26.24 ? 54  LYS B O   1 
ATOM   923  C CB  . LYS B 1 57 ? -17.329 17.116  0.309   1.00 31.38 ? 54  LYS B CB  1 
ATOM   924  C CG  . LYS B 1 57 ? -18.667 17.681  -0.159  1.00 34.09 ? 54  LYS B CG  1 
ATOM   925  C CD  . LYS B 1 57 ? -19.208 18.688  0.858   1.00 37.39 ? 54  LYS B CD  1 
ATOM   926  C CE  . LYS B 1 57 ? -19.492 18.010  2.191   1.00 38.22 ? 54  LYS B CE  1 
ATOM   927  N NZ  . LYS B 1 57 ? -19.014 18.767  3.377   1.00 40.90 ? 54  LYS B NZ  1 
ATOM   928  N N   . THR B 1 58 ? -16.061 14.916  2.567   1.00 26.66 ? 55  THR B N   1 
ATOM   929  C CA  . THR B 1 58 ? -14.879 14.513  3.312   1.00 24.72 ? 55  THR B CA  1 
ATOM   930  C C   . THR B 1 58 ? -14.907 13.007  3.516   1.00 24.47 ? 55  THR B C   1 
ATOM   931  O O   . THR B 1 58 ? -15.863 12.474  4.074   1.00 23.59 ? 55  THR B O   1 
ATOM   932  C CB  . THR B 1 58 ? -14.851 15.169  4.699   1.00 25.08 ? 55  THR B CB  1 
ATOM   933  O OG1 . THR B 1 58 ? -14.837 16.594  4.555   1.00 27.56 ? 55  THR B OG1 1 
ATOM   934  C CG2 . THR B 1 58 ? -13.627 14.717  5.480   1.00 23.64 ? 55  THR B CG2 1 
ATOM   935  N N   . VAL B 1 59 ? -13.869 12.318  3.050   1.00 23.23 ? 56  VAL B N   1 
ATOM   936  C CA  . VAL B 1 59 ? -13.787 10.877  3.228   1.00 22.35 ? 56  VAL B CA  1 
ATOM   937  C C   . VAL B 1 59 ? -13.361 10.624  4.676   1.00 23.06 ? 56  VAL B C   1 
ATOM   938  O O   . VAL B 1 59 ? -12.361 11.184  5.146   1.00 22.81 ? 56  VAL B O   1 
ATOM   939  C CB  . VAL B 1 59 ? -12.752 10.252  2.258   1.00 22.10 ? 56  VAL B CB  1 
ATOM   940  C CG1 . VAL B 1 59 ? -12.351 8.865   2.737   1.00 22.35 ? 56  VAL B CG1 1 
ATOM   941  C CG2 . VAL B 1 59 ? -13.340 10.164  0.863   1.00 21.16 ? 56  VAL B CG2 1 
ATOM   942  N N   . LYS B 1 60 ? -14.122 9.788   5.377   1.00 20.74 ? 57  LYS B N   1 
ATOM   943  C CA  . LYS B 1 60 ? -13.834 9.478   6.771   1.00 21.28 ? 57  LYS B CA  1 
ATOM   944  C C   . LYS B 1 60 ? -13.309 8.055   6.986   1.00 20.76 ? 57  LYS B C   1 
ATOM   945  O O   . LYS B 1 60 ? -13.141 7.291   6.034   1.00 19.25 ? 57  LYS B O   1 
ATOM   946  C CB  . LYS B 1 60 ? -15.086 9.703   7.628   1.00 23.70 ? 57  LYS B CB  1 
ATOM   947  C CG  . LYS B 1 60 ? -15.507 11.160  7.794   1.00 23.42 ? 57  LYS B CG  1 
ATOM   948  C CD  . LYS B 1 60 ? -16.615 11.264  8.847   1.00 27.98 ? 57  LYS B CD  1 
ATOM   949  C CE  . LYS B 1 60 ? -17.006 12.704  9.155   1.00 28.62 ? 57  LYS B CE  1 
ATOM   950  N NZ  . LYS B 1 60 ? -15.865 13.470  9.717   1.00 33.54 ? 57  LYS B NZ  1 
ATOM   951  N N   . VAL B 1 61 ? -13.039 7.712   8.243   1.00 20.20 ? 58  VAL B N   1 
ATOM   952  C CA  . VAL B 1 61 ? -12.516 6.391   8.597   1.00 22.12 ? 58  VAL B CA  1 
ATOM   953  C C   . VAL B 1 61 ? -13.494 5.285   8.249   1.00 20.18 ? 58  VAL B C   1 
ATOM   954  O O   . VAL B 1 61 ? -13.103 4.228   7.756   1.00 18.80 ? 58  VAL B O   1 
ATOM   955  C CB  . VAL B 1 61 ? -12.192 6.283   10.119  1.00 22.39 ? 58  VAL B CB  1 
ATOM   956  C CG1 . VAL B 1 61 ? -11.869 4.834   10.482  1.00 23.92 ? 58  VAL B CG1 1 
ATOM   957  C CG2 . VAL B 1 61 ? -11.004 7.162   10.465  1.00 24.04 ? 58  VAL B CG2 1 
ATOM   958  N N   . GLU B 1 62 ? -14.768 5.537   8.529   1.00 21.25 ? 59  GLU B N   1 
ATOM   959  C CA  . GLU B 1 62 ? -15.819 4.569   8.261   1.00 22.82 ? 59  GLU B CA  1 
ATOM   960  C C   . GLU B 1 62 ? -15.826 4.205   6.776   1.00 22.95 ? 59  GLU B C   1 
ATOM   961  O O   . GLU B 1 62 ? -16.077 3.058   6.418   1.00 22.66 ? 59  GLU B O   1 
ATOM   962  C CB  . GLU B 1 62 ? -17.175 5.147   8.691   1.00 23.64 ? 59  GLU B CB  1 
ATOM   963  C CG  . GLU B 1 62 ? -17.560 6.428   7.961   1.00 26.14 ? 59  GLU B CG  1 
ATOM   964  C CD  . GLU B 1 62 ? -18.148 7.477   8.881   1.00 27.23 ? 59  GLU B CD  1 
ATOM   965  O OE1 . GLU B 1 62 ? -17.433 7.931   9.803   1.00 29.56 ? 59  GLU B OE1 1 
ATOM   966  O OE2 . GLU B 1 62 ? -19.321 7.850   8.680   1.00 26.59 ? 59  GLU B OE2 1 
ATOM   967  N N   . ASP B 1 63 ? -15.529 5.180   5.916   1.00 21.63 ? 60  ASP B N   1 
ATOM   968  C CA  . ASP B 1 63 ? -15.500 4.953   4.470   1.00 20.68 ? 60  ASP B CA  1 
ATOM   969  C C   . ASP B 1 63 ? -14.316 4.083   4.058   1.00 19.71 ? 60  ASP B C   1 
ATOM   970  O O   . ASP B 1 63 ? -14.475 3.157   3.264   1.00 17.91 ? 60  ASP B O   1 
ATOM   971  C CB  . ASP B 1 63 ? -15.432 6.285   3.718   1.00 20.86 ? 60  ASP B CB  1 
ATOM   972  C CG  . ASP B 1 63 ? -16.554 7.224   4.101   1.00 21.99 ? 60  ASP B CG  1 
ATOM   973  O OD1 . ASP B 1 63 ? -17.732 6.808   4.059   1.00 19.60 ? 60  ASP B OD1 1 
ATOM   974  O OD2 . ASP B 1 63 ? -16.250 8.384   4.445   1.00 23.42 ? 60  ASP B OD2 1 
ATOM   975  N N   . ILE B 1 64 ? -13.134 4.390   4.597   1.00 17.80 ? 61  ILE B N   1 
ATOM   976  C CA  . ILE B 1 64 ? -11.917 3.634   4.296   1.00 17.85 ? 61  ILE B CA  1 
ATOM   977  C C   . ILE B 1 64 ? -12.048 2.183   4.779   1.00 17.63 ? 61  ILE B C   1 
ATOM   978  O O   . ILE B 1 64 ? -11.673 1.244   4.067   1.00 16.82 ? 61  ILE B O   1 
ATOM   979  C CB  . ILE B 1 64 ? -10.662 4.288   4.968   1.00 18.26 ? 61  ILE B CB  1 
ATOM   980  C CG1 . ILE B 1 64 ? -10.382 5.659   4.344   1.00 16.92 ? 61  ILE B CG1 1 
ATOM   981  C CG2 . ILE B 1 64 ? -9.436  3.385   4.809   1.00 16.15 ? 61  ILE B CG2 1 
ATOM   982  C CD1 . ILE B 1 64 ? -9.909  5.610   2.906   1.00 16.68 ? 61  ILE B CD1 1 
ATOM   983  N N   . LYS B 1 65 ? -12.584 2.010   5.987   1.00 18.84 ? 62  LYS B N   1 
ATOM   984  C CA  . LYS B 1 65 ? -12.775 0.680   6.565   1.00 20.58 ? 62  LYS B CA  1 
ATOM   985  C C   . LYS B 1 65 ? -13.614 -0.196  5.641   1.00 19.55 ? 62  LYS B C   1 
ATOM   986  O O   . LYS B 1 65 ? -13.291 -1.357  5.423   1.00 18.08 ? 62  LYS B O   1 
ATOM   987  C CB  . LYS B 1 65 ? -13.465 0.763   7.938   1.00 22.60 ? 62  LYS B CB  1 
ATOM   988  C CG  . LYS B 1 65 ? -12.667 1.484   9.018   1.00 23.46 ? 62  LYS B CG  1 
ATOM   989  C CD  . LYS B 1 65 ? -11.384 0.751   9.358   1.00 25.86 ? 62  LYS B CD  1 
ATOM   990  C CE  . LYS B 1 65 ? -11.536 -0.088  10.628  1.00 29.73 ? 62  LYS B CE  1 
ATOM   991  N NZ  . LYS B 1 65 ? -11.744 0.740   11.847  1.00 28.29 ? 62  LYS B NZ  1 
ATOM   992  N N   . LEU B 1 66 ? -14.693 0.365   5.106   1.00 18.89 ? 63  LEU B N   1 
ATOM   993  C CA  . LEU B 1 66 ? -15.560 -0.381  4.205   1.00 19.36 ? 63  LEU B CA  1 
ATOM   994  C C   . LEU B 1 66 ? -14.896 -0.643  2.844   1.00 21.02 ? 63  LEU B C   1 
ATOM   995  O O   . LEU B 1 66 ? -15.053 -1.722  2.256   1.00 20.21 ? 63  LEU B O   1 
ATOM   996  C CB  . LEU B 1 66 ? -16.879 0.371   4.009   1.00 19.47 ? 63  LEU B CB  1 
ATOM   997  C CG  . LEU B 1 66 ? -17.782 0.483   5.243   1.00 18.34 ? 63  LEU B CG  1 
ATOM   998  C CD1 . LEU B 1 66 ? -19.057 1.247   4.890   1.00 19.03 ? 63  LEU B CD1 1 
ATOM   999  C CD2 . LEU B 1 66 ? -18.119 -0.911  5.746   1.00 17.97 ? 63  LEU B CD2 1 
ATOM   1000 N N   . ALA B 1 67 ? -14.151 0.337   2.341   1.00 20.10 ? 64  ALA B N   1 
ATOM   1001 C CA  . ALA B 1 67 ? -13.484 0.174   1.054   1.00 20.74 ? 64  ALA B CA  1 
ATOM   1002 C C   . ALA B 1 67 ? -12.418 -0.905  1.149   1.00 19.64 ? 64  ALA B C   1 
ATOM   1003 O O   . ALA B 1 67 ? -12.217 -1.665  0.208   1.00 20.03 ? 64  ALA B O   1 
ATOM   1004 C CB  . ALA B 1 67 ? -12.870 1.498   0.600   1.00 19.92 ? 64  ALA B CB  1 
ATOM   1005 N N   . ILE B 1 68 ? -11.739 -0.979  2.293   1.00 21.43 ? 65  ILE B N   1 
ATOM   1006 C CA  . ILE B 1 68 ? -10.702 -1.995  2.497   1.00 20.88 ? 65  ILE B CA  1 
ATOM   1007 C C   . ILE B 1 68 ? -11.271 -3.416  2.462   1.00 22.15 ? 65  ILE B C   1 
ATOM   1008 O O   . ILE B 1 68 ? -10.675 -4.310  1.850   1.00 21.57 ? 65  ILE B O   1 
ATOM   1009 C CB  . ILE B 1 68 ? -9.946  -1.786  3.845   1.00 20.22 ? 65  ILE B CB  1 
ATOM   1010 C CG1 . ILE B 1 68 ? -9.076  -0.533  3.759   1.00 17.51 ? 65  ILE B CG1 1 
ATOM   1011 C CG2 . ILE B 1 68 ? -9.064  -2.999  4.154   1.00 16.80 ? 65  ILE B CG2 1 
ATOM   1012 C CD1 . ILE B 1 68 ? -8.450  -0.143  5.050   1.00 18.94 ? 65  ILE B CD1 1 
ATOM   1013 N N   . LYS B 1 69 ? -12.411 -3.636  3.117   1.00 21.20 ? 66  LYS B N   1 
ATOM   1014 C CA  . LYS B 1 69 ? -13.019 -4.970  3.103   1.00 23.32 ? 66  LYS B CA  1 
ATOM   1015 C C   . LYS B 1 69 ? -14.096 -5.110  2.037   1.00 22.17 ? 66  LYS B C   1 
ATOM   1016 O O   . LYS B 1 69 ? -15.277 -5.323  2.328   1.00 20.83 ? 66  LYS B O   1 
ATOM   1017 C CB  . LYS B 1 69 ? -13.596 -5.342  4.474   1.00 25.75 ? 66  LYS B CB  1 
ATOM   1018 C CG  . LYS B 1 69 ? -13.590 -4.226  5.497   1.00 29.14 ? 66  LYS B CG  1 
ATOM   1019 C CD  . LYS B 1 69 ? -13.482 -4.783  6.911   1.00 30.87 ? 66  LYS B CD  1 
ATOM   1020 C CE  . LYS B 1 69 ? -12.224 -5.628  7.062   1.00 34.80 ? 66  LYS B CE  1 
ATOM   1021 N NZ  . LYS B 1 69 ? -10.989 -4.856  6.734   1.00 36.03 ? 66  LYS B NZ  1 
ATOM   1022 N N   . SER B 1 70 ? -13.660 -4.980  0.790   1.00 22.30 ? 67  SER B N   1 
ATOM   1023 C CA  . SER B 1 70 ? -14.534 -5.095  -0.363  1.00 23.48 ? 67  SER B CA  1 
ATOM   1024 C C   . SER B 1 70 ? -13.944 -6.170  -1.268  1.00 24.28 ? 67  SER B C   1 
ATOM   1025 O O   . SER B 1 70 ? -14.384 -6.279  -2.429  1.00 25.43 ? 67  SER B O   1 
ATOM   1026 C CB  . SER B 1 70 ? -14.594 -3.766  -1.114  1.00 20.74 ? 67  SER B CB  1 
ATOM   1027 O OG  . SER B 1 70 ? -13.320 -3.427  -1.627  1.00 20.54 ? 67  SER B OG  1 
ATOM   1028 O OXT . SER B 1 70 ? -13.049 -6.897  -0.788  1.00 25.48 ? 67  SER B OXT 1 
HETATM 1029 C C   . ACT C 2 .  ? 21.917  -13.180 -3.502  1.00 25.57 ? 102 ACT A C   1 
HETATM 1030 O O   . ACT C 2 .  ? 21.872  -13.426 -2.330  1.00 26.27 ? 102 ACT A O   1 
HETATM 1031 O OXT . ACT C 2 .  ? 20.984  -12.420 -4.103  1.00 26.49 ? 102 ACT A OXT 1 
HETATM 1032 C CH3 . ACT C 2 .  ? 22.964  -13.654 -4.480  1.00 26.67 ? 102 ACT A CH3 1 
HETATM 1033 C C   . ACT D 2 .  ? 15.705  -6.864  -9.966  1.00 25.84 ? 103 ACT A C   1 
HETATM 1034 O O   . ACT D 2 .  ? 15.228  -7.082  -8.892  1.00 25.02 ? 103 ACT A O   1 
HETATM 1035 O OXT . ACT D 2 .  ? 15.614  -7.751  -10.974 1.00 27.95 ? 103 ACT A OXT 1 
HETATM 1036 C CH3 . ACT D 2 .  ? 16.451  -5.622  -10.377 1.00 26.23 ? 103 ACT A CH3 1 
HETATM 1037 C C   . ACT E 2 .  ? -18.251 16.434  5.340   1.00 45.78 ? 101 ACT B C   1 
HETATM 1038 O O   . ACT E 2 .  ? -17.905 16.115  4.232   1.00 45.95 ? 101 ACT B O   1 
HETATM 1039 O OXT . ACT E 2 .  ? -19.024 17.511  5.540   1.00 44.87 ? 101 ACT B OXT 1 
HETATM 1040 C CH3 . ACT E 2 .  ? -17.912 15.737  6.649   1.00 45.66 ? 101 ACT B CH3 1 
HETATM 1041 S S   . SO4 F 3 .  ? -12.964 10.487  10.973  1.00 33.21 ? 201 SO4 B S   1 
HETATM 1042 O O1  . SO4 F 3 .  ? -13.732 11.668  10.679  1.00 34.86 ? 201 SO4 B O1  1 
HETATM 1043 O O2  . SO4 F 3 .  ? -13.914 9.380   11.758  1.00 35.00 ? 201 SO4 B O2  1 
HETATM 1044 O O3  . SO4 F 3 .  ? -11.662 10.870  11.921  1.00 35.75 ? 201 SO4 B O3  1 
HETATM 1045 O O4  . SO4 F 3 .  ? -12.424 9.837   9.557   1.00 33.45 ? 201 SO4 B O4  1 
HETATM 1046 O O   . HOH G 4 .  ? -5.736  7.676   11.948  1.00 47.06 ? 104 HOH A O   1 
HETATM 1047 O O   . HOH G 4 .  ? 0.067   18.222  -0.419  1.00 19.28 ? 105 HOH A O   1 
HETATM 1048 O O   . HOH G 4 .  ? -6.192  15.767  4.833   1.00 18.43 ? 106 HOH A O   1 
HETATM 1049 O O   . HOH G 4 .  ? -9.249  15.155  10.252  1.00 23.77 ? 107 HOH A O   1 
HETATM 1050 O O   . HOH G 4 .  ? 14.267  -10.118 -10.808 1.00 27.54 ? 108 HOH A O   1 
HETATM 1051 O O   . HOH G 4 .  ? 13.903  -22.198 1.399   1.00 25.33 ? 109 HOH A O   1 
HETATM 1052 O O   . HOH G 4 .  ? -5.762  -0.345  9.341   1.00 28.88 ? 110 HOH A O   1 
HETATM 1053 O O   . HOH G 4 .  ? -9.356  22.337  -4.076  1.00 37.80 ? 111 HOH A O   1 
HETATM 1054 O O   . HOH G 4 .  ? -12.788 21.365  6.171   1.00 48.14 ? 112 HOH A O   1 
HETATM 1055 O O   . HOH G 4 .  ? 5.059   14.733  2.086   1.00 26.07 ? 113 HOH A O   1 
HETATM 1056 O O   . HOH G 4 .  ? 11.711  -19.652 -5.542  1.00 22.57 ? 114 HOH A O   1 
HETATM 1057 O O   . HOH G 4 .  ? 8.713   -14.996 4.955   1.00 27.57 ? 115 HOH A O   1 
HETATM 1058 O O   . HOH G 4 .  ? -3.098  7.487   16.483  1.00 25.53 ? 116 HOH A O   1 
HETATM 1059 O O   . HOH G 4 .  ? 20.470  -18.513 -6.728  1.00 38.85 ? 117 HOH A O   1 
HETATM 1060 O O   . HOH G 4 .  ? -11.007 18.758  -4.327  1.00 39.26 ? 118 HOH A O   1 
HETATM 1061 O O   . HOH G 4 .  ? 0.657   -13.283 6.061   1.00 42.01 ? 119 HOH A O   1 
HETATM 1062 O O   . HOH G 4 .  ? 21.650  -17.657 0.129   1.00 28.92 ? 120 HOH A O   1 
HETATM 1063 O O   . HOH G 4 .  ? -1.398  -10.800 6.667   1.00 37.88 ? 121 HOH A O   1 
HETATM 1064 O O   . HOH G 4 .  ? 16.781  -12.565 2.530   1.00 38.70 ? 122 HOH A O   1 
HETATM 1065 O O   . HOH G 4 .  ? -2.378  -3.537  10.156  1.00 33.65 ? 123 HOH A O   1 
HETATM 1066 O O   . HOH G 4 .  ? 1.339   -15.605 -9.641  1.00 31.79 ? 124 HOH A O   1 
HETATM 1067 O O   . HOH H 4 .  ? 18.725  -2.621  -7.714  1.00 20.78 ? 202 HOH B O   1 
HETATM 1068 O O   . HOH H 4 .  ? 17.530  -1.979  -0.932  1.00 11.88 ? 203 HOH B O   1 
HETATM 1069 O O   . HOH H 4 .  ? 6.672   5.526   -6.026  1.00 30.90 ? 204 HOH B O   1 
HETATM 1070 O O   . HOH H 4 .  ? 10.421  0.777   -12.693 1.00 33.83 ? 205 HOH B O   1 
HETATM 1071 O O   . HOH H 4 .  ? -21.376 9.713   8.332   1.00 25.56 ? 206 HOH B O   1 
HETATM 1072 O O   . HOH H 4 .  ? -18.987 4.882   5.786   1.00 15.30 ? 207 HOH B O   1 
HETATM 1073 O O   . HOH H 4 .  ? 11.636  6.805   -1.112  1.00 15.05 ? 208 HOH B O   1 
HETATM 1074 O O   . HOH H 4 .  ? -5.613  -3.910  -10.291 1.00 34.92 ? 209 HOH B O   1 
HETATM 1075 O O   . HOH H 4 .  ? -14.297 -7.178  -4.805  1.00 32.38 ? 210 HOH B O   1 
HETATM 1076 O O   . HOH H 4 .  ? 19.553  -6.102  8.930   1.00 35.36 ? 211 HOH B O   1 
HETATM 1077 O O   . HOH H 4 .  ? 4.919   12.863  -7.690  1.00 40.21 ? 212 HOH B O   1 
HETATM 1078 O O   . HOH H 4 .  ? -5.114  2.661   -9.657  1.00 25.24 ? 213 HOH B O   1 
HETATM 1079 O O   . HOH H 4 .  ? -9.696  -4.053  -1.286  1.00 44.23 ? 214 HOH B O   1 
HETATM 1080 O O   . HOH H 4 .  ? -15.175 7.121   10.788  1.00 48.12 ? 215 HOH B O   1 
HETATM 1081 O O   . HOH H 4 .  ? 3.698   5.051   -5.462  1.00 45.39 ? 216 HOH B O   1 
# 
loop_
_pdbx_poly_seq_scheme.asym_id 
_pdbx_poly_seq_scheme.entity_id 
_pdbx_poly_seq_scheme.seq_id 
_pdbx_poly_seq_scheme.mon_id 
_pdbx_poly_seq_scheme.ndb_seq_num 
_pdbx_poly_seq_scheme.pdb_seq_num 
_pdbx_poly_seq_scheme.auth_seq_num 
_pdbx_poly_seq_scheme.pdb_mon_id 
_pdbx_poly_seq_scheme.auth_mon_id 
_pdbx_poly_seq_scheme.pdb_strand_id 
_pdbx_poly_seq_scheme.pdb_ins_code 
_pdbx_poly_seq_scheme.hetero 
A 1 1  MET 1  -2 ?  ?   ?   A . n 
A 1 2  TRP 2  -1 ?  ?   ?   A . n 
A 1 3  MET 3  0  ?  ?   ?   A . n 
A 1 4  MET 4  1  ?  ?   ?   A . n 
A 1 5  GLY 5  2  2  GLY GLY A . n 
A 1 6  GLU 6  3  3  GLU GLU A . n 
A 1 7  LEU 7  4  4  LEU LEU A . n 
A 1 8  PRO 8  5  5  PRO PRO A . n 
A 1 9  ILE 9  6  6  ILE ILE A . n 
A 1 10 ALA 10 7  7  ALA ALA A . n 
A 1 11 PRO 11 8  8  PRO PRO A . n 
A 1 12 VAL 12 9  9  VAL VAL A . n 
A 1 13 ASP 13 10 10 ASP ASP A . n 
A 1 14 ARG 14 11 11 ARG ARG A . n 
A 1 15 LEU 15 12 12 LEU LEU A . n 
A 1 16 ILE 16 13 13 ILE ILE A . n 
A 1 17 ARG 17 14 14 ARG ARG A . n 
A 1 18 LYS 18 15 15 LYS LYS A . n 
A 1 19 ALA 19 16 16 ALA ALA A . n 
A 1 20 GLY 20 17 17 GLY GLY A . n 
A 1 21 ALA 21 18 18 ALA ALA A . n 
A 1 22 GLU 22 19 19 GLU GLU A . n 
A 1 23 ARG 23 20 20 ARG ARG A . n 
A 1 24 VAL 24 21 21 VAL VAL A . n 
A 1 25 SER 25 22 22 SER SER A . n 
A 1 26 GLU 26 23 23 GLU GLU A . n 
A 1 27 GLN 27 24 24 GLN GLN A . n 
A 1 28 ALA 28 25 25 ALA ALA A . n 
A 1 29 ALA 29 26 26 ALA ALA A . n 
A 1 30 LYS 30 27 27 LYS LYS A . n 
A 1 31 VAL 31 28 28 VAL VAL A . n 
A 1 32 LEU 32 29 29 LEU LEU A . n 
A 1 33 ALA 33 30 30 ALA ALA A . n 
A 1 34 GLU 34 31 31 GLU GLU A . n 
A 1 35 TYR 35 32 32 TYR TYR A . n 
A 1 36 LEU 36 33 33 LEU LEU A . n 
A 1 37 GLU 37 34 34 GLU GLU A . n 
A 1 38 GLU 38 35 35 GLU GLU A . n 
A 1 39 TYR 39 36 36 TYR TYR A . n 
A 1 40 ALA 40 37 37 ALA ALA A . n 
A 1 41 ILE 41 38 38 ILE ILE A . n 
A 1 42 GLU 42 39 39 GLU GLU A . n 
A 1 43 ILE 43 40 40 ILE ILE A . n 
A 1 44 ALA 44 41 41 ALA ALA A . n 
A 1 45 LYS 45 42 42 LYS LYS A . n 
A 1 46 LYS 46 43 43 LYS LYS A . n 
A 1 47 ALA 47 44 44 ALA ALA A . n 
A 1 48 VAL 48 45 45 VAL VAL A . n 
A 1 49 GLU 49 46 46 GLU GLU A . n 
A 1 50 PHE 50 47 47 PHE PHE A . n 
A 1 51 ALA 51 48 48 ALA ALA A . n 
A 1 52 ARG 52 49 49 ARG ARG A . n 
A 1 53 HIS 53 50 50 HIS HIS A . n 
A 1 54 ALA 54 51 51 ALA ALA A . n 
A 1 55 GLY 55 52 52 GLY GLY A . n 
A 1 56 ARG 56 53 53 ARG ARG A . n 
A 1 57 LYS 57 54 54 LYS LYS A . n 
A 1 58 THR 58 55 55 THR THR A . n 
A 1 59 VAL 59 56 56 VAL VAL A . n 
A 1 60 LYS 60 57 57 LYS LYS A . n 
A 1 61 VAL 61 58 58 VAL VAL A . n 
A 1 62 GLU 62 59 59 GLU GLU A . n 
A 1 63 ASP 63 60 60 ASP ASP A . n 
A 1 64 ILE 64 61 61 ILE ILE A . n 
A 1 65 LYS 65 62 62 LYS LYS A . n 
A 1 66 LEU 66 63 63 LEU LEU A . n 
A 1 67 ALA 67 64 64 ALA ALA A . n 
A 1 68 ILE 68 65 65 ILE ILE A . n 
A 1 69 LYS 69 66 66 LYS LYS A . n 
A 1 70 SER 70 67 67 SER SER A . n 
B 1 1  MET 1  -2 ?  ?   ?   B . n 
B 1 2  TRP 2  -1 ?  ?   ?   B . n 
B 1 3  MET 3  0  ?  ?   ?   B . n 
B 1 4  MET 4  1  ?  ?   ?   B . n 
B 1 5  GLY 5  2  2  GLY GLY B . n 
B 1 6  GLU 6  3  3  GLU GLU B . n 
B 1 7  LEU 7  4  4  LEU LEU B . n 
B 1 8  PRO 8  5  5  PRO PRO B . n 
B 1 9  ILE 9  6  6  ILE ILE B . n 
B 1 10 ALA 10 7  7  ALA ALA B . n 
B 1 11 PRO 11 8  8  PRO PRO B . n 
B 1 12 VAL 12 9  9  VAL VAL B . n 
B 1 13 ASP 13 10 10 ASP ASP B . n 
B 1 14 ARG 14 11 11 ARG ARG B . n 
B 1 15 LEU 15 12 12 LEU LEU B . n 
B 1 16 ILE 16 13 13 ILE ILE B . n 
B 1 17 ARG 17 14 14 ARG ARG B . n 
B 1 18 LYS 18 15 15 LYS LYS B . n 
B 1 19 ALA 19 16 16 ALA ALA B . n 
B 1 20 GLY 20 17 17 GLY GLY B . n 
B 1 21 ALA 21 18 18 ALA ALA B . n 
B 1 22 GLU 22 19 19 GLU GLU B . n 
B 1 23 ARG 23 20 20 ARG ARG B . n 
B 1 24 VAL 24 21 21 VAL VAL B . n 
B 1 25 SER 25 22 22 SER SER B . n 
B 1 26 GLU 26 23 23 GLU GLU B . n 
B 1 27 GLN 27 24 24 GLN GLN B . n 
B 1 28 ALA 28 25 25 ALA ALA B . n 
B 1 29 ALA 29 26 26 ALA ALA B . n 
B 1 30 LYS 30 27 27 LYS LYS B . n 
B 1 31 VAL 31 28 28 VAL VAL B . n 
B 1 32 LEU 32 29 29 LEU LEU B . n 
B 1 33 ALA 33 30 30 ALA ALA B . n 
B 1 34 GLU 34 31 31 GLU GLU B . n 
B 1 35 TYR 35 32 32 TYR TYR B . n 
B 1 36 LEU 36 33 33 LEU LEU B . n 
B 1 37 GLU 37 34 34 GLU GLU B . n 
B 1 38 GLU 38 35 35 GLU GLU B . n 
B 1 39 TYR 39 36 36 TYR TYR B . n 
B 1 40 ALA 40 37 37 ALA ALA B . n 
B 1 41 ILE 41 38 38 ILE ILE B . n 
B 1 42 GLU 42 39 39 GLU GLU B . n 
B 1 43 ILE 43 40 40 ILE ILE B . n 
B 1 44 ALA 44 41 41 ALA ALA B . n 
B 1 45 LYS 45 42 42 LYS LYS B . n 
B 1 46 LYS 46 43 43 LYS LYS B . n 
B 1 47 ALA 47 44 44 ALA ALA B . n 
B 1 48 VAL 48 45 45 VAL VAL B . n 
B 1 49 GLU 49 46 46 GLU GLU B . n 
B 1 50 PHE 50 47 47 PHE PHE B . n 
B 1 51 ALA 51 48 48 ALA ALA B . n 
B 1 52 ARG 52 49 49 ARG ARG B . n 
B 1 53 HIS 53 50 50 HIS HIS B . n 
B 1 54 ALA 54 51 51 ALA ALA B . n 
B 1 55 GLY 55 52 52 GLY GLY B . n 
B 1 56 ARG 56 53 53 ARG ARG B . n 
B 1 57 LYS 57 54 54 LYS LYS B . n 
B 1 58 THR 58 55 55 THR THR B . n 
B 1 59 VAL 59 56 56 VAL VAL B . n 
B 1 60 LYS 60 57 57 LYS LYS B . n 
B 1 61 VAL 61 58 58 VAL VAL B . n 
B 1 62 GLU 62 59 59 GLU GLU B . n 
B 1 63 ASP 63 60 60 ASP ASP B . n 
B 1 64 ILE 64 61 61 ILE ILE B . n 
B 1 65 LYS 65 62 62 LYS LYS B . n 
B 1 66 LEU 66 63 63 LEU LEU B . n 
B 1 67 ALA 67 64 64 ALA ALA B . n 
B 1 68 ILE 68 65 65 ILE ILE B . n 
B 1 69 LYS 69 66 66 LYS LYS B . n 
B 1 70 SER 70 67 67 SER SER B . n 
# 
loop_
_pdbx_nonpoly_scheme.asym_id 
_pdbx_nonpoly_scheme.entity_id 
_pdbx_nonpoly_scheme.mon_id 
_pdbx_nonpoly_scheme.ndb_seq_num 
_pdbx_nonpoly_scheme.pdb_seq_num 
_pdbx_nonpoly_scheme.auth_seq_num 
_pdbx_nonpoly_scheme.pdb_mon_id 
_pdbx_nonpoly_scheme.auth_mon_id 
_pdbx_nonpoly_scheme.pdb_strand_id 
_pdbx_nonpoly_scheme.pdb_ins_code 
C 2 ACT 1  102 2  ACT HAC A . 
D 2 ACT 1  103 3  ACT HAC A . 
E 2 ACT 1  101 1  ACT HAC B . 
F 3 SO4 1  201 1  SO4 SO4 B . 
G 4 HOH 1  104 1  HOH TIP A . 
G 4 HOH 2  105 3  HOH TIP A . 
G 4 HOH 3  106 4  HOH TIP A . 
G 4 HOH 4  107 6  HOH TIP A . 
G 4 HOH 5  108 7  HOH TIP A . 
G 4 HOH 6  109 9  HOH TIP A . 
G 4 HOH 7  110 13 HOH TIP A . 
G 4 HOH 8  111 14 HOH TIP A . 
G 4 HOH 9  112 16 HOH TIP A . 
G 4 HOH 10 113 17 HOH TIP A . 
G 4 HOH 11 114 19 HOH TIP A . 
G 4 HOH 12 115 21 HOH TIP A . 
G 4 HOH 13 116 22 HOH TIP A . 
G 4 HOH 14 117 24 HOH TIP A . 
G 4 HOH 15 118 25 HOH TIP A . 
G 4 HOH 16 119 28 HOH TIP A . 
G 4 HOH 17 120 29 HOH TIP A . 
G 4 HOH 18 121 30 HOH TIP A . 
G 4 HOH 19 122 31 HOH TIP A . 
G 4 HOH 20 123 32 HOH TIP A . 
G 4 HOH 21 124 34 HOH TIP A . 
H 4 HOH 1  202 2  HOH TIP B . 
H 4 HOH 2  203 5  HOH TIP B . 
H 4 HOH 3  204 8  HOH TIP B . 
H 4 HOH 4  205 10 HOH TIP B . 
H 4 HOH 5  206 11 HOH TIP B . 
H 4 HOH 6  207 12 HOH TIP B . 
H 4 HOH 7  208 15 HOH TIP B . 
H 4 HOH 8  209 18 HOH TIP B . 
H 4 HOH 9  210 20 HOH TIP B . 
H 4 HOH 10 211 23 HOH TIP B . 
H 4 HOH 11 212 26 HOH TIP B . 
H 4 HOH 12 213 27 HOH TIP B . 
H 4 HOH 13 214 33 HOH TIP B . 
H 4 HOH 14 215 35 HOH TIP B . 
H 4 HOH 15 216 36 HOH TIP B . 
# 
_pdbx_struct_assembly.id                   1 
_pdbx_struct_assembly.details              author_and_software_defined_assembly 
_pdbx_struct_assembly.method_details       PISA 
_pdbx_struct_assembly.oligomeric_details   dimeric 
_pdbx_struct_assembly.oligomeric_count     2 
# 
_pdbx_struct_assembly_gen.assembly_id       1 
_pdbx_struct_assembly_gen.oper_expression   1 
_pdbx_struct_assembly_gen.asym_id_list      A,B,C,D,E,F,G,H 
# 
loop_
_pdbx_struct_assembly_prop.biol_id 
_pdbx_struct_assembly_prop.type 
_pdbx_struct_assembly_prop.value 
_pdbx_struct_assembly_prop.details 
1 'ABSA (A^2)' 4400 ? 
1 MORE         -56  ? 
1 'SSA (A^2)'  6910 ? 
# 
_pdbx_struct_oper_list.id                   1 
_pdbx_struct_oper_list.type                 'identity operation' 
_pdbx_struct_oper_list.name                 1_555 
_pdbx_struct_oper_list.symmetry_operation   x,y,z 
_pdbx_struct_oper_list.matrix[1][1]         1.0000000000 
_pdbx_struct_oper_list.matrix[1][2]         0.0000000000 
_pdbx_struct_oper_list.matrix[1][3]         0.0000000000 
_pdbx_struct_oper_list.vector[1]            0.0000000000 
_pdbx_struct_oper_list.matrix[2][1]         0.0000000000 
_pdbx_struct_oper_list.matrix[2][2]         1.0000000000 
_pdbx_struct_oper_list.matrix[2][3]         0.0000000000 
_pdbx_struct_oper_list.vector[2]            0.0000000000 
_pdbx_struct_oper_list.matrix[3][1]         0.0000000000 
_pdbx_struct_oper_list.matrix[3][2]         0.0000000000 
_pdbx_struct_oper_list.matrix[3][3]         1.0000000000 
_pdbx_struct_oper_list.vector[3]            0.0000000000 
# 
loop_
_pdbx_audit_revision_history.ordinal 
_pdbx_audit_revision_history.data_content_type 
_pdbx_audit_revision_history.major_revision 
_pdbx_audit_revision_history.minor_revision 
_pdbx_audit_revision_history.revision_date 
1 'Structure model' 1 0 2003-08-26 
2 'Structure model' 1 1 2008-04-27 
3 'Structure model' 1 2 2011-07-13 
4 'Structure model' 1 3 2023-10-25 
# 
_pdbx_audit_revision_details.ordinal             1 
_pdbx_audit_revision_details.revision_ordinal    1 
_pdbx_audit_revision_details.data_content_type   'Structure model' 
_pdbx_audit_revision_details.provider            repository 
_pdbx_audit_revision_details.type                'Initial release' 
_pdbx_audit_revision_details.description         ? 
_pdbx_audit_revision_details.details             ? 
# 
loop_
_pdbx_audit_revision_group.ordinal 
_pdbx_audit_revision_group.revision_ordinal 
_pdbx_audit_revision_group.data_content_type 
_pdbx_audit_revision_group.group 
1 2 'Structure model' 'Version format compliance' 
2 3 'Structure model' 'Version format compliance' 
3 4 'Structure model' 'Data collection'           
4 4 'Structure model' 'Database references'       
5 4 'Structure model' 'Derived calculations'      
6 4 'Structure model' 'Refinement description'    
# 
loop_
_pdbx_audit_revision_category.ordinal 
_pdbx_audit_revision_category.revision_ordinal 
_pdbx_audit_revision_category.data_content_type 
_pdbx_audit_revision_category.category 
1 4 'Structure model' chem_comp_atom                
2 4 'Structure model' chem_comp_bond                
3 4 'Structure model' database_2                    
4 4 'Structure model' pdbx_initial_refinement_model 
5 4 'Structure model' struct_site                   
# 
loop_
_pdbx_audit_revision_item.ordinal 
_pdbx_audit_revision_item.revision_ordinal 
_pdbx_audit_revision_item.data_content_type 
_pdbx_audit_revision_item.item 
1 4 'Structure model' '_database_2.pdbx_DOI'                
2 4 'Structure model' '_database_2.pdbx_database_accession' 
3 4 'Structure model' '_struct_site.pdbx_auth_asym_id'      
4 4 'Structure model' '_struct_site.pdbx_auth_comp_id'      
5 4 'Structure model' '_struct_site.pdbx_auth_seq_id'       
# 
loop_
_software.name 
_software.classification 
_software.version 
_software.citation_id 
_software.pdbx_ordinal 
DENZO     'data reduction' . ? 1 
SCALEPACK 'data scaling'   . ? 2 
CNS       refinement       . ? 3 
CNS       phasing          . ? 4 
# 
loop_
_pdbx_validate_torsion.id 
_pdbx_validate_torsion.PDB_model_num 
_pdbx_validate_torsion.auth_comp_id 
_pdbx_validate_torsion.auth_asym_id 
_pdbx_validate_torsion.auth_seq_id 
_pdbx_validate_torsion.PDB_ins_code 
_pdbx_validate_torsion.label_alt_id 
_pdbx_validate_torsion.phi 
_pdbx_validate_torsion.psi 
1 1 GLU A 3 ? ? -131.60 -55.12 
2 1 GLU B 3 ? ? -145.82 -64.15 
# 
loop_
_pdbx_unobs_or_zero_occ_residues.id 
_pdbx_unobs_or_zero_occ_residues.PDB_model_num 
_pdbx_unobs_or_zero_occ_residues.polymer_flag 
_pdbx_unobs_or_zero_occ_residues.occupancy_flag 
_pdbx_unobs_or_zero_occ_residues.auth_asym_id 
_pdbx_unobs_or_zero_occ_residues.auth_comp_id 
_pdbx_unobs_or_zero_occ_residues.auth_seq_id 
_pdbx_unobs_or_zero_occ_residues.PDB_ins_code 
_pdbx_unobs_or_zero_occ_residues.label_asym_id 
_pdbx_unobs_or_zero_occ_residues.label_comp_id 
_pdbx_unobs_or_zero_occ_residues.label_seq_id 
1 1 Y 1 A MET -2 ? A MET 1 
2 1 Y 1 A TRP -1 ? A TRP 2 
3 1 Y 1 A MET 0  ? A MET 3 
4 1 Y 1 A MET 1  ? A MET 4 
5 1 Y 1 B MET -2 ? B MET 1 
6 1 Y 1 B TRP -1 ? B TRP 2 
7 1 Y 1 B MET 0  ? B MET 3 
8 1 Y 1 B MET 1  ? B MET 4 
# 
loop_
_chem_comp_atom.comp_id 
_chem_comp_atom.atom_id 
_chem_comp_atom.type_symbol 
_chem_comp_atom.pdbx_aromatic_flag 
_chem_comp_atom.pdbx_stereo_config 
_chem_comp_atom.pdbx_ordinal 
ACT C    C N N 1   
ACT O    O N N 2   
ACT OXT  O N N 3   
ACT CH3  C N N 4   
ACT H1   H N N 5   
ACT H2   H N N 6   
ACT H3   H N N 7   
ALA N    N N N 8   
ALA CA   C N S 9   
ALA C    C N N 10  
ALA O    O N N 11  
ALA CB   C N N 12  
ALA OXT  O N N 13  
ALA H    H N N 14  
ALA H2   H N N 15  
ALA HA   H N N 16  
ALA HB1  H N N 17  
ALA HB2  H N N 18  
ALA HB3  H N N 19  
ALA HXT  H N N 20  
ARG N    N N N 21  
ARG CA   C N S 22  
ARG C    C N N 23  
ARG O    O N N 24  
ARG CB   C N N 25  
ARG CG   C N N 26  
ARG CD   C N N 27  
ARG NE   N N N 28  
ARG CZ   C N N 29  
ARG NH1  N N N 30  
ARG NH2  N N N 31  
ARG OXT  O N N 32  
ARG H    H N N 33  
ARG H2   H N N 34  
ARG HA   H N N 35  
ARG HB2  H N N 36  
ARG HB3  H N N 37  
ARG HG2  H N N 38  
ARG HG3  H N N 39  
ARG HD2  H N N 40  
ARG HD3  H N N 41  
ARG HE   H N N 42  
ARG HH11 H N N 43  
ARG HH12 H N N 44  
ARG HH21 H N N 45  
ARG HH22 H N N 46  
ARG HXT  H N N 47  
ASP N    N N N 48  
ASP CA   C N S 49  
ASP C    C N N 50  
ASP O    O N N 51  
ASP CB   C N N 52  
ASP CG   C N N 53  
ASP OD1  O N N 54  
ASP OD2  O N N 55  
ASP OXT  O N N 56  
ASP H    H N N 57  
ASP H2   H N N 58  
ASP HA   H N N 59  
ASP HB2  H N N 60  
ASP HB3  H N N 61  
ASP HD2  H N N 62  
ASP HXT  H N N 63  
GLN N    N N N 64  
GLN CA   C N S 65  
GLN C    C N N 66  
GLN O    O N N 67  
GLN CB   C N N 68  
GLN CG   C N N 69  
GLN CD   C N N 70  
GLN OE1  O N N 71  
GLN NE2  N N N 72  
GLN OXT  O N N 73  
GLN H    H N N 74  
GLN H2   H N N 75  
GLN HA   H N N 76  
GLN HB2  H N N 77  
GLN HB3  H N N 78  
GLN HG2  H N N 79  
GLN HG3  H N N 80  
GLN HE21 H N N 81  
GLN HE22 H N N 82  
GLN HXT  H N N 83  
GLU N    N N N 84  
GLU CA   C N S 85  
GLU C    C N N 86  
GLU O    O N N 87  
GLU CB   C N N 88  
GLU CG   C N N 89  
GLU CD   C N N 90  
GLU OE1  O N N 91  
GLU OE2  O N N 92  
GLU OXT  O N N 93  
GLU H    H N N 94  
GLU H2   H N N 95  
GLU HA   H N N 96  
GLU HB2  H N N 97  
GLU HB3  H N N 98  
GLU HG2  H N N 99  
GLU HG3  H N N 100 
GLU HE2  H N N 101 
GLU HXT  H N N 102 
GLY N    N N N 103 
GLY CA   C N N 104 
GLY C    C N N 105 
GLY O    O N N 106 
GLY OXT  O N N 107 
GLY H    H N N 108 
GLY H2   H N N 109 
GLY HA2  H N N 110 
GLY HA3  H N N 111 
GLY HXT  H N N 112 
HIS N    N N N 113 
HIS CA   C N S 114 
HIS C    C N N 115 
HIS O    O N N 116 
HIS CB   C N N 117 
HIS CG   C Y N 118 
HIS ND1  N Y N 119 
HIS CD2  C Y N 120 
HIS CE1  C Y N 121 
HIS NE2  N Y N 122 
HIS OXT  O N N 123 
HIS H    H N N 124 
HIS H2   H N N 125 
HIS HA   H N N 126 
HIS HB2  H N N 127 
HIS HB3  H N N 128 
HIS HD1  H N N 129 
HIS HD2  H N N 130 
HIS HE1  H N N 131 
HIS HE2  H N N 132 
HIS HXT  H N N 133 
HOH O    O N N 134 
HOH H1   H N N 135 
HOH H2   H N N 136 
ILE N    N N N 137 
ILE CA   C N S 138 
ILE C    C N N 139 
ILE O    O N N 140 
ILE CB   C N S 141 
ILE CG1  C N N 142 
ILE CG2  C N N 143 
ILE CD1  C N N 144 
ILE OXT  O N N 145 
ILE H    H N N 146 
ILE H2   H N N 147 
ILE HA   H N N 148 
ILE HB   H N N 149 
ILE HG12 H N N 150 
ILE HG13 H N N 151 
ILE HG21 H N N 152 
ILE HG22 H N N 153 
ILE HG23 H N N 154 
ILE HD11 H N N 155 
ILE HD12 H N N 156 
ILE HD13 H N N 157 
ILE HXT  H N N 158 
LEU N    N N N 159 
LEU CA   C N S 160 
LEU C    C N N 161 
LEU O    O N N 162 
LEU CB   C N N 163 
LEU CG   C N N 164 
LEU CD1  C N N 165 
LEU CD2  C N N 166 
LEU OXT  O N N 167 
LEU H    H N N 168 
LEU H2   H N N 169 
LEU HA   H N N 170 
LEU HB2  H N N 171 
LEU HB3  H N N 172 
LEU HG   H N N 173 
LEU HD11 H N N 174 
LEU HD12 H N N 175 
LEU HD13 H N N 176 
LEU HD21 H N N 177 
LEU HD22 H N N 178 
LEU HD23 H N N 179 
LEU HXT  H N N 180 
LYS N    N N N 181 
LYS CA   C N S 182 
LYS C    C N N 183 
LYS O    O N N 184 
LYS CB   C N N 185 
LYS CG   C N N 186 
LYS CD   C N N 187 
LYS CE   C N N 188 
LYS NZ   N N N 189 
LYS OXT  O N N 190 
LYS H    H N N 191 
LYS H2   H N N 192 
LYS HA   H N N 193 
LYS HB2  H N N 194 
LYS HB3  H N N 195 
LYS HG2  H N N 196 
LYS HG3  H N N 197 
LYS HD2  H N N 198 
LYS HD3  H N N 199 
LYS HE2  H N N 200 
LYS HE3  H N N 201 
LYS HZ1  H N N 202 
LYS HZ2  H N N 203 
LYS HZ3  H N N 204 
LYS HXT  H N N 205 
MET N    N N N 206 
MET CA   C N S 207 
MET C    C N N 208 
MET O    O N N 209 
MET CB   C N N 210 
MET CG   C N N 211 
MET SD   S N N 212 
MET CE   C N N 213 
MET OXT  O N N 214 
MET H    H N N 215 
MET H2   H N N 216 
MET HA   H N N 217 
MET HB2  H N N 218 
MET HB3  H N N 219 
MET HG2  H N N 220 
MET HG3  H N N 221 
MET HE1  H N N 222 
MET HE2  H N N 223 
MET HE3  H N N 224 
MET HXT  H N N 225 
PHE N    N N N 226 
PHE CA   C N S 227 
PHE C    C N N 228 
PHE O    O N N 229 
PHE CB   C N N 230 
PHE CG   C Y N 231 
PHE CD1  C Y N 232 
PHE CD2  C Y N 233 
PHE CE1  C Y N 234 
PHE CE2  C Y N 235 
PHE CZ   C Y N 236 
PHE OXT  O N N 237 
PHE H    H N N 238 
PHE H2   H N N 239 
PHE HA   H N N 240 
PHE HB2  H N N 241 
PHE HB3  H N N 242 
PHE HD1  H N N 243 
PHE HD2  H N N 244 
PHE HE1  H N N 245 
PHE HE2  H N N 246 
PHE HZ   H N N 247 
PHE HXT  H N N 248 
PRO N    N N N 249 
PRO CA   C N S 250 
PRO C    C N N 251 
PRO O    O N N 252 
PRO CB   C N N 253 
PRO CG   C N N 254 
PRO CD   C N N 255 
PRO OXT  O N N 256 
PRO H    H N N 257 
PRO HA   H N N 258 
PRO HB2  H N N 259 
PRO HB3  H N N 260 
PRO HG2  H N N 261 
PRO HG3  H N N 262 
PRO HD2  H N N 263 
PRO HD3  H N N 264 
PRO HXT  H N N 265 
SER N    N N N 266 
SER CA   C N S 267 
SER C    C N N 268 
SER O    O N N 269 
SER CB   C N N 270 
SER OG   O N N 271 
SER OXT  O N N 272 
SER H    H N N 273 
SER H2   H N N 274 
SER HA   H N N 275 
SER HB2  H N N 276 
SER HB3  H N N 277 
SER HG   H N N 278 
SER HXT  H N N 279 
SO4 S    S N N 280 
SO4 O1   O N N 281 
SO4 O2   O N N 282 
SO4 O3   O N N 283 
SO4 O4   O N N 284 
THR N    N N N 285 
THR CA   C N S 286 
THR C    C N N 287 
THR O    O N N 288 
THR CB   C N R 289 
THR OG1  O N N 290 
THR CG2  C N N 291 
THR OXT  O N N 292 
THR H    H N N 293 
THR H2   H N N 294 
THR HA   H N N 295 
THR HB   H N N 296 
THR HG1  H N N 297 
THR HG21 H N N 298 
THR HG22 H N N 299 
THR HG23 H N N 300 
THR HXT  H N N 301 
TRP N    N N N 302 
TRP CA   C N S 303 
TRP C    C N N 304 
TRP O    O N N 305 
TRP CB   C N N 306 
TRP CG   C Y N 307 
TRP CD1  C Y N 308 
TRP CD2  C Y N 309 
TRP NE1  N Y N 310 
TRP CE2  C Y N 311 
TRP CE3  C Y N 312 
TRP CZ2  C Y N 313 
TRP CZ3  C Y N 314 
TRP CH2  C Y N 315 
TRP OXT  O N N 316 
TRP H    H N N 317 
TRP H2   H N N 318 
TRP HA   H N N 319 
TRP HB2  H N N 320 
TRP HB3  H N N 321 
TRP HD1  H N N 322 
TRP HE1  H N N 323 
TRP HE3  H N N 324 
TRP HZ2  H N N 325 
TRP HZ3  H N N 326 
TRP HH2  H N N 327 
TRP HXT  H N N 328 
TYR N    N N N 329 
TYR CA   C N S 330 
TYR C    C N N 331 
TYR O    O N N 332 
TYR CB   C N N 333 
TYR CG   C Y N 334 
TYR CD1  C Y N 335 
TYR CD2  C Y N 336 
TYR CE1  C Y N 337 
TYR CE2  C Y N 338 
TYR CZ   C Y N 339 
TYR OH   O N N 340 
TYR OXT  O N N 341 
TYR H    H N N 342 
TYR H2   H N N 343 
TYR HA   H N N 344 
TYR HB2  H N N 345 
TYR HB3  H N N 346 
TYR HD1  H N N 347 
TYR HD2  H N N 348 
TYR HE1  H N N 349 
TYR HE2  H N N 350 
TYR HH   H N N 351 
TYR HXT  H N N 352 
VAL N    N N N 353 
VAL CA   C N S 354 
VAL C    C N N 355 
VAL O    O N N 356 
VAL CB   C N N 357 
VAL CG1  C N N 358 
VAL CG2  C N N 359 
VAL OXT  O N N 360 
VAL H    H N N 361 
VAL H2   H N N 362 
VAL HA   H N N 363 
VAL HB   H N N 364 
VAL HG11 H N N 365 
VAL HG12 H N N 366 
VAL HG13 H N N 367 
VAL HG21 H N N 368 
VAL HG22 H N N 369 
VAL HG23 H N N 370 
VAL HXT  H N N 371 
# 
loop_
_chem_comp_bond.comp_id 
_chem_comp_bond.atom_id_1 
_chem_comp_bond.atom_id_2 
_chem_comp_bond.value_order 
_chem_comp_bond.pdbx_aromatic_flag 
_chem_comp_bond.pdbx_stereo_config 
_chem_comp_bond.pdbx_ordinal 
ACT C   O    doub N N 1   
ACT C   OXT  sing N N 2   
ACT C   CH3  sing N N 3   
ACT CH3 H1   sing N N 4   
ACT CH3 H2   sing N N 5   
ACT CH3 H3   sing N N 6   
ALA N   CA   sing N N 7   
ALA N   H    sing N N 8   
ALA N   H2   sing N N 9   
ALA CA  C    sing N N 10  
ALA CA  CB   sing N N 11  
ALA CA  HA   sing N N 12  
ALA C   O    doub N N 13  
ALA C   OXT  sing N N 14  
ALA CB  HB1  sing N N 15  
ALA CB  HB2  sing N N 16  
ALA CB  HB3  sing N N 17  
ALA OXT HXT  sing N N 18  
ARG N   CA   sing N N 19  
ARG N   H    sing N N 20  
ARG N   H2   sing N N 21  
ARG CA  C    sing N N 22  
ARG CA  CB   sing N N 23  
ARG CA  HA   sing N N 24  
ARG C   O    doub N N 25  
ARG C   OXT  sing N N 26  
ARG CB  CG   sing N N 27  
ARG CB  HB2  sing N N 28  
ARG CB  HB3  sing N N 29  
ARG CG  CD   sing N N 30  
ARG CG  HG2  sing N N 31  
ARG CG  HG3  sing N N 32  
ARG CD  NE   sing N N 33  
ARG CD  HD2  sing N N 34  
ARG CD  HD3  sing N N 35  
ARG NE  CZ   sing N N 36  
ARG NE  HE   sing N N 37  
ARG CZ  NH1  sing N N 38  
ARG CZ  NH2  doub N N 39  
ARG NH1 HH11 sing N N 40  
ARG NH1 HH12 sing N N 41  
ARG NH2 HH21 sing N N 42  
ARG NH2 HH22 sing N N 43  
ARG OXT HXT  sing N N 44  
ASP N   CA   sing N N 45  
ASP N   H    sing N N 46  
ASP N   H2   sing N N 47  
ASP CA  C    sing N N 48  
ASP CA  CB   sing N N 49  
ASP CA  HA   sing N N 50  
ASP C   O    doub N N 51  
ASP C   OXT  sing N N 52  
ASP CB  CG   sing N N 53  
ASP CB  HB2  sing N N 54  
ASP CB  HB3  sing N N 55  
ASP CG  OD1  doub N N 56  
ASP CG  OD2  sing N N 57  
ASP OD2 HD2  sing N N 58  
ASP OXT HXT  sing N N 59  
GLN N   CA   sing N N 60  
GLN N   H    sing N N 61  
GLN N   H2   sing N N 62  
GLN CA  C    sing N N 63  
GLN CA  CB   sing N N 64  
GLN CA  HA   sing N N 65  
GLN C   O    doub N N 66  
GLN C   OXT  sing N N 67  
GLN CB  CG   sing N N 68  
GLN CB  HB2  sing N N 69  
GLN CB  HB3  sing N N 70  
GLN CG  CD   sing N N 71  
GLN CG  HG2  sing N N 72  
GLN CG  HG3  sing N N 73  
GLN CD  OE1  doub N N 74  
GLN CD  NE2  sing N N 75  
GLN NE2 HE21 sing N N 76  
GLN NE2 HE22 sing N N 77  
GLN OXT HXT  sing N N 78  
GLU N   CA   sing N N 79  
GLU N   H    sing N N 80  
GLU N   H2   sing N N 81  
GLU CA  C    sing N N 82  
GLU CA  CB   sing N N 83  
GLU CA  HA   sing N N 84  
GLU C   O    doub N N 85  
GLU C   OXT  sing N N 86  
GLU CB  CG   sing N N 87  
GLU CB  HB2  sing N N 88  
GLU CB  HB3  sing N N 89  
GLU CG  CD   sing N N 90  
GLU CG  HG2  sing N N 91  
GLU CG  HG3  sing N N 92  
GLU CD  OE1  doub N N 93  
GLU CD  OE2  sing N N 94  
GLU OE2 HE2  sing N N 95  
GLU OXT HXT  sing N N 96  
GLY N   CA   sing N N 97  
GLY N   H    sing N N 98  
GLY N   H2   sing N N 99  
GLY CA  C    sing N N 100 
GLY CA  HA2  sing N N 101 
GLY CA  HA3  sing N N 102 
GLY C   O    doub N N 103 
GLY C   OXT  sing N N 104 
GLY OXT HXT  sing N N 105 
HIS N   CA   sing N N 106 
HIS N   H    sing N N 107 
HIS N   H2   sing N N 108 
HIS CA  C    sing N N 109 
HIS CA  CB   sing N N 110 
HIS CA  HA   sing N N 111 
HIS C   O    doub N N 112 
HIS C   OXT  sing N N 113 
HIS CB  CG   sing N N 114 
HIS CB  HB2  sing N N 115 
HIS CB  HB3  sing N N 116 
HIS CG  ND1  sing Y N 117 
HIS CG  CD2  doub Y N 118 
HIS ND1 CE1  doub Y N 119 
HIS ND1 HD1  sing N N 120 
HIS CD2 NE2  sing Y N 121 
HIS CD2 HD2  sing N N 122 
HIS CE1 NE2  sing Y N 123 
HIS CE1 HE1  sing N N 124 
HIS NE2 HE2  sing N N 125 
HIS OXT HXT  sing N N 126 
HOH O   H1   sing N N 127 
HOH O   H2   sing N N 128 
ILE N   CA   sing N N 129 
ILE N   H    sing N N 130 
ILE N   H2   sing N N 131 
ILE CA  C    sing N N 132 
ILE CA  CB   sing N N 133 
ILE CA  HA   sing N N 134 
ILE C   O    doub N N 135 
ILE C   OXT  sing N N 136 
ILE CB  CG1  sing N N 137 
ILE CB  CG2  sing N N 138 
ILE CB  HB   sing N N 139 
ILE CG1 CD1  sing N N 140 
ILE CG1 HG12 sing N N 141 
ILE CG1 HG13 sing N N 142 
ILE CG2 HG21 sing N N 143 
ILE CG2 HG22 sing N N 144 
ILE CG2 HG23 sing N N 145 
ILE CD1 HD11 sing N N 146 
ILE CD1 HD12 sing N N 147 
ILE CD1 HD13 sing N N 148 
ILE OXT HXT  sing N N 149 
LEU N   CA   sing N N 150 
LEU N   H    sing N N 151 
LEU N   H2   sing N N 152 
LEU CA  C    sing N N 153 
LEU CA  CB   sing N N 154 
LEU CA  HA   sing N N 155 
LEU C   O    doub N N 156 
LEU C   OXT  sing N N 157 
LEU CB  CG   sing N N 158 
LEU CB  HB2  sing N N 159 
LEU CB  HB3  sing N N 160 
LEU CG  CD1  sing N N 161 
LEU CG  CD2  sing N N 162 
LEU CG  HG   sing N N 163 
LEU CD1 HD11 sing N N 164 
LEU CD1 HD12 sing N N 165 
LEU CD1 HD13 sing N N 166 
LEU CD2 HD21 sing N N 167 
LEU CD2 HD22 sing N N 168 
LEU CD2 HD23 sing N N 169 
LEU OXT HXT  sing N N 170 
LYS N   CA   sing N N 171 
LYS N   H    sing N N 172 
LYS N   H2   sing N N 173 
LYS CA  C    sing N N 174 
LYS CA  CB   sing N N 175 
LYS CA  HA   sing N N 176 
LYS C   O    doub N N 177 
LYS C   OXT  sing N N 178 
LYS CB  CG   sing N N 179 
LYS CB  HB2  sing N N 180 
LYS CB  HB3  sing N N 181 
LYS CG  CD   sing N N 182 
LYS CG  HG2  sing N N 183 
LYS CG  HG3  sing N N 184 
LYS CD  CE   sing N N 185 
LYS CD  HD2  sing N N 186 
LYS CD  HD3  sing N N 187 
LYS CE  NZ   sing N N 188 
LYS CE  HE2  sing N N 189 
LYS CE  HE3  sing N N 190 
LYS NZ  HZ1  sing N N 191 
LYS NZ  HZ2  sing N N 192 
LYS NZ  HZ3  sing N N 193 
LYS OXT HXT  sing N N 194 
MET N   CA   sing N N 195 
MET N   H    sing N N 196 
MET N   H2   sing N N 197 
MET CA  C    sing N N 198 
MET CA  CB   sing N N 199 
MET CA  HA   sing N N 200 
MET C   O    doub N N 201 
MET C   OXT  sing N N 202 
MET CB  CG   sing N N 203 
MET CB  HB2  sing N N 204 
MET CB  HB3  sing N N 205 
MET CG  SD   sing N N 206 
MET CG  HG2  sing N N 207 
MET CG  HG3  sing N N 208 
MET SD  CE   sing N N 209 
MET CE  HE1  sing N N 210 
MET CE  HE2  sing N N 211 
MET CE  HE3  sing N N 212 
MET OXT HXT  sing N N 213 
PHE N   CA   sing N N 214 
PHE N   H    sing N N 215 
PHE N   H2   sing N N 216 
PHE CA  C    sing N N 217 
PHE CA  CB   sing N N 218 
PHE CA  HA   sing N N 219 
PHE C   O    doub N N 220 
PHE C   OXT  sing N N 221 
PHE CB  CG   sing N N 222 
PHE CB  HB2  sing N N 223 
PHE CB  HB3  sing N N 224 
PHE CG  CD1  doub Y N 225 
PHE CG  CD2  sing Y N 226 
PHE CD1 CE1  sing Y N 227 
PHE CD1 HD1  sing N N 228 
PHE CD2 CE2  doub Y N 229 
PHE CD2 HD2  sing N N 230 
PHE CE1 CZ   doub Y N 231 
PHE CE1 HE1  sing N N 232 
PHE CE2 CZ   sing Y N 233 
PHE CE2 HE2  sing N N 234 
PHE CZ  HZ   sing N N 235 
PHE OXT HXT  sing N N 236 
PRO N   CA   sing N N 237 
PRO N   CD   sing N N 238 
PRO N   H    sing N N 239 
PRO CA  C    sing N N 240 
PRO CA  CB   sing N N 241 
PRO CA  HA   sing N N 242 
PRO C   O    doub N N 243 
PRO C   OXT  sing N N 244 
PRO CB  CG   sing N N 245 
PRO CB  HB2  sing N N 246 
PRO CB  HB3  sing N N 247 
PRO CG  CD   sing N N 248 
PRO CG  HG2  sing N N 249 
PRO CG  HG3  sing N N 250 
PRO CD  HD2  sing N N 251 
PRO CD  HD3  sing N N 252 
PRO OXT HXT  sing N N 253 
SER N   CA   sing N N 254 
SER N   H    sing N N 255 
SER N   H2   sing N N 256 
SER CA  C    sing N N 257 
SER CA  CB   sing N N 258 
SER CA  HA   sing N N 259 
SER C   O    doub N N 260 
SER C   OXT  sing N N 261 
SER CB  OG   sing N N 262 
SER CB  HB2  sing N N 263 
SER CB  HB3  sing N N 264 
SER OG  HG   sing N N 265 
SER OXT HXT  sing N N 266 
SO4 S   O1   doub N N 267 
SO4 S   O2   doub N N 268 
SO4 S   O3   sing N N 269 
SO4 S   O4   sing N N 270 
THR N   CA   sing N N 271 
THR N   H    sing N N 272 
THR N   H2   sing N N 273 
THR CA  C    sing N N 274 
THR CA  CB   sing N N 275 
THR CA  HA   sing N N 276 
THR C   O    doub N N 277 
THR C   OXT  sing N N 278 
THR CB  OG1  sing N N 279 
THR CB  CG2  sing N N 280 
THR CB  HB   sing N N 281 
THR OG1 HG1  sing N N 282 
THR CG2 HG21 sing N N 283 
THR CG2 HG22 sing N N 284 
THR CG2 HG23 sing N N 285 
THR OXT HXT  sing N N 286 
TRP N   CA   sing N N 287 
TRP N   H    sing N N 288 
TRP N   H2   sing N N 289 
TRP CA  C    sing N N 290 
TRP CA  CB   sing N N 291 
TRP CA  HA   sing N N 292 
TRP C   O    doub N N 293 
TRP C   OXT  sing N N 294 
TRP CB  CG   sing N N 295 
TRP CB  HB2  sing N N 296 
TRP CB  HB3  sing N N 297 
TRP CG  CD1  doub Y N 298 
TRP CG  CD2  sing Y N 299 
TRP CD1 NE1  sing Y N 300 
TRP CD1 HD1  sing N N 301 
TRP CD2 CE2  doub Y N 302 
TRP CD2 CE3  sing Y N 303 
TRP NE1 CE2  sing Y N 304 
TRP NE1 HE1  sing N N 305 
TRP CE2 CZ2  sing Y N 306 
TRP CE3 CZ3  doub Y N 307 
TRP CE3 HE3  sing N N 308 
TRP CZ2 CH2  doub Y N 309 
TRP CZ2 HZ2  sing N N 310 
TRP CZ3 CH2  sing Y N 311 
TRP CZ3 HZ3  sing N N 312 
TRP CH2 HH2  sing N N 313 
TRP OXT HXT  sing N N 314 
TYR N   CA   sing N N 315 
TYR N   H    sing N N 316 
TYR N   H2   sing N N 317 
TYR CA  C    sing N N 318 
TYR CA  CB   sing N N 319 
TYR CA  HA   sing N N 320 
TYR C   O    doub N N 321 
TYR C   OXT  sing N N 322 
TYR CB  CG   sing N N 323 
TYR CB  HB2  sing N N 324 
TYR CB  HB3  sing N N 325 
TYR CG  CD1  doub Y N 326 
TYR CG  CD2  sing Y N 327 
TYR CD1 CE1  sing Y N 328 
TYR CD1 HD1  sing N N 329 
TYR CD2 CE2  doub Y N 330 
TYR CD2 HD2  sing N N 331 
TYR CE1 CZ   doub Y N 332 
TYR CE1 HE1  sing N N 333 
TYR CE2 CZ   sing Y N 334 
TYR CE2 HE2  sing N N 335 
TYR CZ  OH   sing N N 336 
TYR OH  HH   sing N N 337 
TYR OXT HXT  sing N N 338 
VAL N   CA   sing N N 339 
VAL N   H    sing N N 340 
VAL N   H2   sing N N 341 
VAL CA  C    sing N N 342 
VAL CA  CB   sing N N 343 
VAL CA  HA   sing N N 344 
VAL C   O    doub N N 345 
VAL C   OXT  sing N N 346 
VAL CB  CG1  sing N N 347 
VAL CB  CG2  sing N N 348 
VAL CB  HB   sing N N 349 
VAL CG1 HG11 sing N N 350 
VAL CG1 HG12 sing N N 351 
VAL CG1 HG13 sing N N 352 
VAL CG2 HG21 sing N N 353 
VAL CG2 HG22 sing N N 354 
VAL CG2 HG23 sing N N 355 
VAL OXT HXT  sing N N 356 
# 
loop_
_pdbx_entity_nonpoly.entity_id 
_pdbx_entity_nonpoly.name 
_pdbx_entity_nonpoly.comp_id 
2 'ACETATE ION' ACT 
3 'SULFATE ION' SO4 
4 water         HOH 
# 
_pdbx_initial_refinement_model.id               1 
_pdbx_initial_refinement_model.entity_id_list   ? 
_pdbx_initial_refinement_model.type             'experimental model' 
_pdbx_initial_refinement_model.source_name      PDB 
_pdbx_initial_refinement_model.accession_code   1HTA 
_pdbx_initial_refinement_model.details          ? 
# 
